data_5I5A
# 
_entry.id   5I5A 
# 
_audit_conform.dict_name       mmcif_pdbx.dic 
_audit_conform.dict_version    5.399 
_audit_conform.dict_location   http://mmcif.pdb.org/dictionaries/ascii/mmcif_pdbx.dic 
# 
loop_
_database_2.database_id 
_database_2.database_code 
_database_2.pdbx_database_accession 
_database_2.pdbx_DOI 
PDB   5I5A         pdb_00005i5a 10.2210/pdb5i5a/pdb 
WWPDB D_1000218312 ?            ?                   
# 
loop_
_pdbx_audit_revision_history.ordinal 
_pdbx_audit_revision_history.data_content_type 
_pdbx_audit_revision_history.major_revision 
_pdbx_audit_revision_history.minor_revision 
_pdbx_audit_revision_history.revision_date 
1 'Structure model' 1 0 2017-01-25 
2 'Structure model' 1 1 2017-03-08 
3 'Structure model' 1 2 2017-03-29 
4 'Structure model' 1 3 2023-09-27 
5 'Structure model' 1 4 2023-11-15 
6 'Structure model' 1 5 2024-11-20 
# 
_pdbx_audit_revision_details.ordinal             1 
_pdbx_audit_revision_details.revision_ordinal    1 
_pdbx_audit_revision_details.data_content_type   'Structure model' 
_pdbx_audit_revision_details.provider            repository 
_pdbx_audit_revision_details.type                'Initial release' 
_pdbx_audit_revision_details.description         ? 
_pdbx_audit_revision_details.details             ? 
# 
loop_
_pdbx_audit_revision_group.ordinal 
_pdbx_audit_revision_group.revision_ordinal 
_pdbx_audit_revision_group.data_content_type 
_pdbx_audit_revision_group.group 
1 2 'Structure model' 'Database references'    
2 3 'Structure model' 'Database references'    
3 4 'Structure model' 'Data collection'        
4 4 'Structure model' 'Database references'    
5 4 'Structure model' 'Derived calculations'   
6 4 'Structure model' 'Refinement description' 
7 5 'Structure model' 'Data collection'        
8 6 'Structure model' 'Structure summary'      
# 
loop_
_pdbx_audit_revision_category.ordinal 
_pdbx_audit_revision_category.revision_ordinal 
_pdbx_audit_revision_category.data_content_type 
_pdbx_audit_revision_category.category 
1  4 'Structure model' chem_comp_atom                
2  4 'Structure model' chem_comp_bond                
3  4 'Structure model' database_2                    
4  4 'Structure model' pdbx_initial_refinement_model 
5  4 'Structure model' struct_conn                   
6  4 'Structure model' struct_conn_type              
7  5 'Structure model' chem_comp_atom                
8  5 'Structure model' chem_comp_bond                
9  6 'Structure model' pdbx_entry_details            
10 6 'Structure model' pdbx_modification_feature     
# 
loop_
_pdbx_audit_revision_item.ordinal 
_pdbx_audit_revision_item.revision_ordinal 
_pdbx_audit_revision_item.data_content_type 
_pdbx_audit_revision_item.item 
1  4 'Structure model' '_database_2.pdbx_DOI'                 
2  4 'Structure model' '_database_2.pdbx_database_accession'  
3  4 'Structure model' '_struct_conn.conn_type_id'            
4  4 'Structure model' '_struct_conn.id'                      
5  4 'Structure model' '_struct_conn.pdbx_dist_value'         
6  4 'Structure model' '_struct_conn.pdbx_leaving_atom_flag'  
7  4 'Structure model' '_struct_conn.pdbx_ptnr1_label_alt_id' 
8  4 'Structure model' '_struct_conn.pdbx_ptnr2_label_alt_id' 
9  4 'Structure model' '_struct_conn.ptnr1_auth_asym_id'      
10 4 'Structure model' '_struct_conn.ptnr1_auth_comp_id'      
11 4 'Structure model' '_struct_conn.ptnr1_auth_seq_id'       
12 4 'Structure model' '_struct_conn.ptnr1_label_asym_id'     
13 4 'Structure model' '_struct_conn.ptnr1_label_atom_id'     
14 4 'Structure model' '_struct_conn.ptnr1_label_comp_id'     
15 4 'Structure model' '_struct_conn.ptnr1_label_seq_id'      
16 4 'Structure model' '_struct_conn.ptnr2_auth_asym_id'      
17 4 'Structure model' '_struct_conn.ptnr2_auth_comp_id'      
18 4 'Structure model' '_struct_conn.ptnr2_auth_seq_id'       
19 4 'Structure model' '_struct_conn.ptnr2_label_asym_id'     
20 4 'Structure model' '_struct_conn.ptnr2_label_atom_id'     
21 4 'Structure model' '_struct_conn.ptnr2_label_comp_id'     
22 4 'Structure model' '_struct_conn.ptnr2_label_seq_id'      
23 4 'Structure model' '_struct_conn_type.id'                 
24 5 'Structure model' '_chem_comp_atom.atom_id'              
25 5 'Structure model' '_chem_comp_bond.atom_id_2'            
# 
_pdbx_database_status.status_code                     REL 
_pdbx_database_status.status_code_sf                  REL 
_pdbx_database_status.status_code_mr                  ? 
_pdbx_database_status.entry_id                        5I5A 
_pdbx_database_status.recvd_initial_deposition_date   2016-02-14 
_pdbx_database_status.SG_entry                        N 
_pdbx_database_status.deposit_site                    RCSB 
_pdbx_database_status.process_site                    RCSB 
_pdbx_database_status.status_code_cs                  ? 
_pdbx_database_status.methods_development_category    ? 
_pdbx_database_status.pdb_format_compatible           Y 
_pdbx_database_status.status_code_nmr_data            ? 
# 
loop_
_audit_author.name 
_audit_author.pdbx_ordinal 
'Dang, B.'      1 
'Kubota, T.'    2 
'Mandal, K.'    3 
'Shen, R.'      4 
'Bezanilla, F.' 5 
'Roux, B.'      6 
'Kent, S.B.H.'  7 
# 
_citation.abstract                  ? 
_citation.abstract_id_CAS           ? 
_citation.book_id_ISBN              ? 
_citation.book_publisher            ? 
_citation.book_publisher_city       ? 
_citation.book_title                ? 
_citation.coordinate_linkage        ? 
_citation.country                   GE 
_citation.database_id_Medline       ? 
_citation.details                   ? 
_citation.id                        primary 
_citation.journal_abbrev            'Angew. Chem. Int. Ed. Engl.' 
_citation.journal_id_ASTM           ACIEAY 
_citation.journal_id_CSD            0179 
_citation.journal_id_ISSN           1521-3773 
_citation.journal_full              ? 
_citation.journal_issue             ? 
_citation.journal_volume            56 
_citation.language                  ? 
_citation.page_first                3324 
_citation.page_last                 3328 
_citation.title                     
;Inversion of the Side-Chain Stereochemistry of Indvidual Thr or Ile Residues in a Protein Molecule: Impact on the Folding, Stability, and Structure of the ShK Toxin.
;
_citation.year                      2017 
_citation.database_id_CSD           ? 
_citation.pdbx_database_id_DOI      10.1002/anie.201612398 
_citation.pdbx_database_id_PubMed   28194851 
_citation.unpublished_flag          ? 
# 
loop_
_citation_author.citation_id 
_citation_author.name 
_citation_author.ordinal 
_citation_author.identifier_ORCID 
primary 'Dang, B.'      1 ? 
primary 'Shen, R.'      2 ? 
primary 'Kubota, T.'    3 ? 
primary 'Mandal, K.'    4 ? 
primary 'Bezanilla, F.' 5 ? 
primary 'Roux, B.'      6 ? 
primary 'Kent, S.B.'    7 ? 
# 
loop_
_entity.id 
_entity.type 
_entity.src_method 
_entity.pdbx_description 
_entity.formula_weight 
_entity.pdbx_number_of_molecules 
_entity.pdbx_ec 
_entity.pdbx_mutation 
_entity.pdbx_fragment 
_entity.details 
1 polymer     syn Kappa-stichotoxin-She3a 4069.892 1  ? ? ? ? 
2 polymer     syn D-ShK                   4065.864 1  ? ? ? ? 
3 non-polymer syn GLYCEROL                92.094   2  ? ? ? ? 
4 non-polymer syn 'SODIUM ION'            22.990   1  ? ? ? ? 
5 non-polymer syn 'LITHIUM ION'           6.941    1  ? ? ? ? 
6 non-polymer syn D-MALATE                134.087  1  ? ? ? ? 
7 water       nat water                   18.015   82 ? ? ? ? 
# 
_entity_name_com.entity_id   1 
_entity_name_com.name        'Kappa-SHTX-She3a,Potassium channel toxin ShK' 
# 
loop_
_entity_poly.entity_id 
_entity_poly.type 
_entity_poly.nstd_linkage 
_entity_poly.nstd_monomer 
_entity_poly.pdbx_seq_one_letter_code 
_entity_poly.pdbx_seq_one_letter_code_can 
_entity_poly.pdbx_strand_id 
_entity_poly.pdbx_target_identifier 
1 'polypeptide(L)' no no  RSCIDTIPKSRCTAFQCKHSMKYRLSFCRKTCGTC RSCIDTIPKSRCTAFQCKHSMKYRLSFCRKTCGTC A ? 
2 'polypeptide(D)' no yes 
;(DAR)(DSN)(DCY)(DIL)(DAS)(DTH)(DIL)(DPR)(DLY)(DSN)(DAR)(DCY)(DTH)(DAL)(DPN)(DGN)
(DCY)(DLY)(DHI)(DSN)(MED)(DLY)(DTY)(DAR)(DLE)(DSN)(DPN)(DCY)(DAR)(DLY)(DTH)(DCY)
G(DTH)(DCY)
;
RSCIDTIPKSRCTAFQCKHSMKYRLSFCRKTCGTC B ? 
# 
loop_
_pdbx_entity_nonpoly.entity_id 
_pdbx_entity_nonpoly.name 
_pdbx_entity_nonpoly.comp_id 
3 GLYCEROL      GOL 
4 'SODIUM ION'  NA  
5 'LITHIUM ION' LI  
6 D-MALATE      MLT 
7 water         HOH 
# 
loop_
_entity_poly_seq.entity_id 
_entity_poly_seq.num 
_entity_poly_seq.mon_id 
_entity_poly_seq.hetero 
1 1  ARG n 
1 2  SER n 
1 3  CYS n 
1 4  ILE n 
1 5  ASP n 
1 6  THR n 
1 7  ILE n 
1 8  PRO n 
1 9  LYS n 
1 10 SER n 
1 11 ARG n 
1 12 CYS n 
1 13 THR n 
1 14 ALA n 
1 15 PHE n 
1 16 GLN n 
1 17 CYS n 
1 18 LYS n 
1 19 HIS n 
1 20 SER n 
1 21 MET n 
1 22 LYS n 
1 23 TYR n 
1 24 ARG n 
1 25 LEU n 
1 26 SER n 
1 27 PHE n 
1 28 CYS n 
1 29 ARG n 
1 30 LYS n 
1 31 THR n 
1 32 CYS n 
1 33 GLY n 
1 34 THR n 
1 35 CYS n 
2 1  DAR n 
2 2  DSN n 
2 3  DCY n 
2 4  DIL n 
2 5  DAS n 
2 6  DTH n 
2 7  DIL n 
2 8  DPR n 
2 9  DLY n 
2 10 DSN n 
2 11 DAR n 
2 12 DCY n 
2 13 DTH n 
2 14 DAL n 
2 15 DPN n 
2 16 DGN n 
2 17 DCY n 
2 18 DLY n 
2 19 DHI n 
2 20 DSN n 
2 21 MED n 
2 22 DLY n 
2 23 DTY n 
2 24 DAR n 
2 25 DLE n 
2 26 DSN n 
2 27 DPN n 
2 28 DCY n 
2 29 DAR n 
2 30 DLY n 
2 31 DTH n 
2 32 DCY n 
2 33 GLY n 
2 34 DTH n 
2 35 DCY n 
# 
loop_
_pdbx_entity_src_syn.entity_id 
_pdbx_entity_src_syn.pdbx_src_id 
_pdbx_entity_src_syn.pdbx_alt_source_flag 
_pdbx_entity_src_syn.pdbx_beg_seq_num 
_pdbx_entity_src_syn.pdbx_end_seq_num 
_pdbx_entity_src_syn.organism_scientific 
_pdbx_entity_src_syn.organism_common_name 
_pdbx_entity_src_syn.ncbi_taxonomy_id 
_pdbx_entity_src_syn.details 
1 1 sample 1 35 'Stichodactyla helianthus' 'Sun anemone' 6123  ? 
2 1 sample 1 35 'synthetic construct'      ?             32630 ? 
# 
loop_
_chem_comp.id 
_chem_comp.type 
_chem_comp.mon_nstd_flag 
_chem_comp.name 
_chem_comp.pdbx_synonyms 
_chem_comp.formula 
_chem_comp.formula_weight 
ALA 'L-peptide linking' y ALANINE           ?                                                         'C3 H7 N O2'     89.093  
ARG 'L-peptide linking' y ARGININE          ?                                                         'C6 H15 N4 O2 1' 175.209 
ASP 'L-peptide linking' y 'ASPARTIC ACID'   ?                                                         'C4 H7 N O4'     133.103 
CYS 'L-peptide linking' y CYSTEINE          ?                                                         'C3 H7 N O2 S'   121.158 
DAL 'D-peptide linking' . D-ALANINE         ?                                                         'C3 H7 N O2'     89.093  
DAR 'D-peptide linking' . D-ARGININE        ?                                                         'C6 H15 N4 O2 1' 175.209 
DAS 'D-peptide linking' . 'D-ASPARTIC ACID' ?                                                         'C4 H7 N O4'     133.103 
DCY 'D-peptide linking' . D-CYSTEINE        ?                                                         'C3 H7 N O2 S'   121.158 
DGN 'D-peptide linking' . D-GLUTAMINE       ?                                                         'C5 H10 N2 O3'   146.144 
DHI 'D-peptide linking' . D-HISTIDINE       ?                                                         'C6 H10 N3 O2 1' 156.162 
DIL 'D-peptide linking' . D-ISOLEUCINE      ?                                                         'C6 H13 N O2'    131.173 
DLE 'D-peptide linking' . D-LEUCINE         ?                                                         'C6 H13 N O2'    131.173 
DLY 'D-peptide linking' . D-LYSINE          ?                                                         'C6 H14 N2 O2'   146.188 
DPN 'D-peptide linking' . D-PHENYLALANINE   ?                                                         'C9 H11 N O2'    165.189 
DPR 'D-peptide linking' . D-PROLINE         ?                                                         'C5 H9 N O2'     115.130 
DSN 'D-peptide linking' . D-SERINE          ?                                                         'C3 H7 N O3'     105.093 
DTH 'D-peptide linking' . D-THREONINE       ?                                                         'C4 H9 N O3'     119.119 
DTY 'D-peptide linking' . D-TYROSINE        ?                                                         'C9 H11 N O3'    181.189 
GLN 'L-peptide linking' y GLUTAMINE         ?                                                         'C5 H10 N2 O3'   146.144 
GLY 'peptide linking'   y GLYCINE           ?                                                         'C2 H5 N O2'     75.067  
GOL non-polymer         . GLYCEROL          'GLYCERIN; PROPANE-1,2,3-TRIOL'                           'C3 H8 O3'       92.094  
HIS 'L-peptide linking' y HISTIDINE         ?                                                         'C6 H10 N3 O2 1' 156.162 
HOH non-polymer         . WATER             ?                                                         'H2 O'           18.015  
ILE 'L-peptide linking' y ISOLEUCINE        ?                                                         'C6 H13 N O2'    131.173 
LEU 'L-peptide linking' y LEUCINE           ?                                                         'C6 H13 N O2'    131.173 
LI  non-polymer         . 'LITHIUM ION'     ?                                                         'Li 1'           6.941   
LYS 'L-peptide linking' y LYSINE            ?                                                         'C6 H15 N2 O2 1' 147.195 
MED 'D-peptide linking' . D-METHIONINE      ?                                                         'C5 H11 N O2 S'  149.211 
MET 'L-peptide linking' y METHIONINE        ?                                                         'C5 H11 N O2 S'  149.211 
MLT non-polymer         . D-MALATE          '(2R)-2-HYDROXYBUTANEDIOIC ACID; 2-HYDROXY-SUCCINIC ACID' 'C4 H6 O5'       134.087 
NA  non-polymer         . 'SODIUM ION'      ?                                                         'Na 1'           22.990  
PHE 'L-peptide linking' y PHENYLALANINE     ?                                                         'C9 H11 N O2'    165.189 
PRO 'L-peptide linking' y PROLINE           ?                                                         'C5 H9 N O2'     115.130 
SER 'L-peptide linking' y SERINE            ?                                                         'C3 H7 N O3'     105.093 
THR 'L-peptide linking' y THREONINE         ?                                                         'C4 H9 N O3'     119.119 
TYR 'L-peptide linking' y TYROSINE          ?                                                         'C9 H11 N O3'    181.189 
# 
loop_
_pdbx_poly_seq_scheme.asym_id 
_pdbx_poly_seq_scheme.entity_id 
_pdbx_poly_seq_scheme.seq_id 
_pdbx_poly_seq_scheme.mon_id 
_pdbx_poly_seq_scheme.ndb_seq_num 
_pdbx_poly_seq_scheme.pdb_seq_num 
_pdbx_poly_seq_scheme.auth_seq_num 
_pdbx_poly_seq_scheme.pdb_mon_id 
_pdbx_poly_seq_scheme.auth_mon_id 
_pdbx_poly_seq_scheme.pdb_strand_id 
_pdbx_poly_seq_scheme.pdb_ins_code 
_pdbx_poly_seq_scheme.hetero 
A 1 1  ARG 1  1  1  ARG ARG A . n 
A 1 2  SER 2  2  2  SER SER A . n 
A 1 3  CYS 3  3  3  CYS CYS A . n 
A 1 4  ILE 4  4  4  ILE ILE A . n 
A 1 5  ASP 5  5  5  ASP ASP A . n 
A 1 6  THR 6  6  6  THR THR A . n 
A 1 7  ILE 7  7  7  ILE aIL A . n 
A 1 8  PRO 8  8  8  PRO PRO A . n 
A 1 9  LYS 9  9  9  LYS LYS A . n 
A 1 10 SER 10 10 10 SER SER A . n 
A 1 11 ARG 11 11 11 ARG ARG A . n 
A 1 12 CYS 12 12 12 CYS CYS A . n 
A 1 13 THR 13 13 13 THR THR A . n 
A 1 14 ALA 14 14 14 ALA ALA A . n 
A 1 15 PHE 15 15 15 PHE PHE A . n 
A 1 16 GLN 16 16 16 GLN GLN A . n 
A 1 17 CYS 17 17 17 CYS CYS A . n 
A 1 18 LYS 18 18 18 LYS LYS A . n 
A 1 19 HIS 19 19 19 HIS HIS A . n 
A 1 20 SER 20 20 20 SER SER A . n 
A 1 21 MET 21 21 21 MET MET A . n 
A 1 22 LYS 22 22 22 LYS LYS A . n 
A 1 23 TYR 23 23 23 TYR TYR A . n 
A 1 24 ARG 24 24 24 ARG ARG A . n 
A 1 25 LEU 25 25 25 LEU LEU A . n 
A 1 26 SER 26 26 26 SER SER A . n 
A 1 27 PHE 27 27 27 PHE PHE A . n 
A 1 28 CYS 28 28 28 CYS CYS A . n 
A 1 29 ARG 29 29 29 ARG ARG A . n 
A 1 30 LYS 30 30 30 LYS LYS A . n 
A 1 31 THR 31 31 31 THR THR A . n 
A 1 32 CYS 32 32 32 CYS CYS A . n 
A 1 33 GLY 33 33 33 GLY GLY A . n 
A 1 34 THR 34 34 34 THR THR A . n 
A 1 35 CYS 35 35 35 CYS CYS A . n 
B 2 1  DAR 1  1  1  DAR DAR B . n 
B 2 2  DSN 2  2  2  DSN DSN B . n 
B 2 3  DCY 3  3  3  DCY DCY B . n 
B 2 4  DIL 4  4  4  DIL DIL B . n 
B 2 5  DAS 5  5  5  DAS DAS B . n 
B 2 6  DTH 6  6  6  DTH DTH B . n 
B 2 7  DIL 7  7  7  DIL DIL B . n 
B 2 8  DPR 8  8  8  DPR DPR B . n 
B 2 9  DLY 9  9  9  DLY DLY B . n 
B 2 10 DSN 10 10 10 DSN DSN B . n 
B 2 11 DAR 11 11 11 DAR DAR B . n 
B 2 12 DCY 12 12 12 DCY DCY B . n 
B 2 13 DTH 13 13 13 DTH DTH B . n 
B 2 14 DAL 14 14 14 DAL DAL B . n 
B 2 15 DPN 15 15 15 DPN DPN B . n 
B 2 16 DGN 16 16 16 DGN DGN B . n 
B 2 17 DCY 17 17 17 DCY DCY B . n 
B 2 18 DLY 18 18 18 DLY DLY B . n 
B 2 19 DHI 19 19 19 DHI DHI B . n 
B 2 20 DSN 20 20 20 DSN DSN B . n 
B 2 21 MED 21 21 21 MED MED B . n 
B 2 22 DLY 22 22 22 DLY DLY B . n 
B 2 23 DTY 23 23 23 DTY DTY B . n 
B 2 24 DAR 24 24 24 DAR DAR B . n 
B 2 25 DLE 25 25 25 DLE DLE B . n 
B 2 26 DSN 26 26 26 DSN DSN B . n 
B 2 27 DPN 27 27 27 DPN DPN B . n 
B 2 28 DCY 28 28 28 DCY DCY B . n 
B 2 29 DAR 29 29 29 DAR DAR B . n 
B 2 30 DLY 30 30 30 DLY DLY B . n 
B 2 31 DTH 31 31 31 DTH DTH B . n 
B 2 32 DCY 32 32 32 DCY DCY B . n 
B 2 33 GLY 33 33 33 GLY GLY B . n 
B 2 34 DTH 34 34 34 DTH DTH B . n 
B 2 35 DCY 35 35 35 DCY DCY B . n 
# 
loop_
_pdbx_nonpoly_scheme.asym_id 
_pdbx_nonpoly_scheme.entity_id 
_pdbx_nonpoly_scheme.mon_id 
_pdbx_nonpoly_scheme.ndb_seq_num 
_pdbx_nonpoly_scheme.pdb_seq_num 
_pdbx_nonpoly_scheme.auth_seq_num 
_pdbx_nonpoly_scheme.pdb_mon_id 
_pdbx_nonpoly_scheme.auth_mon_id 
_pdbx_nonpoly_scheme.pdb_strand_id 
_pdbx_nonpoly_scheme.pdb_ins_code 
C 3 GOL 1  101 1  GOL GOL A . 
D 3 GOL 1  102 2  GOL GOL A . 
E 4 NA  1  103 1  NA  NA  A . 
F 5 LI  1  104 1  LI  LI  A . 
G 6 MLT 1  101 1  MLT MLT B . 
H 7 HOH 1  201 55 HOH HOH A . 
H 7 HOH 2  202 9  HOH HOH A . 
H 7 HOH 3  203 12 HOH HOH A . 
H 7 HOH 4  204 63 HOH HOH A . 
H 7 HOH 5  205 25 HOH HOH A . 
H 7 HOH 6  206 16 HOH HOH A . 
H 7 HOH 7  207 68 HOH HOH A . 
H 7 HOH 8  208 29 HOH HOH A . 
H 7 HOH 9  209 20 HOH HOH A . 
H 7 HOH 10 210 36 HOH HOH A . 
H 7 HOH 11 211 62 HOH HOH A . 
H 7 HOH 12 212 14 HOH HOH A . 
H 7 HOH 13 213 60 HOH HOH A . 
H 7 HOH 14 214 11 HOH HOH A . 
H 7 HOH 15 215 18 HOH HOH A . 
H 7 HOH 16 216 71 HOH HOH A . 
H 7 HOH 17 217 37 HOH HOH A . 
H 7 HOH 18 218 6  HOH HOH A . 
H 7 HOH 19 219 1  HOH HOH A . 
H 7 HOH 20 220 34 HOH HOH A . 
H 7 HOH 21 221 50 HOH HOH A . 
H 7 HOH 22 222 21 HOH HOH A . 
H 7 HOH 23 223 64 HOH HOH A . 
H 7 HOH 24 224 30 HOH HOH A . 
H 7 HOH 25 225 45 HOH HOH A . 
H 7 HOH 26 226 4  HOH HOH A . 
H 7 HOH 27 227 57 HOH HOH A . 
H 7 HOH 28 228 28 HOH HOH A . 
H 7 HOH 29 229 33 HOH HOH A . 
H 7 HOH 30 230 54 HOH HOH A . 
H 7 HOH 31 231 15 HOH HOH A . 
H 7 HOH 32 232 67 HOH HOH A . 
H 7 HOH 33 233 65 HOH HOH A . 
H 7 HOH 34 234 77 HOH HOH A . 
H 7 HOH 35 235 19 HOH HOH A . 
H 7 HOH 36 236 53 HOH HOH A . 
H 7 HOH 37 237 43 HOH HOH A . 
H 7 HOH 38 238 40 HOH HOH A . 
H 7 HOH 39 239 47 HOH HOH A . 
H 7 HOH 40 240 76 HOH HOH A . 
H 7 HOH 41 241 79 HOH HOH A . 
H 7 HOH 42 242 69 HOH HOH A . 
H 7 HOH 43 243 80 HOH HOH A . 
H 7 HOH 44 244 78 HOH HOH A . 
H 7 HOH 45 245 49 HOH HOH A . 
H 7 HOH 46 246 48 HOH HOH A . 
I 7 HOH 1  201 17 HOH HOH B . 
I 7 HOH 2  202 41 HOH HOH B . 
I 7 HOH 3  203 61 HOH HOH B . 
I 7 HOH 4  204 51 HOH HOH B . 
I 7 HOH 5  205 42 HOH HOH B . 
I 7 HOH 6  206 59 HOH HOH B . 
I 7 HOH 7  207 26 HOH HOH B . 
I 7 HOH 8  208 13 HOH HOH B . 
I 7 HOH 9  209 75 HOH HOH B . 
I 7 HOH 10 210 35 HOH HOH B . 
I 7 HOH 11 211 58 HOH HOH B . 
I 7 HOH 12 212 2  HOH HOH B . 
I 7 HOH 13 213 38 HOH HOH B . 
I 7 HOH 14 214 5  HOH HOH B . 
I 7 HOH 15 215 24 HOH HOH B . 
I 7 HOH 16 216 52 HOH HOH B . 
I 7 HOH 17 217 74 HOH HOH B . 
I 7 HOH 18 218 22 HOH HOH B . 
I 7 HOH 19 219 32 HOH HOH B . 
I 7 HOH 20 220 82 HOH HOH B . 
I 7 HOH 21 221 7  HOH HOH B . 
I 7 HOH 22 222 3  HOH HOH B . 
I 7 HOH 23 223 72 HOH HOH B . 
I 7 HOH 24 224 10 HOH HOH B . 
I 7 HOH 25 225 56 HOH HOH B . 
I 7 HOH 26 226 27 HOH HOH B . 
I 7 HOH 27 227 70 HOH HOH B . 
I 7 HOH 28 228 44 HOH HOH B . 
I 7 HOH 29 229 8  HOH HOH B . 
I 7 HOH 30 230 23 HOH HOH B . 
I 7 HOH 31 231 31 HOH HOH B . 
I 7 HOH 32 232 39 HOH HOH B . 
I 7 HOH 33 233 46 HOH HOH B . 
I 7 HOH 34 234 66 HOH HOH B . 
I 7 HOH 35 235 73 HOH HOH B . 
I 7 HOH 36 236 81 HOH HOH B . 
# 
_pdbx_unobs_or_zero_occ_atoms.id               1 
_pdbx_unobs_or_zero_occ_atoms.PDB_model_num    1 
_pdbx_unobs_or_zero_occ_atoms.polymer_flag     Y 
_pdbx_unobs_or_zero_occ_atoms.occupancy_flag   1 
_pdbx_unobs_or_zero_occ_atoms.auth_asym_id     A 
_pdbx_unobs_or_zero_occ_atoms.auth_comp_id     ILE 
_pdbx_unobs_or_zero_occ_atoms.auth_seq_id      7 
_pdbx_unobs_or_zero_occ_atoms.PDB_ins_code     ? 
_pdbx_unobs_or_zero_occ_atoms.auth_atom_id     CD1 
_pdbx_unobs_or_zero_occ_atoms.label_alt_id     ? 
_pdbx_unobs_or_zero_occ_atoms.label_asym_id    A 
_pdbx_unobs_or_zero_occ_atoms.label_comp_id    ILE 
_pdbx_unobs_or_zero_occ_atoms.label_seq_id     7 
_pdbx_unobs_or_zero_occ_atoms.label_atom_id    CD1 
# 
loop_
_software.citation_id 
_software.classification 
_software.compiler_name 
_software.compiler_version 
_software.contact_author 
_software.contact_author_email 
_software.date 
_software.description 
_software.dependencies 
_software.hardware 
_software.language 
_software.location 
_software.mods 
_software.name 
_software.os 
_software.os_version 
_software.type 
_software.version 
_software.pdbx_ordinal 
? refinement       ? ? ? ? ? ? ? ? ? ? ? REFMAC ? ? ? 5.8.0135 1 
? 'data reduction' ? ? ? ? ? ? ? ? ? ? ? XDS    ? ? ? .        2 
? 'data scaling'   ? ? ? ? ? ? ? ? ? ? ? XDS    ? ? ? .        3 
? phasing          ? ? ? ? ? ? ? ? ? ? ? PHASER ? ? ? .        4 
# 
_cell.entry_id           5I5A 
_cell.length_a           65.849 
_cell.length_b           17.656 
_cell.length_c           49.469 
_cell.angle_alpha        90.00 
_cell.angle_beta         101.61 
_cell.angle_gamma        90.00 
_cell.Z_PDB              4 
_cell.pdbx_unique_axis   ? 
# 
_symmetry.entry_id                         5I5A 
_symmetry.space_group_name_H-M             'C 1 2 1' 
_symmetry.pdbx_full_space_group_name_H-M   ? 
_symmetry.cell_setting                     ? 
_symmetry.Int_Tables_number                5 
# 
_exptl.absorpt_coefficient_mu     ? 
_exptl.absorpt_correction_T_max   ? 
_exptl.absorpt_correction_T_min   ? 
_exptl.absorpt_correction_type    ? 
_exptl.absorpt_process_details    ? 
_exptl.entry_id                   5I5A 
_exptl.crystals_number            1 
_exptl.details                    ? 
_exptl.method                     'X-RAY DIFFRACTION' 
_exptl.method_details             ? 
# 
_exptl_crystal.colour                      ? 
_exptl_crystal.density_diffrn              ? 
_exptl_crystal.density_Matthews            1.73 
_exptl_crystal.density_method              ? 
_exptl_crystal.density_percent_sol         29.07 
_exptl_crystal.description                 ? 
_exptl_crystal.F_000                       ? 
_exptl_crystal.id                          1 
_exptl_crystal.preparation                 ? 
_exptl_crystal.size_max                    ? 
_exptl_crystal.size_mid                    ? 
_exptl_crystal.size_min                    ? 
_exptl_crystal.size_rad                    ? 
_exptl_crystal.colour_lustre               ? 
_exptl_crystal.colour_modifier             ? 
_exptl_crystal.colour_primary              ? 
_exptl_crystal.density_meas                ? 
_exptl_crystal.density_meas_esd            ? 
_exptl_crystal.density_meas_gt             ? 
_exptl_crystal.density_meas_lt             ? 
_exptl_crystal.density_meas_temp           ? 
_exptl_crystal.density_meas_temp_esd       ? 
_exptl_crystal.density_meas_temp_gt        ? 
_exptl_crystal.density_meas_temp_lt        ? 
_exptl_crystal.pdbx_crystal_image_url      ? 
_exptl_crystal.pdbx_crystal_image_format   ? 
_exptl_crystal.pdbx_mosaicity              ? 
_exptl_crystal.pdbx_mosaicity_esd          ? 
# 
_exptl_crystal_grow.apparatus       ? 
_exptl_crystal_grow.atmosphere      ? 
_exptl_crystal_grow.crystal_id      1 
_exptl_crystal_grow.details         ? 
_exptl_crystal_grow.method          'VAPOR DIFFUSION, HANGING DROP' 
_exptl_crystal_grow.method_ref      ? 
_exptl_crystal_grow.pH              7.0 
_exptl_crystal_grow.pressure        ? 
_exptl_crystal_grow.pressure_esd    ? 
_exptl_crystal_grow.seeding         ? 
_exptl_crystal_grow.seeding_ref     ? 
_exptl_crystal_grow.temp            292 
_exptl_crystal_grow.temp_details    ? 
_exptl_crystal_grow.temp_esd        ? 
_exptl_crystal_grow.time            ? 
_exptl_crystal_grow.pdbx_details    
;2.1 M D/L-Malic acid 
NaCl
;
_exptl_crystal_grow.pdbx_pH_range   ? 
# 
_diffrn.ambient_environment    ? 
_diffrn.ambient_temp           100 
_diffrn.ambient_temp_details   ? 
_diffrn.ambient_temp_esd       ? 
_diffrn.crystal_id             1 
_diffrn.crystal_support        ? 
_diffrn.crystal_treatment      ? 
_diffrn.details                ? 
_diffrn.id                     1 
_diffrn.ambient_pressure       ? 
_diffrn.ambient_pressure_esd   ? 
_diffrn.ambient_pressure_gt    ? 
_diffrn.ambient_pressure_lt    ? 
_diffrn.ambient_temp_gt        ? 
_diffrn.ambient_temp_lt        ? 
# 
_diffrn_detector.details                      ? 
_diffrn_detector.detector                     PIXEL 
_diffrn_detector.diffrn_id                    1 
_diffrn_detector.type                         'DECTRIS PILATUS 6M-F' 
_diffrn_detector.area_resol_mean              ? 
_diffrn_detector.dtime                        ? 
_diffrn_detector.pdbx_frames_total            ? 
_diffrn_detector.pdbx_collection_time_total   ? 
_diffrn_detector.pdbx_collection_date         2015-03-25 
# 
_diffrn_radiation.collimation                      ? 
_diffrn_radiation.diffrn_id                        1 
_diffrn_radiation.filter_edge                      ? 
_diffrn_radiation.inhomogeneity                    ? 
_diffrn_radiation.monochromator                    ? 
_diffrn_radiation.polarisn_norm                    ? 
_diffrn_radiation.polarisn_ratio                   ? 
_diffrn_radiation.probe                            ? 
_diffrn_radiation.type                             ? 
_diffrn_radiation.xray_symbol                      ? 
_diffrn_radiation.wavelength_id                    1 
_diffrn_radiation.pdbx_monochromatic_or_laue_m_l   M 
_diffrn_radiation.pdbx_wavelength_list             ? 
_diffrn_radiation.pdbx_wavelength                  ? 
_diffrn_radiation.pdbx_diffrn_protocol             'SINGLE WAVELENGTH' 
_diffrn_radiation.pdbx_analyzer                    ? 
_diffrn_radiation.pdbx_scattering_type             x-ray 
# 
_diffrn_radiation_wavelength.id           1 
_diffrn_radiation_wavelength.wavelength   0.7749 
_diffrn_radiation_wavelength.wt           1.0 
# 
_diffrn_source.current                     ? 
_diffrn_source.details                     ? 
_diffrn_source.diffrn_id                   1 
_diffrn_source.power                       ? 
_diffrn_source.size                        ? 
_diffrn_source.source                      SYNCHROTRON 
_diffrn_source.target                      ? 
_diffrn_source.type                        'APS BEAMLINE 24-ID-C' 
_diffrn_source.voltage                     ? 
_diffrn_source.take-off_angle              ? 
_diffrn_source.pdbx_wavelength_list        0.7749 
_diffrn_source.pdbx_wavelength             ? 
_diffrn_source.pdbx_synchrotron_beamline   24-ID-C 
_diffrn_source.pdbx_synchrotron_site       APS 
# 
_reflns.B_iso_Wilson_estimate            ? 
_reflns.entry_id                         5I5A 
_reflns.data_reduction_details           ? 
_reflns.data_reduction_method            ? 
_reflns.d_resolution_high                1.2 
_reflns.d_resolution_low                 48.5 
_reflns.details                          ? 
_reflns.limit_h_max                      ? 
_reflns.limit_h_min                      ? 
_reflns.limit_k_max                      ? 
_reflns.limit_k_min                      ? 
_reflns.limit_l_max                      ? 
_reflns.limit_l_min                      ? 
_reflns.number_all                       ? 
_reflns.number_obs                       16200 
_reflns.observed_criterion               ? 
_reflns.observed_criterion_F_max         ? 
_reflns.observed_criterion_F_min         ? 
_reflns.observed_criterion_I_max         ? 
_reflns.observed_criterion_I_min         ? 
_reflns.observed_criterion_sigma_F       ? 
_reflns.observed_criterion_sigma_I       ? 
_reflns.percent_possible_obs             91 
_reflns.R_free_details                   ? 
_reflns.Rmerge_F_all                     ? 
_reflns.Rmerge_F_obs                     ? 
_reflns.Friedel_coverage                 ? 
_reflns.number_gt                        ? 
_reflns.threshold_expression             ? 
_reflns.pdbx_redundancy                  4.2 
_reflns.pdbx_Rmerge_I_obs                0.062 
_reflns.pdbx_Rmerge_I_all                ? 
_reflns.pdbx_Rsym_value                  ? 
_reflns.pdbx_netI_over_av_sigmaI         ? 
_reflns.pdbx_netI_over_sigmaI            7.3 
_reflns.pdbx_res_netI_over_av_sigmaI_2   ? 
_reflns.pdbx_res_netI_over_sigmaI_2      ? 
_reflns.pdbx_chi_squared                 ? 
_reflns.pdbx_scaling_rejects             ? 
_reflns.pdbx_d_res_high_opt              ? 
_reflns.pdbx_d_res_low_opt               ? 
_reflns.pdbx_d_res_opt_method            ? 
_reflns.phase_calculation_details        ? 
_reflns.pdbx_Rrim_I_all                  ? 
_reflns.pdbx_Rpim_I_all                  ? 
_reflns.pdbx_d_opt                       ? 
_reflns.pdbx_number_measured_all         ? 
_reflns.pdbx_diffrn_id                   1 
_reflns.pdbx_ordinal                     1 
_reflns.pdbx_CC_half                     ? 
_reflns.pdbx_R_split                     ? 
# 
_reflns_shell.d_res_high                  1.2 
_reflns_shell.d_res_low                   1.23 
_reflns_shell.meanI_over_sigI_all         ? 
_reflns_shell.meanI_over_sigI_obs         3 
_reflns_shell.number_measured_all         ? 
_reflns_shell.number_measured_obs         ? 
_reflns_shell.number_possible             ? 
_reflns_shell.number_unique_all           ? 
_reflns_shell.number_unique_obs           ? 
_reflns_shell.percent_possible_all        89.9 
_reflns_shell.percent_possible_obs        ? 
_reflns_shell.Rmerge_F_all                ? 
_reflns_shell.Rmerge_F_obs                ? 
_reflns_shell.Rmerge_I_all                ? 
_reflns_shell.Rmerge_I_obs                0.36 
_reflns_shell.meanI_over_sigI_gt          ? 
_reflns_shell.meanI_over_uI_all           ? 
_reflns_shell.meanI_over_uI_gt            ? 
_reflns_shell.number_measured_gt          ? 
_reflns_shell.number_unique_gt            ? 
_reflns_shell.percent_possible_gt         ? 
_reflns_shell.Rmerge_F_gt                 ? 
_reflns_shell.Rmerge_I_gt                 ? 
_reflns_shell.pdbx_redundancy             4.2 
_reflns_shell.pdbx_Rsym_value             ? 
_reflns_shell.pdbx_chi_squared            ? 
_reflns_shell.pdbx_netI_over_sigmaI_all   ? 
_reflns_shell.pdbx_netI_over_sigmaI_obs   ? 
_reflns_shell.pdbx_Rrim_I_all             ? 
_reflns_shell.pdbx_Rpim_I_all             ? 
_reflns_shell.pdbx_rejects                ? 
_reflns_shell.pdbx_ordinal                1 
_reflns_shell.pdbx_diffrn_id              1 
_reflns_shell.pdbx_CC_half                0.954 
_reflns_shell.pdbx_R_split                ? 
# 
_refine.pdbx_refine_id                           'X-RAY DIFFRACTION' 
_refine.entry_id                                 5I5A 
_refine.pdbx_diffrn_id                           1 
_refine.pdbx_TLS_residual_ADP_flag               ? 
_refine.ls_number_reflns_obs                     15373 
_refine.ls_number_reflns_all                     ? 
_refine.pdbx_ls_sigma_I                          ? 
_refine.pdbx_ls_sigma_F                          ? 
_refine.pdbx_data_cutoff_high_absF               ? 
_refine.pdbx_data_cutoff_low_absF                ? 
_refine.pdbx_data_cutoff_high_rms_absF           ? 
_refine.ls_d_res_low                             48.46 
_refine.ls_d_res_high                            1.20 
_refine.ls_percent_reflns_obs                    90.17 
_refine.ls_R_factor_obs                          0.15595 
_refine.ls_R_factor_all                          ? 
_refine.ls_R_factor_R_work                       0.15389 
_refine.ls_R_factor_R_free                       0.19533 
_refine.ls_R_factor_R_free_error                 ? 
_refine.ls_R_factor_R_free_error_details         ? 
_refine.ls_percent_reflns_R_free                 5.1 
_refine.ls_number_reflns_R_free                  827 
_refine.ls_number_parameters                     ? 
_refine.ls_number_restraints                     ? 
_refine.occupancy_min                            ? 
_refine.occupancy_max                            ? 
_refine.correlation_coeff_Fo_to_Fc               0.981 
_refine.correlation_coeff_Fo_to_Fc_free          0.971 
_refine.B_iso_mean                               14.637 
_refine.aniso_B[1][1]                            -0.57 
_refine.aniso_B[2][2]                            1.05 
_refine.aniso_B[3][3]                            -0.38 
_refine.aniso_B[1][2]                            0.00 
_refine.aniso_B[1][3]                            -0.17 
_refine.aniso_B[2][3]                            0.00 
_refine.solvent_model_details                    MASK 
_refine.solvent_model_param_ksol                 ? 
_refine.solvent_model_param_bsol                 ? 
_refine.pdbx_solvent_vdw_probe_radii             1.20 
_refine.pdbx_solvent_ion_probe_radii             0.80 
_refine.pdbx_solvent_shrinkage_radii             0.80 
_refine.pdbx_ls_cross_valid_method               THROUGHOUT 
_refine.details                                  'HYDROGENS HAVE BEEN ADDED IN THE RIDING POSITIONS' 
_refine.pdbx_starting_model                      4LFS 
_refine.pdbx_method_to_determine_struct          'MOLECULAR REPLACEMENT' 
_refine.pdbx_isotropic_thermal_model             ? 
_refine.pdbx_stereochemistry_target_values       'MAXIMUM LIKELIHOOD' 
_refine.pdbx_stereochem_target_val_spec_case     ? 
_refine.pdbx_R_Free_selection_details            RANDOM 
_refine.pdbx_overall_ESU_R                       0.054 
_refine.pdbx_overall_ESU_R_Free                  0.053 
_refine.overall_SU_ML                            0.030 
_refine.pdbx_overall_phase_error                 ? 
_refine.overall_SU_B                             1.449 
_refine.overall_SU_R_Cruickshank_DPI             ? 
_refine.pdbx_overall_SU_R_free_Cruickshank_DPI   ? 
_refine.pdbx_overall_SU_R_Blow_DPI               ? 
_refine.pdbx_overall_SU_R_free_Blow_DPI          ? 
# 
_refine_hist.pdbx_refine_id                   'X-RAY DIFFRACTION' 
_refine_hist.cycle_id                         1 
_refine_hist.pdbx_number_atoms_protein        555 
_refine_hist.pdbx_number_atoms_nucleic_acid   0 
_refine_hist.pdbx_number_atoms_ligand         23 
_refine_hist.number_atoms_solvent             82 
_refine_hist.number_atoms_total               660 
_refine_hist.d_res_high                       1.20 
_refine_hist.d_res_low                        48.46 
# 
loop_
_refine_ls_restr.type 
_refine_ls_restr.dev_ideal 
_refine_ls_restr.dev_ideal_target 
_refine_ls_restr.weight 
_refine_ls_restr.number 
_refine_ls_restr.pdbx_refine_id 
_refine_ls_restr.pdbx_restraint_function 
r_bond_refined_d             0.013  0.019  ? 634  'X-RAY DIFFRACTION' ? 
r_bond_other_d               0.002  0.020  ? 623  'X-RAY DIFFRACTION' ? 
r_angle_refined_deg          2.231  2.002  ? 844  'X-RAY DIFFRACTION' ? 
r_angle_other_deg            1.805  3.000  ? 1451 'X-RAY DIFFRACTION' ? 
r_dihedral_angle_1_deg       19.230 5.361  ? 83   'X-RAY DIFFRACTION' ? 
r_dihedral_angle_2_deg       25.528 17.619 ? 21   'X-RAY DIFFRACTION' ? 
r_dihedral_angle_3_deg       13.080 15.000 ? 133  'X-RAY DIFFRACTION' ? 
r_dihedral_angle_4_deg       11.480 15.000 ? 9    'X-RAY DIFFRACTION' ? 
r_chiral_restr               0.991  0.200  ? 92   'X-RAY DIFFRACTION' ? 
r_gen_planes_refined         0.012  0.020  ? 683  'X-RAY DIFFRACTION' ? 
r_gen_planes_other           0.002  0.020  ? 150  'X-RAY DIFFRACTION' ? 
r_nbd_refined                ?      ?      ? ?    'X-RAY DIFFRACTION' ? 
r_nbd_other                  ?      ?      ? ?    'X-RAY DIFFRACTION' ? 
r_nbtor_refined              ?      ?      ? ?    'X-RAY DIFFRACTION' ? 
r_nbtor_other                ?      ?      ? ?    'X-RAY DIFFRACTION' ? 
r_xyhbond_nbd_refined        ?      ?      ? ?    'X-RAY DIFFRACTION' ? 
r_xyhbond_nbd_other          ?      ?      ? ?    'X-RAY DIFFRACTION' ? 
r_metal_ion_refined          ?      ?      ? ?    'X-RAY DIFFRACTION' ? 
r_metal_ion_other            ?      ?      ? ?    'X-RAY DIFFRACTION' ? 
r_symmetry_vdw_refined       ?      ?      ? ?    'X-RAY DIFFRACTION' ? 
r_symmetry_vdw_other         ?      ?      ? ?    'X-RAY DIFFRACTION' ? 
r_symmetry_hbond_refined     ?      ?      ? ?    'X-RAY DIFFRACTION' ? 
r_symmetry_hbond_other       ?      ?      ? ?    'X-RAY DIFFRACTION' ? 
r_symmetry_metal_ion_refined ?      ?      ? ?    'X-RAY DIFFRACTION' ? 
r_symmetry_metal_ion_other   ?      ?      ? ?    'X-RAY DIFFRACTION' ? 
r_mcbond_it                  1.387  1.154  ? 296  'X-RAY DIFFRACTION' ? 
r_mcbond_other               1.387  1.151  ? 295  'X-RAY DIFFRACTION' ? 
r_mcangle_it                 1.719  1.733  ? 372  'X-RAY DIFFRACTION' ? 
r_mcangle_other              1.717  1.735  ? 373  'X-RAY DIFFRACTION' ? 
r_scbond_it                  1.838  1.471  ? 338  'X-RAY DIFFRACTION' ? 
r_scbond_other               1.830  1.471  ? 338  'X-RAY DIFFRACTION' ? 
r_scangle_it                 ?      ?      ? ?    'X-RAY DIFFRACTION' ? 
r_scangle_other              2.076  2.097  ? 470  'X-RAY DIFFRACTION' ? 
r_long_range_B_refined       3.679  11.103 ? 777  'X-RAY DIFFRACTION' ? 
r_long_range_B_other         3.682  11.126 ? 778  'X-RAY DIFFRACTION' ? 
r_rigid_bond_restr           1.745  3.000  ? 1257 'X-RAY DIFFRACTION' ? 
r_sphericity_free            23.573 5.000  ? 19   'X-RAY DIFFRACTION' ? 
r_sphericity_bonded          8.102  5.000  ? 1311 'X-RAY DIFFRACTION' ? 
# 
_refine_ls_shell.pdbx_refine_id                   'X-RAY DIFFRACTION' 
_refine_ls_shell.pdbx_total_number_of_bins_used   20 
_refine_ls_shell.d_res_high                       1.200 
_refine_ls_shell.d_res_low                        1.231 
_refine_ls_shell.number_reflns_R_work             1089 
_refine_ls_shell.R_factor_R_work                  0.219 
_refine_ls_shell.percent_reflns_obs               87.27 
_refine_ls_shell.R_factor_R_free                  0.257 
_refine_ls_shell.R_factor_R_free_error            ? 
_refine_ls_shell.percent_reflns_R_free            ? 
_refine_ls_shell.number_reflns_R_free             56 
_refine_ls_shell.number_reflns_all                ? 
_refine_ls_shell.R_factor_all                     ? 
# 
_struct.entry_id                     5I5A 
_struct.title                        'quasi racemic structure of allo-Ile7-ShK and D-ShK' 
_struct.pdbx_model_details           ? 
_struct.pdbx_formula_weight          ? 
_struct.pdbx_formula_weight_method   ? 
_struct.pdbx_model_type_details      ? 
_struct.pdbx_CASP_flag               N 
# 
_struct_keywords.entry_id        5I5A 
_struct_keywords.text            'allo-Ile7-ShK, D-ShK, quasi racemic structure, TOXIN' 
_struct_keywords.pdbx_keywords   TOXIN 
# 
loop_
_struct_asym.id 
_struct_asym.pdbx_blank_PDB_chainid_flag 
_struct_asym.pdbx_modified 
_struct_asym.entity_id 
_struct_asym.details 
A N N 1 ? 
B N N 2 ? 
C N N 3 ? 
D N N 3 ? 
E N N 4 ? 
F N N 5 ? 
G N N 6 ? 
H N N 7 ? 
I N N 7 ? 
# 
loop_
_struct_ref.id 
_struct_ref.db_name 
_struct_ref.db_code 
_struct_ref.pdbx_db_accession 
_struct_ref.pdbx_db_isoform 
_struct_ref.entity_id 
_struct_ref.pdbx_seq_one_letter_code 
_struct_ref.pdbx_align_begin 
1 UNP K1A_STIHL P29187 ? 1 RSCIDTIPKSRCTAFQCKHSMKYRLSFCRKTCGTC 1 
2 PDB 5I5A      5I5A   ? 2 ?                                   1 
# 
loop_
_struct_ref_seq.align_id 
_struct_ref_seq.ref_id 
_struct_ref_seq.pdbx_PDB_id_code 
_struct_ref_seq.pdbx_strand_id 
_struct_ref_seq.seq_align_beg 
_struct_ref_seq.pdbx_seq_align_beg_ins_code 
_struct_ref_seq.seq_align_end 
_struct_ref_seq.pdbx_seq_align_end_ins_code 
_struct_ref_seq.pdbx_db_accession 
_struct_ref_seq.db_align_beg 
_struct_ref_seq.pdbx_db_align_beg_ins_code 
_struct_ref_seq.db_align_end 
_struct_ref_seq.pdbx_db_align_end_ins_code 
_struct_ref_seq.pdbx_auth_seq_align_beg 
_struct_ref_seq.pdbx_auth_seq_align_end 
1 1 5I5A A 1 ? 35 ? P29187 1 ? 35 ? 1 35 
2 2 5I5A B 1 ? 35 ? 5I5A   1 ? 35 ? 1 35 
# 
loop_
_pdbx_struct_assembly.id 
_pdbx_struct_assembly.details 
_pdbx_struct_assembly.method_details 
_pdbx_struct_assembly.oligomeric_details 
_pdbx_struct_assembly.oligomeric_count 
1 author_defined_assembly   ?    monomeric  1 
2 author_defined_assembly   ?    monomeric  1 
3 software_defined_assembly PISA tetrameric 4 
# 
loop_
_pdbx_struct_assembly_prop.biol_id 
_pdbx_struct_assembly_prop.type 
_pdbx_struct_assembly_prop.value 
_pdbx_struct_assembly_prop.details 
3 'ABSA (A^2)' 4230 ? 
3 MORE         -49  ? 
3 'SSA (A^2)'  8390 ? 
# 
loop_
_pdbx_struct_assembly_gen.assembly_id 
_pdbx_struct_assembly_gen.oper_expression 
_pdbx_struct_assembly_gen.asym_id_list 
1 1   A,C,D,E,F,H 
2 1   B,G,I       
3 1,2 A,C,D,E,F,H 
3 3,4 B,G,I       
# 
loop_
_pdbx_struct_oper_list.id 
_pdbx_struct_oper_list.type 
_pdbx_struct_oper_list.name 
_pdbx_struct_oper_list.symmetry_operation 
_pdbx_struct_oper_list.matrix[1][1] 
_pdbx_struct_oper_list.matrix[1][2] 
_pdbx_struct_oper_list.matrix[1][3] 
_pdbx_struct_oper_list.vector[1] 
_pdbx_struct_oper_list.matrix[2][1] 
_pdbx_struct_oper_list.matrix[2][2] 
_pdbx_struct_oper_list.matrix[2][3] 
_pdbx_struct_oper_list.vector[2] 
_pdbx_struct_oper_list.matrix[3][1] 
_pdbx_struct_oper_list.matrix[3][2] 
_pdbx_struct_oper_list.matrix[3][3] 
_pdbx_struct_oper_list.vector[3] 
1 'identity operation'         1_555 x,y,z           1.0000000000 0.0000000000 0.0000000000  0.0000000000  0.0000000000 1.0000000000  0.0000000000  0.0000000000   0.0000000000  0.0000000000  1.0000000000  0.0000000000  
2 'crystal symmetry operation' 2_555 -x,y,-z         0.6840569255 0.6417908911 -0.3466562776 6.7592822298  0.6417908911 -0.7554147121 -0.1321100480 1.4462674991   -0.3466562776 -0.1321100480 -0.9286422134 35.5141913015 
3 'crystal symmetry operation' 3_445 x-1/2,y-1/2,z   1.0000000000 0.0000000000 0.0000000000  5.1615256996  0.0000000000 1.0000000000  0.0000000000  24.3051543654  0.0000000000  0.0000000000  1.0000000000  23.3361181000 
4 'crystal symmetry operation' 4_545 -x+1/2,y-1/2,-z 0.6840569255 0.6417908911 -0.3466562776 17.7992744755 0.6417908911 -0.7554147121 -0.1321100480 -16.6845191940 -0.3466562776 -0.1321100480 -0.9286422134 8.8430565421 
# 
loop_
_struct_conf.conf_type_id 
_struct_conf.id 
_struct_conf.pdbx_PDB_helix_id 
_struct_conf.beg_label_comp_id 
_struct_conf.beg_label_asym_id 
_struct_conf.beg_label_seq_id 
_struct_conf.pdbx_beg_PDB_ins_code 
_struct_conf.end_label_comp_id 
_struct_conf.end_label_asym_id 
_struct_conf.end_label_seq_id 
_struct_conf.pdbx_end_PDB_ins_code 
_struct_conf.beg_auth_comp_id 
_struct_conf.beg_auth_asym_id 
_struct_conf.beg_auth_seq_id 
_struct_conf.end_auth_comp_id 
_struct_conf.end_auth_asym_id 
_struct_conf.end_auth_seq_id 
_struct_conf.pdbx_PDB_helix_class 
_struct_conf.details 
_struct_conf.pdbx_PDB_helix_length 
HELX_P HELX_P1 AA1 PRO A 8  ? CYS A 12 ? PRO A 8  CYS A 12 5 ? 5 
HELX_P HELX_P2 AA2 THR A 13 ? SER A 20 ? THR A 13 SER A 20 1 ? 8 
HELX_P HELX_P3 AA3 SER A 20 ? SER A 26 ? SER A 20 SER A 26 1 ? 7 
HELX_P HELX_P4 AA4 DPR B 8  ? DCY B 12 ? DPR B 8  DCY B 12 5 ? 5 
HELX_P HELX_P5 AA5 DTH B 13 ? DSN B 20 ? DTH B 13 DSN B 20 1 ? 8 
HELX_P HELX_P6 AA6 DSN B 20 ? DSN B 26 ? DSN B 20 DSN B 26 1 ? 7 
# 
_struct_conf_type.id          HELX_P 
_struct_conf_type.criteria    ? 
_struct_conf_type.reference   ? 
# 
loop_
_struct_conn.id 
_struct_conn.conn_type_id 
_struct_conn.pdbx_leaving_atom_flag 
_struct_conn.pdbx_PDB_id 
_struct_conn.ptnr1_label_asym_id 
_struct_conn.ptnr1_label_comp_id 
_struct_conn.ptnr1_label_seq_id 
_struct_conn.ptnr1_label_atom_id 
_struct_conn.pdbx_ptnr1_label_alt_id 
_struct_conn.pdbx_ptnr1_PDB_ins_code 
_struct_conn.pdbx_ptnr1_standard_comp_id 
_struct_conn.ptnr1_symmetry 
_struct_conn.ptnr2_label_asym_id 
_struct_conn.ptnr2_label_comp_id 
_struct_conn.ptnr2_label_seq_id 
_struct_conn.ptnr2_label_atom_id 
_struct_conn.pdbx_ptnr2_label_alt_id 
_struct_conn.pdbx_ptnr2_PDB_ins_code 
_struct_conn.ptnr1_auth_asym_id 
_struct_conn.ptnr1_auth_comp_id 
_struct_conn.ptnr1_auth_seq_id 
_struct_conn.ptnr2_auth_asym_id 
_struct_conn.ptnr2_auth_comp_id 
_struct_conn.ptnr2_auth_seq_id 
_struct_conn.ptnr2_symmetry 
_struct_conn.pdbx_ptnr3_label_atom_id 
_struct_conn.pdbx_ptnr3_label_seq_id 
_struct_conn.pdbx_ptnr3_label_comp_id 
_struct_conn.pdbx_ptnr3_label_asym_id 
_struct_conn.pdbx_ptnr3_label_alt_id 
_struct_conn.pdbx_ptnr3_PDB_ins_code 
_struct_conn.details 
_struct_conn.pdbx_dist_value 
_struct_conn.pdbx_value_order 
_struct_conn.pdbx_role 
disulf1  disulf ?    ? A CYS 3  SG ? ? ? 1_555 A CYS 35 SG ? ? A CYS 3   A CYS 35  1_555 ? ? ? ? ? ? ? 2.030 ? ? 
disulf2  disulf ?    ? A CYS 12 SG ? ? ? 1_555 A CYS 28 SG ? ? A CYS 12  A CYS 28  1_555 ? ? ? ? ? ? ? 2.039 ? ? 
disulf3  disulf ?    ? A CYS 17 SG ? ? ? 1_555 A CYS 32 SG ? ? A CYS 17  A CYS 32  1_555 ? ? ? ? ? ? ? 2.003 ? ? 
disulf4  disulf ?    ? B DCY 3  SG ? ? ? 1_555 B DCY 35 SG ? ? B DCY 3   B DCY 35  1_555 ? ? ? ? ? ? ? 2.175 ? ? 
disulf5  disulf ?    ? B DCY 12 SG ? ? ? 1_555 B DCY 28 SG ? ? B DCY 12  B DCY 28  1_555 ? ? ? ? ? ? ? 2.068 ? ? 
disulf6  disulf ?    ? B DCY 17 SG ? ? ? 1_555 B DCY 32 SG ? ? B DCY 17  B DCY 32  1_555 ? ? ? ? ? ? ? 2.099 ? ? 
covale1  covale both ? B DAR 1  C  ? ? ? 1_555 B DSN 2  N  ? ? B DAR 1   B DSN 2   1_555 ? ? ? ? ? ? ? 1.316 ? ? 
covale2  covale both ? B DSN 2  C  ? ? ? 1_555 B DCY 3  N  ? ? B DSN 2   B DCY 3   1_555 ? ? ? ? ? ? ? 1.324 ? ? 
covale3  covale both ? B DCY 3  C  ? ? ? 1_555 B DIL 4  N  ? ? B DCY 3   B DIL 4   1_555 ? ? ? ? ? ? ? 1.243 ? ? 
covale4  covale both ? B DIL 4  C  ? ? ? 1_555 B DAS 5  N  ? ? B DIL 4   B DAS 5   1_555 ? ? ? ? ? ? ? 1.383 ? ? 
covale5  covale both ? B DAS 5  C  ? ? ? 1_555 B DTH 6  N  ? ? B DAS 5   B DTH 6   1_555 ? ? ? ? ? ? ? 1.334 ? ? 
covale6  covale both ? B DTH 6  C  ? ? ? 1_555 B DIL 7  N  ? ? B DTH 6   B DIL 7   1_555 ? ? ? ? ? ? ? 1.328 ? ? 
covale7  covale both ? B DIL 7  C  ? ? ? 1_555 B DPR 8  N  ? ? B DIL 7   B DPR 8   1_555 ? ? ? ? ? ? ? 1.339 ? ? 
covale8  covale both ? B DPR 8  C  ? ? ? 1_555 B DLY 9  N  ? ? B DPR 8   B DLY 9   1_555 ? ? ? ? ? ? ? 1.314 ? ? 
covale9  covale both ? B DLY 9  C  ? ? ? 1_555 B DSN 10 N  A ? B DLY 9   B DSN 10  1_555 ? ? ? ? ? ? ? 1.329 ? ? 
covale10 covale both ? B DLY 9  C  ? ? ? 1_555 B DSN 10 N  B ? B DLY 9   B DSN 10  1_555 ? ? ? ? ? ? ? 1.330 ? ? 
covale11 covale both ? B DSN 10 C  A ? ? 1_555 B DAR 11 N  ? ? B DSN 10  B DAR 11  1_555 ? ? ? ? ? ? ? 1.333 ? ? 
covale12 covale both ? B DSN 10 C  B ? ? 1_555 B DAR 11 N  ? ? B DSN 10  B DAR 11  1_555 ? ? ? ? ? ? ? 1.331 ? ? 
covale13 covale both ? B DAR 11 C  ? ? ? 1_555 B DCY 12 N  ? ? B DAR 11  B DCY 12  1_555 ? ? ? ? ? ? ? 1.323 ? ? 
covale14 covale both ? B DCY 12 C  ? ? ? 1_555 B DTH 13 N  ? ? B DCY 12  B DTH 13  1_555 ? ? ? ? ? ? ? 1.324 ? ? 
covale15 covale both ? B DTH 13 C  ? ? ? 1_555 B DAL 14 N  ? ? B DTH 13  B DAL 14  1_555 ? ? ? ? ? ? ? 1.328 ? ? 
covale16 covale both ? B DAL 14 C  ? ? ? 1_555 B DPN 15 N  ? ? B DAL 14  B DPN 15  1_555 ? ? ? ? ? ? ? 1.337 ? ? 
covale17 covale both ? B DPN 15 C  ? ? ? 1_555 B DGN 16 N  ? ? B DPN 15  B DGN 16  1_555 ? ? ? ? ? ? ? 1.328 ? ? 
covale18 covale both ? B DGN 16 C  ? ? ? 1_555 B DCY 17 N  ? ? B DGN 16  B DCY 17  1_555 ? ? ? ? ? ? ? 1.330 ? ? 
covale19 covale both ? B DCY 17 C  ? ? ? 1_555 B DLY 18 N  ? ? B DCY 17  B DLY 18  1_555 ? ? ? ? ? ? ? 1.326 ? ? 
covale20 covale both ? B DLY 18 C  ? ? ? 1_555 B DHI 19 N  ? ? B DLY 18  B DHI 19  1_555 ? ? ? ? ? ? ? 1.329 ? ? 
covale21 covale both ? B DHI 19 C  ? ? ? 1_555 B DSN 20 N  ? ? B DHI 19  B DSN 20  1_555 ? ? ? ? ? ? ? 1.340 ? ? 
covale22 covale both ? B DSN 20 C  ? ? ? 1_555 B MED 21 N  ? ? B DSN 20  B MED 21  1_555 ? ? ? ? ? ? ? 1.321 ? ? 
covale23 covale both ? B MED 21 C  ? ? ? 1_555 B DLY 22 N  ? ? B MED 21  B DLY 22  1_555 ? ? ? ? ? ? ? 1.339 ? ? 
covale24 covale both ? B DLY 22 C  ? ? ? 1_555 B DTY 23 N  ? ? B DLY 22  B DTY 23  1_555 ? ? ? ? ? ? ? 1.337 ? ? 
covale25 covale both ? B DTY 23 C  ? ? ? 1_555 B DAR 24 N  ? ? B DTY 23  B DAR 24  1_555 ? ? ? ? ? ? ? 1.332 ? ? 
covale26 covale both ? B DAR 24 C  ? ? ? 1_555 B DLE 25 N  ? ? B DAR 24  B DLE 25  1_555 ? ? ? ? ? ? ? 1.334 ? ? 
covale27 covale both ? B DLE 25 C  ? ? ? 1_555 B DSN 26 N  ? ? B DLE 25  B DSN 26  1_555 ? ? ? ? ? ? ? 1.335 ? ? 
covale28 covale both ? B DSN 26 C  ? ? ? 1_555 B DPN 27 N  ? ? B DSN 26  B DPN 27  1_555 ? ? ? ? ? ? ? 1.327 ? ? 
covale29 covale both ? B DPN 27 C  ? ? ? 1_555 B DCY 28 N  ? ? B DPN 27  B DCY 28  1_555 ? ? ? ? ? ? ? 1.337 ? ? 
covale30 covale both ? B DCY 28 C  ? ? ? 1_555 B DAR 29 N  ? ? B DCY 28  B DAR 29  1_555 ? ? ? ? ? ? ? 1.319 ? ? 
covale31 covale both ? B DAR 29 C  ? ? ? 1_555 B DLY 30 N  ? ? B DAR 29  B DLY 30  1_555 ? ? ? ? ? ? ? 1.334 ? ? 
covale32 covale both ? B DLY 30 C  ? ? ? 1_555 B DTH 31 N  ? ? B DLY 30  B DTH 31  1_555 ? ? ? ? ? ? ? 1.327 ? ? 
covale33 covale both ? B DTH 31 C  ? ? ? 1_555 B DCY 32 N  ? ? B DTH 31  B DCY 32  1_555 ? ? ? ? ? ? ? 1.340 ? ? 
covale34 covale both ? B DCY 32 C  ? ? ? 1_555 B GLY 33 N  ? ? B DCY 32  B GLY 33  1_555 ? ? ? ? ? ? ? 1.325 ? ? 
covale35 covale both ? B GLY 33 C  ? ? ? 1_555 B DTH 34 N  ? ? B GLY 33  B DTH 34  1_555 ? ? ? ? ? ? ? 1.340 ? ? 
covale36 covale both ? B DTH 34 C  ? ? ? 1_555 B DCY 35 N  ? ? B DTH 34  B DCY 35  1_555 ? ? ? ? ? ? ? 1.331 ? ? 
metalc1  metalc ?    ? A ASP 5  O  ? ? ? 1_555 E NA  .  NA ? ? A ASP 5   A NA  103 1_555 ? ? ? ? ? ? ? 2.632 ? ? 
metalc2  metalc ?    ? E NA  .  NA ? ? ? 1_555 H HOH .  O  A ? A NA  103 A HOH 214 1_555 ? ? ? ? ? ? ? 2.470 ? ? 
metalc3  metalc ?    ? E NA  .  NA ? ? ? 1_555 H HOH .  O  B ? A NA  103 A HOH 214 1_555 ? ? ? ? ? ? ? 3.091 ? ? 
# 
loop_
_struct_conn_type.id 
_struct_conn_type.criteria 
_struct_conn_type.reference 
disulf ? ? 
covale ? ? 
metalc ? ? 
# 
loop_
_pdbx_struct_conn_angle.id 
_pdbx_struct_conn_angle.ptnr1_label_atom_id 
_pdbx_struct_conn_angle.ptnr1_label_alt_id 
_pdbx_struct_conn_angle.ptnr1_label_asym_id 
_pdbx_struct_conn_angle.ptnr1_label_comp_id 
_pdbx_struct_conn_angle.ptnr1_label_seq_id 
_pdbx_struct_conn_angle.ptnr1_auth_atom_id 
_pdbx_struct_conn_angle.ptnr1_auth_asym_id 
_pdbx_struct_conn_angle.ptnr1_auth_comp_id 
_pdbx_struct_conn_angle.ptnr1_auth_seq_id 
_pdbx_struct_conn_angle.ptnr1_PDB_ins_code 
_pdbx_struct_conn_angle.ptnr1_symmetry 
_pdbx_struct_conn_angle.ptnr2_label_atom_id 
_pdbx_struct_conn_angle.ptnr2_label_alt_id 
_pdbx_struct_conn_angle.ptnr2_label_asym_id 
_pdbx_struct_conn_angle.ptnr2_label_comp_id 
_pdbx_struct_conn_angle.ptnr2_label_seq_id 
_pdbx_struct_conn_angle.ptnr2_auth_atom_id 
_pdbx_struct_conn_angle.ptnr2_auth_asym_id 
_pdbx_struct_conn_angle.ptnr2_auth_comp_id 
_pdbx_struct_conn_angle.ptnr2_auth_seq_id 
_pdbx_struct_conn_angle.ptnr2_PDB_ins_code 
_pdbx_struct_conn_angle.ptnr2_symmetry 
_pdbx_struct_conn_angle.ptnr3_label_atom_id 
_pdbx_struct_conn_angle.ptnr3_label_alt_id 
_pdbx_struct_conn_angle.ptnr3_label_asym_id 
_pdbx_struct_conn_angle.ptnr3_label_comp_id 
_pdbx_struct_conn_angle.ptnr3_label_seq_id 
_pdbx_struct_conn_angle.ptnr3_auth_atom_id 
_pdbx_struct_conn_angle.ptnr3_auth_asym_id 
_pdbx_struct_conn_angle.ptnr3_auth_comp_id 
_pdbx_struct_conn_angle.ptnr3_auth_seq_id 
_pdbx_struct_conn_angle.ptnr3_PDB_ins_code 
_pdbx_struct_conn_angle.ptnr3_symmetry 
_pdbx_struct_conn_angle.value 
_pdbx_struct_conn_angle.value_esd 
1 O ? A ASP 5 ? A ASP 5   ? 1_555 NA ? E NA . ? A NA 103 ? 1_555 O A H HOH . ? A HOH 214 ? 1_555 94.2  ? 
2 O ? A ASP 5 ? A ASP 5   ? 1_555 NA ? E NA . ? A NA 103 ? 1_555 O B H HOH . ? A HOH 214 ? 1_555 113.1 ? 
3 O A H HOH . ? A HOH 214 ? 1_555 NA ? E NA . ? A NA 103 ? 1_555 O B H HOH . ? A HOH 214 ? 1_555 19.2  ? 
# 
loop_
_pdbx_modification_feature.ordinal 
_pdbx_modification_feature.label_comp_id 
_pdbx_modification_feature.label_asym_id 
_pdbx_modification_feature.label_seq_id 
_pdbx_modification_feature.label_alt_id 
_pdbx_modification_feature.modified_residue_label_comp_id 
_pdbx_modification_feature.modified_residue_label_asym_id 
_pdbx_modification_feature.modified_residue_label_seq_id 
_pdbx_modification_feature.modified_residue_label_alt_id 
_pdbx_modification_feature.auth_comp_id 
_pdbx_modification_feature.auth_asym_id 
_pdbx_modification_feature.auth_seq_id 
_pdbx_modification_feature.PDB_ins_code 
_pdbx_modification_feature.symmetry 
_pdbx_modification_feature.modified_residue_auth_comp_id 
_pdbx_modification_feature.modified_residue_auth_asym_id 
_pdbx_modification_feature.modified_residue_auth_seq_id 
_pdbx_modification_feature.modified_residue_PDB_ins_code 
_pdbx_modification_feature.modified_residue_symmetry 
_pdbx_modification_feature.comp_id_linking_atom 
_pdbx_modification_feature.modified_residue_id_linking_atom 
_pdbx_modification_feature.modified_residue_id 
_pdbx_modification_feature.ref_pcm_id 
_pdbx_modification_feature.ref_comp_id 
_pdbx_modification_feature.type 
_pdbx_modification_feature.category 
1 CYS A 3  ? CYS A 35 ? CYS A 3  ? 1_555 CYS A 35 ? 1_555 SG SG . . . None 'Disulfide bridge' 
2 CYS A 12 ? CYS A 28 ? CYS A 12 ? 1_555 CYS A 28 ? 1_555 SG SG . . . None 'Disulfide bridge' 
3 CYS A 17 ? CYS A 32 ? CYS A 17 ? 1_555 CYS A 32 ? 1_555 SG SG . . . None 'Disulfide bridge' 
4 DCY B 3  ? DCY B 35 ? DCY B 3  ? 1_555 DCY B 35 ? 1_555 SG SG . . . None 'Disulfide bridge' 
5 DCY B 12 ? DCY B 28 ? DCY B 12 ? 1_555 DCY B 28 ? 1_555 SG SG . . . None 'Disulfide bridge' 
6 DCY B 17 ? DCY B 32 ? DCY B 17 ? 1_555 DCY B 32 ? 1_555 SG SG . . . None 'Disulfide bridge' 
# 
loop_
_struct_site.id 
_struct_site.pdbx_evidence_code 
_struct_site.pdbx_auth_asym_id 
_struct_site.pdbx_auth_comp_id 
_struct_site.pdbx_auth_seq_id 
_struct_site.pdbx_auth_ins_code 
_struct_site.pdbx_num_residues 
_struct_site.details 
AC1 Software A GOL 101 ? 7 'binding site for residue GOL A 101' 
AC2 Software A GOL 102 ? 9 'binding site for residue GOL A 102' 
AC3 Software A NA  103 ? 5 'binding site for residue NA A 103'  
AC4 Software A LI  104 ? 4 'binding site for residue LI A 104'  
AC5 Software B MLT 101 ? 9 'binding site for residue MLT B 101' 
# 
loop_
_struct_site_gen.id 
_struct_site_gen.site_id 
_struct_site_gen.pdbx_num_res 
_struct_site_gen.label_comp_id 
_struct_site_gen.label_asym_id 
_struct_site_gen.label_seq_id 
_struct_site_gen.pdbx_auth_ins_code 
_struct_site_gen.auth_comp_id 
_struct_site_gen.auth_asym_id 
_struct_site_gen.auth_seq_id 
_struct_site_gen.label_atom_id 
_struct_site_gen.label_alt_id 
_struct_site_gen.symmetry 
_struct_site_gen.details 
1  AC1 7 SER A 20 ? SER A 20  . ? 1_555 ? 
2  AC1 7 MET A 21 ? MET A 21  . ? 1_555 ? 
3  AC1 7 LYS A 22 ? LYS A 22  . ? 1_555 ? 
4  AC1 7 HOH H .  ? HOH A 213 . ? 1_555 ? 
5  AC1 7 DAR B 1  ? DAR B 1   . ? 4_546 ? 
6  AC1 7 DSN B 2  ? DSN B 2   . ? 4_546 ? 
7  AC1 7 HOH I .  ? HOH B 220 . ? 1_555 ? 
8  AC2 9 ARG A 1  ? ARG A 1   . ? 4_555 ? 
9  AC2 9 ARG A 1  ? ARG A 1   . ? 1_555 ? 
10 AC2 9 SER A 2  ? SER A 2   . ? 1_555 ? 
11 AC2 9 LEU A 25 ? LEU A 25  . ? 4_555 ? 
12 AC2 9 ARG A 29 ? ARG A 29  . ? 4_555 ? 
13 AC2 9 HOH H .  ? HOH A 207 . ? 1_555 ? 
14 AC2 9 HOH H .  ? HOH A 223 . ? 1_555 ? 
15 AC2 9 DSN B 20 ? DSN B 20  . ? 4_545 ? 
16 AC2 9 MED B 21 ? MED B 21  . ? 4_545 ? 
17 AC3 5 ASP A 5  ? ASP A 5   . ? 1_555 ? 
18 AC3 5 PRO A 8  ? PRO A 8   . ? 2_555 ? 
19 AC3 5 LYS A 9  ? LYS A 9   . ? 2_555 ? 
20 AC3 5 SER A 10 ? SER A 10  . ? 2_555 ? 
21 AC3 5 HOH H .  ? HOH A 214 . ? 1_555 ? 
22 AC4 4 ARG A 24 ? ARG A 24  . ? 1_555 ? 
23 AC4 4 LEU A 25 ? LEU A 25  . ? 1_555 ? 
24 AC4 4 GLY B 33 ? GLY B 33  . ? 1_555 ? 
25 AC4 4 HOH I .  ? HOH B 214 . ? 1_555 ? 
26 AC5 9 ARG A 11 ? ARG A 11  . ? 3_555 ? 
27 AC5 9 THR A 13 ? THR A 13  . ? 3_555 ? 
28 AC5 9 GLN A 16 ? GLN A 16  . ? 3_555 ? 
29 AC5 9 TYR A 23 ? TYR A 23  . ? 3_555 ? 
30 AC5 9 DAR B 11 ? DAR B 11  . ? 1_555 ? 
31 AC5 9 DTH B 13 ? DTH B 13  . ? 1_555 ? 
32 AC5 9 DGN B 16 ? DGN B 16  . ? 1_555 ? 
33 AC5 9 DTY B 23 ? DTY B 23  . ? 1_555 ? 
34 AC5 9 HOH I .  ? HOH B 204 . ? 1_555 ? 
# 
_pdbx_entry_details.entry_id                   5I5A 
_pdbx_entry_details.compound_details           ? 
_pdbx_entry_details.source_details             ? 
_pdbx_entry_details.nonpolymer_details         ? 
_pdbx_entry_details.sequence_details           ? 
_pdbx_entry_details.has_ligand_of_interest     ? 
_pdbx_entry_details.has_protein_modification   Y 
# 
_pdbx_validate_close_contact.id               1 
_pdbx_validate_close_contact.PDB_model_num    1 
_pdbx_validate_close_contact.auth_atom_id_1   NH2 
_pdbx_validate_close_contact.auth_asym_id_1   A 
_pdbx_validate_close_contact.auth_comp_id_1   ARG 
_pdbx_validate_close_contact.auth_seq_id_1    29 
_pdbx_validate_close_contact.PDB_ins_code_1   ? 
_pdbx_validate_close_contact.label_alt_id_1   B 
_pdbx_validate_close_contact.auth_atom_id_2   O 
_pdbx_validate_close_contact.auth_asym_id_2   A 
_pdbx_validate_close_contact.auth_comp_id_2   HOH 
_pdbx_validate_close_contact.auth_seq_id_2    201 
_pdbx_validate_close_contact.PDB_ins_code_2   ? 
_pdbx_validate_close_contact.label_alt_id_2   ? 
_pdbx_validate_close_contact.dist             2.16 
# 
loop_
_pdbx_validate_torsion.id 
_pdbx_validate_torsion.PDB_model_num 
_pdbx_validate_torsion.auth_comp_id 
_pdbx_validate_torsion.auth_asym_id 
_pdbx_validate_torsion.auth_seq_id 
_pdbx_validate_torsion.PDB_ins_code 
_pdbx_validate_torsion.label_alt_id 
_pdbx_validate_torsion.phi 
_pdbx_validate_torsion.psi 
1 1 SER A 26 ? ? -122.76 -55.82 
2 1 DSN B 26 ? ? 124.58  54.21  
# 
loop_
_chem_comp_atom.comp_id 
_chem_comp_atom.atom_id 
_chem_comp_atom.type_symbol 
_chem_comp_atom.pdbx_aromatic_flag 
_chem_comp_atom.pdbx_stereo_config 
_chem_comp_atom.pdbx_ordinal 
ALA N    N  N N 1   
ALA CA   C  N S 2   
ALA C    C  N N 3   
ALA O    O  N N 4   
ALA CB   C  N N 5   
ALA OXT  O  N N 6   
ALA H    H  N N 7   
ALA H2   H  N N 8   
ALA HA   H  N N 9   
ALA HB1  H  N N 10  
ALA HB2  H  N N 11  
ALA HB3  H  N N 12  
ALA HXT  H  N N 13  
ARG N    N  N N 14  
ARG CA   C  N S 15  
ARG C    C  N N 16  
ARG O    O  N N 17  
ARG CB   C  N N 18  
ARG CG   C  N N 19  
ARG CD   C  N N 20  
ARG NE   N  N N 21  
ARG CZ   C  N N 22  
ARG NH1  N  N N 23  
ARG NH2  N  N N 24  
ARG OXT  O  N N 25  
ARG H    H  N N 26  
ARG H2   H  N N 27  
ARG HA   H  N N 28  
ARG HB2  H  N N 29  
ARG HB3  H  N N 30  
ARG HG2  H  N N 31  
ARG HG3  H  N N 32  
ARG HD2  H  N N 33  
ARG HD3  H  N N 34  
ARG HE   H  N N 35  
ARG HH11 H  N N 36  
ARG HH12 H  N N 37  
ARG HH21 H  N N 38  
ARG HH22 H  N N 39  
ARG HXT  H  N N 40  
ASP N    N  N N 41  
ASP CA   C  N S 42  
ASP C    C  N N 43  
ASP O    O  N N 44  
ASP CB   C  N N 45  
ASP CG   C  N N 46  
ASP OD1  O  N N 47  
ASP OD2  O  N N 48  
ASP OXT  O  N N 49  
ASP H    H  N N 50  
ASP H2   H  N N 51  
ASP HA   H  N N 52  
ASP HB2  H  N N 53  
ASP HB3  H  N N 54  
ASP HD2  H  N N 55  
ASP HXT  H  N N 56  
CYS N    N  N N 57  
CYS CA   C  N R 58  
CYS C    C  N N 59  
CYS O    O  N N 60  
CYS CB   C  N N 61  
CYS SG   S  N N 62  
CYS OXT  O  N N 63  
CYS H    H  N N 64  
CYS H2   H  N N 65  
CYS HA   H  N N 66  
CYS HB2  H  N N 67  
CYS HB3  H  N N 68  
CYS HG   H  N N 69  
CYS HXT  H  N N 70  
DAL N    N  N N 71  
DAL CA   C  N R 72  
DAL CB   C  N N 73  
DAL C    C  N N 74  
DAL O    O  N N 75  
DAL OXT  O  N N 76  
DAL H    H  N N 77  
DAL H2   H  N N 78  
DAL HA   H  N N 79  
DAL HB1  H  N N 80  
DAL HB2  H  N N 81  
DAL HB3  H  N N 82  
DAL HXT  H  N N 83  
DAR N    N  N N 84  
DAR CA   C  N R 85  
DAR CB   C  N N 86  
DAR CG   C  N N 87  
DAR CD   C  N N 88  
DAR NE   N  N N 89  
DAR CZ   C  N N 90  
DAR NH1  N  N N 91  
DAR NH2  N  N N 92  
DAR C    C  N N 93  
DAR O    O  N N 94  
DAR OXT  O  N N 95  
DAR H    H  N N 96  
DAR H2   H  N N 97  
DAR HA   H  N N 98  
DAR HB2  H  N N 99  
DAR HB3  H  N N 100 
DAR HG2  H  N N 101 
DAR HG3  H  N N 102 
DAR HD2  H  N N 103 
DAR HD3  H  N N 104 
DAR HE   H  N N 105 
DAR HH11 H  N N 106 
DAR HH12 H  N N 107 
DAR HH21 H  N N 108 
DAR HH22 H  N N 109 
DAR HXT  H  N N 110 
DAS N    N  N N 111 
DAS CA   C  N R 112 
DAS C    C  N N 113 
DAS O    O  N N 114 
DAS CB   C  N N 115 
DAS CG   C  N N 116 
DAS OD1  O  N N 117 
DAS OD2  O  N N 118 
DAS OXT  O  N N 119 
DAS H    H  N N 120 
DAS H2   H  N N 121 
DAS HA   H  N N 122 
DAS HB2  H  N N 123 
DAS HB3  H  N N 124 
DAS HD2  H  N N 125 
DAS HXT  H  N N 126 
DCY N    N  N N 127 
DCY CA   C  N S 128 
DCY C    C  N N 129 
DCY O    O  N N 130 
DCY CB   C  N N 131 
DCY SG   S  N N 132 
DCY OXT  O  N N 133 
DCY H    H  N N 134 
DCY H2   H  N N 135 
DCY HA   H  N N 136 
DCY HB2  H  N N 137 
DCY HB3  H  N N 138 
DCY HG   H  N N 139 
DCY HXT  H  N N 140 
DGN N    N  N N 141 
DGN CA   C  N R 142 
DGN C    C  N N 143 
DGN O    O  N N 144 
DGN OXT  O  N N 145 
DGN CB   C  N N 146 
DGN CG   C  N N 147 
DGN CD   C  N N 148 
DGN OE1  O  N N 149 
DGN NE2  N  N N 150 
DGN H    H  N N 151 
DGN H2   H  N N 152 
DGN HA   H  N N 153 
DGN HXT  H  N N 154 
DGN HB2  H  N N 155 
DGN HB3  H  N N 156 
DGN HG2  H  N N 157 
DGN HG3  H  N N 158 
DGN HE21 H  N N 159 
DGN HE22 H  N N 160 
DHI N    N  N N 161 
DHI CA   C  N R 162 
DHI C    C  N N 163 
DHI O    O  N N 164 
DHI CB   C  N N 165 
DHI CG   C  Y N 166 
DHI ND1  N  Y N 167 
DHI CD2  C  Y N 168 
DHI CE1  C  Y N 169 
DHI NE2  N  Y N 170 
DHI OXT  O  N N 171 
DHI H    H  N N 172 
DHI H2   H  N N 173 
DHI HA   H  N N 174 
DHI HB2  H  N N 175 
DHI HB3  H  N N 176 
DHI HD1  H  N N 177 
DHI HD2  H  N N 178 
DHI HE1  H  N N 179 
DHI HE2  H  N N 180 
DHI HXT  H  N N 181 
DIL N    N  N N 182 
DIL CA   C  N R 183 
DIL C    C  N N 184 
DIL O    O  N N 185 
DIL CB   C  N R 186 
DIL CG1  C  N N 187 
DIL CG2  C  N N 188 
DIL CD1  C  N N 189 
DIL OXT  O  N N 190 
DIL H    H  N N 191 
DIL H2   H  N N 192 
DIL HA   H  N N 193 
DIL HB   H  N N 194 
DIL HG12 H  N N 195 
DIL HG13 H  N N 196 
DIL HG21 H  N N 197 
DIL HG22 H  N N 198 
DIL HG23 H  N N 199 
DIL HD11 H  N N 200 
DIL HD12 H  N N 201 
DIL HD13 H  N N 202 
DIL HXT  H  N N 203 
DLE N    N  N N 204 
DLE CA   C  N R 205 
DLE CB   C  N N 206 
DLE CG   C  N N 207 
DLE CD1  C  N N 208 
DLE CD2  C  N N 209 
DLE C    C  N N 210 
DLE O    O  N N 211 
DLE OXT  O  N N 212 
DLE H    H  N N 213 
DLE H2   H  N N 214 
DLE HA   H  N N 215 
DLE HB2  H  N N 216 
DLE HB3  H  N N 217 
DLE HG   H  N N 218 
DLE HD11 H  N N 219 
DLE HD12 H  N N 220 
DLE HD13 H  N N 221 
DLE HD21 H  N N 222 
DLE HD22 H  N N 223 
DLE HD23 H  N N 224 
DLE HXT  H  N N 225 
DLY N    N  N N 226 
DLY CA   C  N R 227 
DLY C    C  N N 228 
DLY O    O  N N 229 
DLY CB   C  N N 230 
DLY CG   C  N N 231 
DLY CD   C  N N 232 
DLY CE   C  N N 233 
DLY NZ   N  N N 234 
DLY OXT  O  N N 235 
DLY H    H  N N 236 
DLY H2   H  N N 237 
DLY HA   H  N N 238 
DLY HB2  H  N N 239 
DLY HB3  H  N N 240 
DLY HG2  H  N N 241 
DLY HG3  H  N N 242 
DLY HD2  H  N N 243 
DLY HD3  H  N N 244 
DLY HE2  H  N N 245 
DLY HE3  H  N N 246 
DLY HZ1  H  N N 247 
DLY HZ2  H  N N 248 
DLY HXT  H  N N 249 
DPN N    N  N N 250 
DPN CA   C  N R 251 
DPN C    C  N N 252 
DPN O    O  N N 253 
DPN OXT  O  N N 254 
DPN CB   C  N N 255 
DPN CG   C  Y N 256 
DPN CD1  C  Y N 257 
DPN CD2  C  Y N 258 
DPN CE1  C  Y N 259 
DPN CE2  C  Y N 260 
DPN CZ   C  Y N 261 
DPN H    H  N N 262 
DPN H2   H  N N 263 
DPN HA   H  N N 264 
DPN HXT  H  N N 265 
DPN HB2  H  N N 266 
DPN HB3  H  N N 267 
DPN HD1  H  N N 268 
DPN HD2  H  N N 269 
DPN HE1  H  N N 270 
DPN HE2  H  N N 271 
DPN HZ   H  N N 272 
DPR N    N  N N 273 
DPR CA   C  N R 274 
DPR CB   C  N N 275 
DPR CG   C  N N 276 
DPR CD   C  N N 277 
DPR C    C  N N 278 
DPR O    O  N N 279 
DPR OXT  O  N N 280 
DPR H    H  N N 281 
DPR HA   H  N N 282 
DPR HB2  H  N N 283 
DPR HB3  H  N N 284 
DPR HG2  H  N N 285 
DPR HG3  H  N N 286 
DPR HD2  H  N N 287 
DPR HD3  H  N N 288 
DPR HXT  H  N N 289 
DSN N    N  N N 290 
DSN CA   C  N R 291 
DSN C    C  N N 292 
DSN O    O  N N 293 
DSN OXT  O  N N 294 
DSN CB   C  N N 295 
DSN OG   O  N N 296 
DSN H    H  N N 297 
DSN H2   H  N N 298 
DSN HA   H  N N 299 
DSN HXT  H  N N 300 
DSN HB2  H  N N 301 
DSN HB3  H  N N 302 
DSN HG   H  N N 303 
DTH N    N  N N 304 
DTH CA   C  N R 305 
DTH CB   C  N S 306 
DTH CG2  C  N N 307 
DTH OG1  O  N N 308 
DTH C    C  N N 309 
DTH O    O  N N 310 
DTH OXT  O  N N 311 
DTH H    H  N N 312 
DTH H2   H  N N 313 
DTH HA   H  N N 314 
DTH HB   H  N N 315 
DTH HG21 H  N N 316 
DTH HG22 H  N N 317 
DTH HG23 H  N N 318 
DTH HG1  H  N N 319 
DTH HXT  H  N N 320 
DTY N    N  N N 321 
DTY CA   C  N R 322 
DTY C    C  N N 323 
DTY O    O  N N 324 
DTY CB   C  N N 325 
DTY CG   C  Y N 326 
DTY CD1  C  Y N 327 
DTY CD2  C  Y N 328 
DTY CE1  C  Y N 329 
DTY CE2  C  Y N 330 
DTY CZ   C  Y N 331 
DTY OH   O  N N 332 
DTY OXT  O  N N 333 
DTY H    H  N N 334 
DTY H2   H  N N 335 
DTY HA   H  N N 336 
DTY HB2  H  N N 337 
DTY HB3  H  N N 338 
DTY HD1  H  N N 339 
DTY HD2  H  N N 340 
DTY HE1  H  N N 341 
DTY HE2  H  N N 342 
DTY HH   H  N N 343 
DTY HXT  H  N N 344 
GLN N    N  N N 345 
GLN CA   C  N S 346 
GLN C    C  N N 347 
GLN O    O  N N 348 
GLN CB   C  N N 349 
GLN CG   C  N N 350 
GLN CD   C  N N 351 
GLN OE1  O  N N 352 
GLN NE2  N  N N 353 
GLN OXT  O  N N 354 
GLN H    H  N N 355 
GLN H2   H  N N 356 
GLN HA   H  N N 357 
GLN HB2  H  N N 358 
GLN HB3  H  N N 359 
GLN HG2  H  N N 360 
GLN HG3  H  N N 361 
GLN HE21 H  N N 362 
GLN HE22 H  N N 363 
GLN HXT  H  N N 364 
GLY N    N  N N 365 
GLY CA   C  N N 366 
GLY C    C  N N 367 
GLY O    O  N N 368 
GLY OXT  O  N N 369 
GLY H    H  N N 370 
GLY H2   H  N N 371 
GLY HA2  H  N N 372 
GLY HA3  H  N N 373 
GLY HXT  H  N N 374 
GOL C1   C  N N 375 
GOL O1   O  N N 376 
GOL C2   C  N N 377 
GOL O2   O  N N 378 
GOL C3   C  N N 379 
GOL O3   O  N N 380 
GOL H11  H  N N 381 
GOL H12  H  N N 382 
GOL HO1  H  N N 383 
GOL H2   H  N N 384 
GOL HO2  H  N N 385 
GOL H31  H  N N 386 
GOL H32  H  N N 387 
GOL HO3  H  N N 388 
HIS N    N  N N 389 
HIS CA   C  N S 390 
HIS C    C  N N 391 
HIS O    O  N N 392 
HIS CB   C  N N 393 
HIS CG   C  Y N 394 
HIS ND1  N  Y N 395 
HIS CD2  C  Y N 396 
HIS CE1  C  Y N 397 
HIS NE2  N  Y N 398 
HIS OXT  O  N N 399 
HIS H    H  N N 400 
HIS H2   H  N N 401 
HIS HA   H  N N 402 
HIS HB2  H  N N 403 
HIS HB3  H  N N 404 
HIS HD1  H  N N 405 
HIS HD2  H  N N 406 
HIS HE1  H  N N 407 
HIS HE2  H  N N 408 
HIS HXT  H  N N 409 
HOH O    O  N N 410 
HOH H1   H  N N 411 
HOH H2   H  N N 412 
ILE N    N  N N 413 
ILE CA   C  N S 414 
ILE C    C  N N 415 
ILE O    O  N N 416 
ILE CB   C  N S 417 
ILE CG1  C  N N 418 
ILE CG2  C  N N 419 
ILE CD1  C  N N 420 
ILE OXT  O  N N 421 
ILE H    H  N N 422 
ILE H2   H  N N 423 
ILE HA   H  N N 424 
ILE HB   H  N N 425 
ILE HG12 H  N N 426 
ILE HG13 H  N N 427 
ILE HG21 H  N N 428 
ILE HG22 H  N N 429 
ILE HG23 H  N N 430 
ILE HD11 H  N N 431 
ILE HD12 H  N N 432 
ILE HD13 H  N N 433 
ILE HXT  H  N N 434 
LEU N    N  N N 435 
LEU CA   C  N S 436 
LEU C    C  N N 437 
LEU O    O  N N 438 
LEU CB   C  N N 439 
LEU CG   C  N N 440 
LEU CD1  C  N N 441 
LEU CD2  C  N N 442 
LEU OXT  O  N N 443 
LEU H    H  N N 444 
LEU H2   H  N N 445 
LEU HA   H  N N 446 
LEU HB2  H  N N 447 
LEU HB3  H  N N 448 
LEU HG   H  N N 449 
LEU HD11 H  N N 450 
LEU HD12 H  N N 451 
LEU HD13 H  N N 452 
LEU HD21 H  N N 453 
LEU HD22 H  N N 454 
LEU HD23 H  N N 455 
LEU HXT  H  N N 456 
LI  LI   LI N N 457 
LYS N    N  N N 458 
LYS CA   C  N S 459 
LYS C    C  N N 460 
LYS O    O  N N 461 
LYS CB   C  N N 462 
LYS CG   C  N N 463 
LYS CD   C  N N 464 
LYS CE   C  N N 465 
LYS NZ   N  N N 466 
LYS OXT  O  N N 467 
LYS H    H  N N 468 
LYS H2   H  N N 469 
LYS HA   H  N N 470 
LYS HB2  H  N N 471 
LYS HB3  H  N N 472 
LYS HG2  H  N N 473 
LYS HG3  H  N N 474 
LYS HD2  H  N N 475 
LYS HD3  H  N N 476 
LYS HE2  H  N N 477 
LYS HE3  H  N N 478 
LYS HZ1  H  N N 479 
LYS HZ2  H  N N 480 
LYS HZ3  H  N N 481 
LYS HXT  H  N N 482 
MED N    N  N N 483 
MED CA   C  N R 484 
MED C    C  N N 485 
MED O    O  N N 486 
MED CB   C  N N 487 
MED CG   C  N N 488 
MED SD   S  N N 489 
MED CE   C  N N 490 
MED OXT  O  N N 491 
MED H    H  N N 492 
MED H2   H  N N 493 
MED HA   H  N N 494 
MED HB2  H  N N 495 
MED HB3  H  N N 496 
MED HG2  H  N N 497 
MED HG3  H  N N 498 
MED HE1  H  N N 499 
MED HE2  H  N N 500 
MED HE3  H  N N 501 
MED HXT  H  N N 502 
MET N    N  N N 503 
MET CA   C  N S 504 
MET C    C  N N 505 
MET O    O  N N 506 
MET CB   C  N N 507 
MET CG   C  N N 508 
MET SD   S  N N 509 
MET CE   C  N N 510 
MET OXT  O  N N 511 
MET H    H  N N 512 
MET H2   H  N N 513 
MET HA   H  N N 514 
MET HB2  H  N N 515 
MET HB3  H  N N 516 
MET HG2  H  N N 517 
MET HG3  H  N N 518 
MET HE1  H  N N 519 
MET HE2  H  N N 520 
MET HE3  H  N N 521 
MET HXT  H  N N 522 
MLT C1   C  N N 523 
MLT O1   O  N N 524 
MLT O2   O  N N 525 
MLT C2   C  N R 526 
MLT O3   O  N N 527 
MLT C3   C  N N 528 
MLT C4   C  N N 529 
MLT O4   O  N N 530 
MLT O5   O  N N 531 
MLT H2   H  N N 532 
MLT HO3  H  N N 533 
MLT H31  H  N N 534 
MLT H32  H  N N 535 
MLT HO5  H  N N 536 
MLT H6   H  N N 537 
NA  NA   NA N N 538 
PHE N    N  N N 539 
PHE CA   C  N S 540 
PHE C    C  N N 541 
PHE O    O  N N 542 
PHE CB   C  N N 543 
PHE CG   C  Y N 544 
PHE CD1  C  Y N 545 
PHE CD2  C  Y N 546 
PHE CE1  C  Y N 547 
PHE CE2  C  Y N 548 
PHE CZ   C  Y N 549 
PHE OXT  O  N N 550 
PHE H    H  N N 551 
PHE H2   H  N N 552 
PHE HA   H  N N 553 
PHE HB2  H  N N 554 
PHE HB3  H  N N 555 
PHE HD1  H  N N 556 
PHE HD2  H  N N 557 
PHE HE1  H  N N 558 
PHE HE2  H  N N 559 
PHE HZ   H  N N 560 
PHE HXT  H  N N 561 
PRO N    N  N N 562 
PRO CA   C  N S 563 
PRO C    C  N N 564 
PRO O    O  N N 565 
PRO CB   C  N N 566 
PRO CG   C  N N 567 
PRO CD   C  N N 568 
PRO OXT  O  N N 569 
PRO H    H  N N 570 
PRO HA   H  N N 571 
PRO HB2  H  N N 572 
PRO HB3  H  N N 573 
PRO HG2  H  N N 574 
PRO HG3  H  N N 575 
PRO HD2  H  N N 576 
PRO HD3  H  N N 577 
PRO HXT  H  N N 578 
SER N    N  N N 579 
SER CA   C  N S 580 
SER C    C  N N 581 
SER O    O  N N 582 
SER CB   C  N N 583 
SER OG   O  N N 584 
SER OXT  O  N N 585 
SER H    H  N N 586 
SER H2   H  N N 587 
SER HA   H  N N 588 
SER HB2  H  N N 589 
SER HB3  H  N N 590 
SER HG   H  N N 591 
SER HXT  H  N N 592 
THR N    N  N N 593 
THR CA   C  N S 594 
THR C    C  N N 595 
THR O    O  N N 596 
THR CB   C  N R 597 
THR OG1  O  N N 598 
THR CG2  C  N N 599 
THR OXT  O  N N 600 
THR H    H  N N 601 
THR H2   H  N N 602 
THR HA   H  N N 603 
THR HB   H  N N 604 
THR HG1  H  N N 605 
THR HG21 H  N N 606 
THR HG22 H  N N 607 
THR HG23 H  N N 608 
THR HXT  H  N N 609 
TYR N    N  N N 610 
TYR CA   C  N S 611 
TYR C    C  N N 612 
TYR O    O  N N 613 
TYR CB   C  N N 614 
TYR CG   C  Y N 615 
TYR CD1  C  Y N 616 
TYR CD2  C  Y N 617 
TYR CE1  C  Y N 618 
TYR CE2  C  Y N 619 
TYR CZ   C  Y N 620 
TYR OH   O  N N 621 
TYR OXT  O  N N 622 
TYR H    H  N N 623 
TYR H2   H  N N 624 
TYR HA   H  N N 625 
TYR HB2  H  N N 626 
TYR HB3  H  N N 627 
TYR HD1  H  N N 628 
TYR HD2  H  N N 629 
TYR HE1  H  N N 630 
TYR HE2  H  N N 631 
TYR HH   H  N N 632 
TYR HXT  H  N N 633 
# 
loop_
_chem_comp_bond.comp_id 
_chem_comp_bond.atom_id_1 
_chem_comp_bond.atom_id_2 
_chem_comp_bond.value_order 
_chem_comp_bond.pdbx_aromatic_flag 
_chem_comp_bond.pdbx_stereo_config 
_chem_comp_bond.pdbx_ordinal 
ALA N   CA   sing N N 1   
ALA N   H    sing N N 2   
ALA N   H2   sing N N 3   
ALA CA  C    sing N N 4   
ALA CA  CB   sing N N 5   
ALA CA  HA   sing N N 6   
ALA C   O    doub N N 7   
ALA C   OXT  sing N N 8   
ALA CB  HB1  sing N N 9   
ALA CB  HB2  sing N N 10  
ALA CB  HB3  sing N N 11  
ALA OXT HXT  sing N N 12  
ARG N   CA   sing N N 13  
ARG N   H    sing N N 14  
ARG N   H2   sing N N 15  
ARG CA  C    sing N N 16  
ARG CA  CB   sing N N 17  
ARG CA  HA   sing N N 18  
ARG C   O    doub N N 19  
ARG C   OXT  sing N N 20  
ARG CB  CG   sing N N 21  
ARG CB  HB2  sing N N 22  
ARG CB  HB3  sing N N 23  
ARG CG  CD   sing N N 24  
ARG CG  HG2  sing N N 25  
ARG CG  HG3  sing N N 26  
ARG CD  NE   sing N N 27  
ARG CD  HD2  sing N N 28  
ARG CD  HD3  sing N N 29  
ARG NE  CZ   sing N N 30  
ARG NE  HE   sing N N 31  
ARG CZ  NH1  sing N N 32  
ARG CZ  NH2  doub N N 33  
ARG NH1 HH11 sing N N 34  
ARG NH1 HH12 sing N N 35  
ARG NH2 HH21 sing N N 36  
ARG NH2 HH22 sing N N 37  
ARG OXT HXT  sing N N 38  
ASP N   CA   sing N N 39  
ASP N   H    sing N N 40  
ASP N   H2   sing N N 41  
ASP CA  C    sing N N 42  
ASP CA  CB   sing N N 43  
ASP CA  HA   sing N N 44  
ASP C   O    doub N N 45  
ASP C   OXT  sing N N 46  
ASP CB  CG   sing N N 47  
ASP CB  HB2  sing N N 48  
ASP CB  HB3  sing N N 49  
ASP CG  OD1  doub N N 50  
ASP CG  OD2  sing N N 51  
ASP OD2 HD2  sing N N 52  
ASP OXT HXT  sing N N 53  
CYS N   CA   sing N N 54  
CYS N   H    sing N N 55  
CYS N   H2   sing N N 56  
CYS CA  C    sing N N 57  
CYS CA  CB   sing N N 58  
CYS CA  HA   sing N N 59  
CYS C   O    doub N N 60  
CYS C   OXT  sing N N 61  
CYS CB  SG   sing N N 62  
CYS CB  HB2  sing N N 63  
CYS CB  HB3  sing N N 64  
CYS SG  HG   sing N N 65  
CYS OXT HXT  sing N N 66  
DAL N   CA   sing N N 67  
DAL N   H    sing N N 68  
DAL N   H2   sing N N 69  
DAL CA  CB   sing N N 70  
DAL CA  C    sing N N 71  
DAL CA  HA   sing N N 72  
DAL CB  HB1  sing N N 73  
DAL CB  HB2  sing N N 74  
DAL CB  HB3  sing N N 75  
DAL C   O    doub N N 76  
DAL C   OXT  sing N N 77  
DAL OXT HXT  sing N N 78  
DAR N   CA   sing N N 79  
DAR N   H    sing N N 80  
DAR N   H2   sing N N 81  
DAR CA  CB   sing N N 82  
DAR CA  C    sing N N 83  
DAR CA  HA   sing N N 84  
DAR CB  CG   sing N N 85  
DAR CB  HB2  sing N N 86  
DAR CB  HB3  sing N N 87  
DAR CG  CD   sing N N 88  
DAR CG  HG2  sing N N 89  
DAR CG  HG3  sing N N 90  
DAR CD  NE   sing N N 91  
DAR CD  HD2  sing N N 92  
DAR CD  HD3  sing N N 93  
DAR NE  CZ   sing N N 94  
DAR NE  HE   sing N N 95  
DAR CZ  NH1  sing N N 96  
DAR CZ  NH2  doub N N 97  
DAR NH1 HH11 sing N N 98  
DAR NH1 HH12 sing N N 99  
DAR NH2 HH21 sing N N 100 
DAR NH2 HH22 sing N N 101 
DAR C   O    doub N N 102 
DAR C   OXT  sing N N 103 
DAR OXT HXT  sing N N 104 
DAS N   CA   sing N N 105 
DAS N   H    sing N N 106 
DAS N   H2   sing N N 107 
DAS CA  C    sing N N 108 
DAS CA  CB   sing N N 109 
DAS CA  HA   sing N N 110 
DAS C   O    doub N N 111 
DAS C   OXT  sing N N 112 
DAS CB  CG   sing N N 113 
DAS CB  HB2  sing N N 114 
DAS CB  HB3  sing N N 115 
DAS CG  OD1  doub N N 116 
DAS CG  OD2  sing N N 117 
DAS OD2 HD2  sing N N 118 
DAS OXT HXT  sing N N 119 
DCY N   CA   sing N N 120 
DCY N   H    sing N N 121 
DCY N   H2   sing N N 122 
DCY CA  C    sing N N 123 
DCY CA  CB   sing N N 124 
DCY CA  HA   sing N N 125 
DCY C   O    doub N N 126 
DCY C   OXT  sing N N 127 
DCY CB  SG   sing N N 128 
DCY CB  HB2  sing N N 129 
DCY CB  HB3  sing N N 130 
DCY SG  HG   sing N N 131 
DCY OXT HXT  sing N N 132 
DGN N   CA   sing N N 133 
DGN N   H    sing N N 134 
DGN N   H2   sing N N 135 
DGN CA  C    sing N N 136 
DGN CA  CB   sing N N 137 
DGN CA  HA   sing N N 138 
DGN C   O    doub N N 139 
DGN C   OXT  sing N N 140 
DGN OXT HXT  sing N N 141 
DGN CB  CG   sing N N 142 
DGN CB  HB2  sing N N 143 
DGN CB  HB3  sing N N 144 
DGN CG  CD   sing N N 145 
DGN CG  HG2  sing N N 146 
DGN CG  HG3  sing N N 147 
DGN CD  OE1  doub N N 148 
DGN CD  NE2  sing N N 149 
DGN NE2 HE21 sing N N 150 
DGN NE2 HE22 sing N N 151 
DHI N   CA   sing N N 152 
DHI N   H    sing N N 153 
DHI N   H2   sing N N 154 
DHI CA  C    sing N N 155 
DHI CA  CB   sing N N 156 
DHI CA  HA   sing N N 157 
DHI C   O    doub N N 158 
DHI C   OXT  sing N N 159 
DHI CB  CG   sing N N 160 
DHI CB  HB2  sing N N 161 
DHI CB  HB3  sing N N 162 
DHI CG  ND1  sing Y N 163 
DHI CG  CD2  doub Y N 164 
DHI ND1 CE1  doub Y N 165 
DHI ND1 HD1  sing N N 166 
DHI CD2 NE2  sing Y N 167 
DHI CD2 HD2  sing N N 168 
DHI CE1 NE2  sing Y N 169 
DHI CE1 HE1  sing N N 170 
DHI NE2 HE2  sing N N 171 
DHI OXT HXT  sing N N 172 
DIL N   CA   sing N N 173 
DIL N   H    sing N N 174 
DIL N   H2   sing N N 175 
DIL CA  C    sing N N 176 
DIL CA  CB   sing N N 177 
DIL CA  HA   sing N N 178 
DIL C   O    doub N N 179 
DIL C   OXT  sing N N 180 
DIL CB  CG1  sing N N 181 
DIL CB  CG2  sing N N 182 
DIL CB  HB   sing N N 183 
DIL CG1 CD1  sing N N 184 
DIL CG1 HG12 sing N N 185 
DIL CG1 HG13 sing N N 186 
DIL CG2 HG21 sing N N 187 
DIL CG2 HG22 sing N N 188 
DIL CG2 HG23 sing N N 189 
DIL CD1 HD11 sing N N 190 
DIL CD1 HD12 sing N N 191 
DIL CD1 HD13 sing N N 192 
DIL OXT HXT  sing N N 193 
DLE N   CA   sing N N 194 
DLE N   H    sing N N 195 
DLE N   H2   sing N N 196 
DLE CA  CB   sing N N 197 
DLE CA  C    sing N N 198 
DLE CA  HA   sing N N 199 
DLE CB  CG   sing N N 200 
DLE CB  HB2  sing N N 201 
DLE CB  HB3  sing N N 202 
DLE CG  CD1  sing N N 203 
DLE CG  CD2  sing N N 204 
DLE CG  HG   sing N N 205 
DLE CD1 HD11 sing N N 206 
DLE CD1 HD12 sing N N 207 
DLE CD1 HD13 sing N N 208 
DLE CD2 HD21 sing N N 209 
DLE CD2 HD22 sing N N 210 
DLE CD2 HD23 sing N N 211 
DLE C   O    doub N N 212 
DLE C   OXT  sing N N 213 
DLE OXT HXT  sing N N 214 
DLY N   CA   sing N N 215 
DLY N   H    sing N N 216 
DLY N   H2   sing N N 217 
DLY CA  C    sing N N 218 
DLY CA  CB   sing N N 219 
DLY CA  HA   sing N N 220 
DLY C   O    doub N N 221 
DLY C   OXT  sing N N 222 
DLY CB  CG   sing N N 223 
DLY CB  HB2  sing N N 224 
DLY CB  HB3  sing N N 225 
DLY CG  CD   sing N N 226 
DLY CG  HG2  sing N N 227 
DLY CG  HG3  sing N N 228 
DLY CD  CE   sing N N 229 
DLY CD  HD2  sing N N 230 
DLY CD  HD3  sing N N 231 
DLY CE  NZ   sing N N 232 
DLY CE  HE2  sing N N 233 
DLY CE  HE3  sing N N 234 
DLY NZ  HZ1  sing N N 235 
DLY NZ  HZ2  sing N N 236 
DLY OXT HXT  sing N N 237 
DPN N   CA   sing N N 238 
DPN N   H    sing N N 239 
DPN N   H2   sing N N 240 
DPN CA  C    sing N N 241 
DPN CA  CB   sing N N 242 
DPN CA  HA   sing N N 243 
DPN C   O    doub N N 244 
DPN C   OXT  sing N N 245 
DPN OXT HXT  sing N N 246 
DPN CB  CG   sing N N 247 
DPN CB  HB2  sing N N 248 
DPN CB  HB3  sing N N 249 
DPN CG  CD1  doub Y N 250 
DPN CG  CD2  sing Y N 251 
DPN CD1 CE1  sing Y N 252 
DPN CD1 HD1  sing N N 253 
DPN CD2 CE2  doub Y N 254 
DPN CD2 HD2  sing N N 255 
DPN CE1 CZ   doub Y N 256 
DPN CE1 HE1  sing N N 257 
DPN CE2 CZ   sing Y N 258 
DPN CE2 HE2  sing N N 259 
DPN CZ  HZ   sing N N 260 
DPR N   CA   sing N N 261 
DPR N   CD   sing N N 262 
DPR N   H    sing N N 263 
DPR CA  CB   sing N N 264 
DPR CA  C    sing N N 265 
DPR CA  HA   sing N N 266 
DPR CB  CG   sing N N 267 
DPR CB  HB2  sing N N 268 
DPR CB  HB3  sing N N 269 
DPR CG  CD   sing N N 270 
DPR CG  HG2  sing N N 271 
DPR CG  HG3  sing N N 272 
DPR CD  HD2  sing N N 273 
DPR CD  HD3  sing N N 274 
DPR C   O    doub N N 275 
DPR C   OXT  sing N N 276 
DPR OXT HXT  sing N N 277 
DSN N   CA   sing N N 278 
DSN N   H    sing N N 279 
DSN N   H2   sing N N 280 
DSN CA  C    sing N N 281 
DSN CA  CB   sing N N 282 
DSN CA  HA   sing N N 283 
DSN C   O    doub N N 284 
DSN C   OXT  sing N N 285 
DSN OXT HXT  sing N N 286 
DSN CB  OG   sing N N 287 
DSN CB  HB2  sing N N 288 
DSN CB  HB3  sing N N 289 
DSN OG  HG   sing N N 290 
DTH N   CA   sing N N 291 
DTH N   H    sing N N 292 
DTH N   H2   sing N N 293 
DTH CA  CB   sing N N 294 
DTH CA  C    sing N N 295 
DTH CA  HA   sing N N 296 
DTH CB  CG2  sing N N 297 
DTH CB  OG1  sing N N 298 
DTH CB  HB   sing N N 299 
DTH CG2 HG21 sing N N 300 
DTH CG2 HG22 sing N N 301 
DTH CG2 HG23 sing N N 302 
DTH OG1 HG1  sing N N 303 
DTH C   O    doub N N 304 
DTH C   OXT  sing N N 305 
DTH OXT HXT  sing N N 306 
DTY N   CA   sing N N 307 
DTY N   H    sing N N 308 
DTY N   H2   sing N N 309 
DTY CA  C    sing N N 310 
DTY CA  CB   sing N N 311 
DTY CA  HA   sing N N 312 
DTY C   O    doub N N 313 
DTY C   OXT  sing N N 314 
DTY CB  CG   sing N N 315 
DTY CB  HB2  sing N N 316 
DTY CB  HB3  sing N N 317 
DTY CG  CD1  doub Y N 318 
DTY CG  CD2  sing Y N 319 
DTY CD1 CE1  sing Y N 320 
DTY CD1 HD1  sing N N 321 
DTY CD2 CE2  doub Y N 322 
DTY CD2 HD2  sing N N 323 
DTY CE1 CZ   doub Y N 324 
DTY CE1 HE1  sing N N 325 
DTY CE2 CZ   sing Y N 326 
DTY CE2 HE2  sing N N 327 
DTY CZ  OH   sing N N 328 
DTY OH  HH   sing N N 329 
DTY OXT HXT  sing N N 330 
GLN N   CA   sing N N 331 
GLN N   H    sing N N 332 
GLN N   H2   sing N N 333 
GLN CA  C    sing N N 334 
GLN CA  CB   sing N N 335 
GLN CA  HA   sing N N 336 
GLN C   O    doub N N 337 
GLN C   OXT  sing N N 338 
GLN CB  CG   sing N N 339 
GLN CB  HB2  sing N N 340 
GLN CB  HB3  sing N N 341 
GLN CG  CD   sing N N 342 
GLN CG  HG2  sing N N 343 
GLN CG  HG3  sing N N 344 
GLN CD  OE1  doub N N 345 
GLN CD  NE2  sing N N 346 
GLN NE2 HE21 sing N N 347 
GLN NE2 HE22 sing N N 348 
GLN OXT HXT  sing N N 349 
GLY N   CA   sing N N 350 
GLY N   H    sing N N 351 
GLY N   H2   sing N N 352 
GLY CA  C    sing N N 353 
GLY CA  HA2  sing N N 354 
GLY CA  HA3  sing N N 355 
GLY C   O    doub N N 356 
GLY C   OXT  sing N N 357 
GLY OXT HXT  sing N N 358 
GOL C1  O1   sing N N 359 
GOL C1  C2   sing N N 360 
GOL C1  H11  sing N N 361 
GOL C1  H12  sing N N 362 
GOL O1  HO1  sing N N 363 
GOL C2  O2   sing N N 364 
GOL C2  C3   sing N N 365 
GOL C2  H2   sing N N 366 
GOL O2  HO2  sing N N 367 
GOL C3  O3   sing N N 368 
GOL C3  H31  sing N N 369 
GOL C3  H32  sing N N 370 
GOL O3  HO3  sing N N 371 
HIS N   CA   sing N N 372 
HIS N   H    sing N N 373 
HIS N   H2   sing N N 374 
HIS CA  C    sing N N 375 
HIS CA  CB   sing N N 376 
HIS CA  HA   sing N N 377 
HIS C   O    doub N N 378 
HIS C   OXT  sing N N 379 
HIS CB  CG   sing N N 380 
HIS CB  HB2  sing N N 381 
HIS CB  HB3  sing N N 382 
HIS CG  ND1  sing Y N 383 
HIS CG  CD2  doub Y N 384 
HIS ND1 CE1  doub Y N 385 
HIS ND1 HD1  sing N N 386 
HIS CD2 NE2  sing Y N 387 
HIS CD2 HD2  sing N N 388 
HIS CE1 NE2  sing Y N 389 
HIS CE1 HE1  sing N N 390 
HIS NE2 HE2  sing N N 391 
HIS OXT HXT  sing N N 392 
HOH O   H1   sing N N 393 
HOH O   H2   sing N N 394 
ILE N   CA   sing N N 395 
ILE N   H    sing N N 396 
ILE N   H2   sing N N 397 
ILE CA  C    sing N N 398 
ILE CA  CB   sing N N 399 
ILE CA  HA   sing N N 400 
ILE C   O    doub N N 401 
ILE C   OXT  sing N N 402 
ILE CB  CG1  sing N N 403 
ILE CB  CG2  sing N N 404 
ILE CB  HB   sing N N 405 
ILE CG1 CD1  sing N N 406 
ILE CG1 HG12 sing N N 407 
ILE CG1 HG13 sing N N 408 
ILE CG2 HG21 sing N N 409 
ILE CG2 HG22 sing N N 410 
ILE CG2 HG23 sing N N 411 
ILE CD1 HD11 sing N N 412 
ILE CD1 HD12 sing N N 413 
ILE CD1 HD13 sing N N 414 
ILE OXT HXT  sing N N 415 
LEU N   CA   sing N N 416 
LEU N   H    sing N N 417 
LEU N   H2   sing N N 418 
LEU CA  C    sing N N 419 
LEU CA  CB   sing N N 420 
LEU CA  HA   sing N N 421 
LEU C   O    doub N N 422 
LEU C   OXT  sing N N 423 
LEU CB  CG   sing N N 424 
LEU CB  HB2  sing N N 425 
LEU CB  HB3  sing N N 426 
LEU CG  CD1  sing N N 427 
LEU CG  CD2  sing N N 428 
LEU CG  HG   sing N N 429 
LEU CD1 HD11 sing N N 430 
LEU CD1 HD12 sing N N 431 
LEU CD1 HD13 sing N N 432 
LEU CD2 HD21 sing N N 433 
LEU CD2 HD22 sing N N 434 
LEU CD2 HD23 sing N N 435 
LEU OXT HXT  sing N N 436 
LYS N   CA   sing N N 437 
LYS N   H    sing N N 438 
LYS N   H2   sing N N 439 
LYS CA  C    sing N N 440 
LYS CA  CB   sing N N 441 
LYS CA  HA   sing N N 442 
LYS C   O    doub N N 443 
LYS C   OXT  sing N N 444 
LYS CB  CG   sing N N 445 
LYS CB  HB2  sing N N 446 
LYS CB  HB3  sing N N 447 
LYS CG  CD   sing N N 448 
LYS CG  HG2  sing N N 449 
LYS CG  HG3  sing N N 450 
LYS CD  CE   sing N N 451 
LYS CD  HD2  sing N N 452 
LYS CD  HD3  sing N N 453 
LYS CE  NZ   sing N N 454 
LYS CE  HE2  sing N N 455 
LYS CE  HE3  sing N N 456 
LYS NZ  HZ1  sing N N 457 
LYS NZ  HZ2  sing N N 458 
LYS NZ  HZ3  sing N N 459 
LYS OXT HXT  sing N N 460 
MED N   CA   sing N N 461 
MED N   H    sing N N 462 
MED N   H2   sing N N 463 
MED CA  C    sing N N 464 
MED CA  CB   sing N N 465 
MED CA  HA   sing N N 466 
MED C   O    doub N N 467 
MED C   OXT  sing N N 468 
MED CB  CG   sing N N 469 
MED CB  HB2  sing N N 470 
MED CB  HB3  sing N N 471 
MED CG  SD   sing N N 472 
MED CG  HG2  sing N N 473 
MED CG  HG3  sing N N 474 
MED SD  CE   sing N N 475 
MED CE  HE1  sing N N 476 
MED CE  HE2  sing N N 477 
MED CE  HE3  sing N N 478 
MED OXT HXT  sing N N 479 
MET N   CA   sing N N 480 
MET N   H    sing N N 481 
MET N   H2   sing N N 482 
MET CA  C    sing N N 483 
MET CA  CB   sing N N 484 
MET CA  HA   sing N N 485 
MET C   O    doub N N 486 
MET C   OXT  sing N N 487 
MET CB  CG   sing N N 488 
MET CB  HB2  sing N N 489 
MET CB  HB3  sing N N 490 
MET CG  SD   sing N N 491 
MET CG  HG2  sing N N 492 
MET CG  HG3  sing N N 493 
MET SD  CE   sing N N 494 
MET CE  HE1  sing N N 495 
MET CE  HE2  sing N N 496 
MET CE  HE3  sing N N 497 
MET OXT HXT  sing N N 498 
MLT C1  O1   doub N N 499 
MLT C1  O2   sing N N 500 
MLT C1  C2   sing N N 501 
MLT C2  O3   sing N N 502 
MLT C2  C3   sing N N 503 
MLT C2  H2   sing N N 504 
MLT O3  HO3  sing N N 505 
MLT C3  C4   sing N N 506 
MLT C3  H31  sing N N 507 
MLT C3  H32  sing N N 508 
MLT C4  O4   doub N N 509 
MLT C4  O5   sing N N 510 
MLT O5  HO5  sing N N 511 
MLT O2  H6   sing N N 512 
PHE N   CA   sing N N 513 
PHE N   H    sing N N 514 
PHE N   H2   sing N N 515 
PHE CA  C    sing N N 516 
PHE CA  CB   sing N N 517 
PHE CA  HA   sing N N 518 
PHE C   O    doub N N 519 
PHE C   OXT  sing N N 520 
PHE CB  CG   sing N N 521 
PHE CB  HB2  sing N N 522 
PHE CB  HB3  sing N N 523 
PHE CG  CD1  doub Y N 524 
PHE CG  CD2  sing Y N 525 
PHE CD1 CE1  sing Y N 526 
PHE CD1 HD1  sing N N 527 
PHE CD2 CE2  doub Y N 528 
PHE CD2 HD2  sing N N 529 
PHE CE1 CZ   doub Y N 530 
PHE CE1 HE1  sing N N 531 
PHE CE2 CZ   sing Y N 532 
PHE CE2 HE2  sing N N 533 
PHE CZ  HZ   sing N N 534 
PHE OXT HXT  sing N N 535 
PRO N   CA   sing N N 536 
PRO N   CD   sing N N 537 
PRO N   H    sing N N 538 
PRO CA  C    sing N N 539 
PRO CA  CB   sing N N 540 
PRO CA  HA   sing N N 541 
PRO C   O    doub N N 542 
PRO C   OXT  sing N N 543 
PRO CB  CG   sing N N 544 
PRO CB  HB2  sing N N 545 
PRO CB  HB3  sing N N 546 
PRO CG  CD   sing N N 547 
PRO CG  HG2  sing N N 548 
PRO CG  HG3  sing N N 549 
PRO CD  HD2  sing N N 550 
PRO CD  HD3  sing N N 551 
PRO OXT HXT  sing N N 552 
SER N   CA   sing N N 553 
SER N   H    sing N N 554 
SER N   H2   sing N N 555 
SER CA  C    sing N N 556 
SER CA  CB   sing N N 557 
SER CA  HA   sing N N 558 
SER C   O    doub N N 559 
SER C   OXT  sing N N 560 
SER CB  OG   sing N N 561 
SER CB  HB2  sing N N 562 
SER CB  HB3  sing N N 563 
SER OG  HG   sing N N 564 
SER OXT HXT  sing N N 565 
THR N   CA   sing N N 566 
THR N   H    sing N N 567 
THR N   H2   sing N N 568 
THR CA  C    sing N N 569 
THR CA  CB   sing N N 570 
THR CA  HA   sing N N 571 
THR C   O    doub N N 572 
THR C   OXT  sing N N 573 
THR CB  OG1  sing N N 574 
THR CB  CG2  sing N N 575 
THR CB  HB   sing N N 576 
THR OG1 HG1  sing N N 577 
THR CG2 HG21 sing N N 578 
THR CG2 HG22 sing N N 579 
THR CG2 HG23 sing N N 580 
THR OXT HXT  sing N N 581 
TYR N   CA   sing N N 582 
TYR N   H    sing N N 583 
TYR N   H2   sing N N 584 
TYR CA  C    sing N N 585 
TYR CA  CB   sing N N 586 
TYR CA  HA   sing N N 587 
TYR C   O    doub N N 588 
TYR C   OXT  sing N N 589 
TYR CB  CG   sing N N 590 
TYR CB  HB2  sing N N 591 
TYR CB  HB3  sing N N 592 
TYR CG  CD1  doub Y N 593 
TYR CG  CD2  sing Y N 594 
TYR CD1 CE1  sing Y N 595 
TYR CD1 HD1  sing N N 596 
TYR CD2 CE2  doub Y N 597 
TYR CD2 HD2  sing N N 598 
TYR CE1 CZ   doub Y N 599 
TYR CE1 HE1  sing N N 600 
TYR CE2 CZ   sing Y N 601 
TYR CE2 HE2  sing N N 602 
TYR CZ  OH   sing N N 603 
TYR OH  HH   sing N N 604 
TYR OXT HXT  sing N N 605 
# 
_pdbx_initial_refinement_model.id               1 
_pdbx_initial_refinement_model.entity_id_list   ? 
_pdbx_initial_refinement_model.type             'experimental model' 
_pdbx_initial_refinement_model.source_name      PDB 
_pdbx_initial_refinement_model.accession_code   4LFS 
_pdbx_initial_refinement_model.details          ? 
# 
_atom_sites.entry_id                    5I5A 
_atom_sites.fract_transf_matrix[1][1]   0.00014692 
_atom_sites.fract_transf_matrix[1][2]   -0.00766423 
_atom_sites.fract_transf_matrix[1][3]   -0.01347565 
_atom_sites.fract_transf_matrix[2][1]   -0.05197222 
_atom_sites.fract_transf_matrix[2][2]   -0.01980652 
_atom_sites.fract_transf_matrix[2][3]   0.01069827 
_atom_sites.fract_transf_matrix[3][1]   -0.00799273 
_atom_sites.fract_transf_matrix[3][2]   0.01403316 
_atom_sites.fract_transf_matrix[3][3]   -0.01284805 
_atom_sites.fract_transf_vector[1]      0.244334 
_atom_sites.fract_transf_vector[2]      0.051829 
_atom_sites.fract_transf_vector[3]      0.245009 
# 
loop_
_atom_type.symbol 
C  
LI 
N  
NA 
O  
S  
# 
loop_
_atom_site.group_PDB 
_atom_site.id 
_atom_site.type_symbol 
_atom_site.label_atom_id 
_atom_site.label_alt_id 
_atom_site.label_comp_id 
_atom_site.label_asym_id 
_atom_site.label_entity_id 
_atom_site.label_seq_id 
_atom_site.pdbx_PDB_ins_code 
_atom_site.Cartn_x 
_atom_site.Cartn_y 
_atom_site.Cartn_z 
_atom_site.occupancy 
_atom_site.B_iso_or_equiv 
_atom_site.pdbx_formal_charge 
_atom_site.auth_seq_id 
_atom_site.auth_comp_id 
_atom_site.auth_asym_id 
_atom_site.auth_atom_id 
_atom_site.pdbx_PDB_model_num 
ATOM   1   N  N   . ARG A 1 1  ? 5.812   -12.716 4.831   1.00 23.68 ? 1   ARG A N   1 
ATOM   2   C  CA  . ARG A 1 1  ? 6.357   -11.667 5.738   1.00 20.69 ? 1   ARG A CA  1 
ATOM   3   C  C   . ARG A 1 1  ? 5.479   -11.480 6.967   1.00 19.46 ? 1   ARG A C   1 
ATOM   4   O  O   . ARG A 1 1  ? 4.256   -11.538 6.851   1.00 17.93 ? 1   ARG A O   1 
ATOM   5   C  CB  . ARG A 1 1  ? 6.465   -10.315 5.012   1.00 18.77 ? 1   ARG A CB  1 
ATOM   6   C  CG  . ARG A 1 1  ? 7.398   -10.285 3.819   1.00 19.44 ? 1   ARG A CG  1 
ATOM   7   C  CD  . ARG A 1 1  ? 7.391   -8.922  3.162   1.00 18.33 ? 1   ARG A CD  1 
ATOM   8   N  NE  . ARG A 1 1  ? 7.997   -7.885  3.986   1.00 18.12 ? 1   ARG A NE  1 
ATOM   9   C  CZ  . ARG A 1 1  ? 8.263   -6.648  3.565   1.00 17.30 ? 1   ARG A CZ  1 
ATOM   10  N  NH1 . ARG A 1 1  ? 7.952   -6.266  2.330   1.00 18.00 ? 1   ARG A NH1 1 
ATOM   11  N  NH2 . ARG A 1 1  ? 8.837   -5.773  4.390   1.00 19.28 ? 1   ARG A NH2 1 
ATOM   12  N  N   . SER A 1 2  ? 6.091   -11.224 8.127   1.00 15.72 ? 2   SER A N   1 
ATOM   13  C  CA  . SER A 1 2  ? 5.311   -10.769 9.294   1.00 15.77 ? 2   SER A CA  1 
ATOM   14  C  C   . SER A 1 2  ? 4.677   -9.414  8.979   1.00 13.51 ? 2   SER A C   1 
ATOM   15  O  O   . SER A 1 2  ? 5.184   -8.669  8.139   1.00 18.30 ? 2   SER A O   1 
ATOM   16  C  CB  . SER A 1 2  ? 6.181   -10.660 10.542  1.00 19.78 ? 2   SER A CB  1 
ATOM   17  O  OG  . SER A 1 2  ? 7.055   -9.566  10.444  1.00 21.50 ? 2   SER A OG  1 
ATOM   18  N  N   . CYS A 1 3  ? 3.544   -9.137  9.619   1.00 11.58 ? 3   CYS A N   1 
ATOM   19  C  CA  . CYS A 1 3  ? 2.734   -7.966  9.332   1.00 13.07 ? 3   CYS A CA  1 
ATOM   20  C  C   . CYS A 1 3  ? 2.675   -7.120  10.578  1.00 13.65 ? 3   CYS A C   1 
ATOM   21  O  O   . CYS A 1 3  ? 1.797   -7.279  11.413  1.00 18.11 ? 3   CYS A O   1 
ATOM   22  C  CB  . CYS A 1 3  ? 1.328   -8.369  8.897   1.00 16.44 ? 3   CYS A CB  1 
ATOM   23  S  SG  . CYS A 1 3  ? 0.303   -6.986  8.334   1.00 19.38 ? 3   CYS A SG  1 
ATOM   24  N  N   . ILE A 1 4  ? 3.645   -6.235  10.699  1.00 12.21 ? 4   ILE A N   1 
ATOM   25  C  CA  . ILE A 1 4  ? 3.706   -5.306  11.812  1.00 12.44 ? 4   ILE A CA  1 
ATOM   26  C  C   . ILE A 1 4  ? 4.078   -3.931  11.278  1.00 10.81 ? 4   ILE A C   1 
ATOM   27  O  O   . ILE A 1 4  ? 4.484   -3.767  10.128  1.00 13.32 ? 4   ILE A O   1 
ATOM   28  C  CB  . ILE A 1 4  ? 4.761   -5.753  12.834  1.00 14.19 ? 4   ILE A CB  1 
ATOM   29  C  CG1 . ILE A 1 4  ? 6.148   -5.871  12.196  1.00 14.00 ? 4   ILE A CG1 1 
ATOM   30  C  CG2 . ILE A 1 4  ? 4.398   -7.126  13.412  1.00 17.33 ? 4   ILE A CG2 1 
ATOM   31  C  CD1 . ILE A 1 4  ? 7.262   -5.830  13.204  1.00 16.81 ? 4   ILE A CD1 1 
ATOM   32  N  N   . ASP A 1 5  ? 3.963   -2.936  12.138  1.00 11.72 ? 5   ASP A N   1 
ATOM   33  C  CA  . ASP A 1 5  ? 4.543   -1.627  11.886  1.00 11.05 ? 5   ASP A CA  1 
ATOM   34  C  C   . ASP A 1 5  ? 5.954   -1.548  12.496  1.00 10.85 ? 5   ASP A C   1 
ATOM   35  O  O   . ASP A 1 5  ? 6.231   -2.149  13.529  1.00 14.74 ? 5   ASP A O   1 
ATOM   36  C  CB  . ASP A 1 5  ? 3.653   -0.572  12.490  1.00 10.44 ? 5   ASP A CB  1 
ATOM   37  C  CG  . ASP A 1 5  ? 2.259   -0.568  11.909  1.00 11.99 ? 5   ASP A CG  1 
ATOM   38  O  OD1 . ASP A 1 5  ? 2.084   -0.743  10.691  1.00 9.47  ? 5   ASP A OD1 1 
ATOM   39  O  OD2 . ASP A 1 5  ? 1.323   -0.360  12.699  1.00 13.63 ? 5   ASP A OD2 1 
ATOM   40  N  N   . THR A 1 6  ? 6.854   -0.806  11.868  1.00 10.03 ? 6   THR A N   1 
ATOM   41  C  CA  . THR A 1 6  ? 8.228   -0.709  12.327  1.00 11.50 ? 6   THR A CA  1 
ATOM   42  C  C   . THR A 1 6  ? 8.592   0.697   12.809  1.00 11.55 ? 6   THR A C   1 
ATOM   43  O  O   . THR A 1 6  ? 9.769   0.990   13.050  1.00 14.18 ? 6   THR A O   1 
ATOM   44  C  CB  . THR A 1 6  ? 9.150   -1.198  11.224  1.00 12.60 ? 6   THR A CB  1 
ATOM   45  O  OG1 . THR A 1 6  ? 8.857   -0.428  10.053  1.00 15.49 ? 6   THR A OG1 1 
ATOM   46  C  CG2 . THR A 1 6  ? 8.870   -2.665  10.892  1.00 14.88 ? 6   THR A CG2 1 
ATOM   47  N  N   . ILE A 1 7  ? 7.580   1.543   12.978  1.00 11.09 ? 7   ILE A N   1 
ATOM   48  C  CA  . ILE A 1 7  ? 7.688   2.804   13.706  1.00 11.12 ? 7   ILE A CA  1 
ATOM   49  C  C   . ILE A 1 7  ? 6.580   2.773   14.768  1.00 10.11 ? 7   ILE A C   1 
ATOM   50  O  O   . ILE A 1 7  ? 5.655   1.948   14.691  1.00 10.04 ? 7   ILE A O   1 
ATOM   51  C  CB  . ILE A 1 7  ? 7.570   4.034   12.772  1.00 11.19 ? 7   ILE A CB  1 
ATOM   52  C  CG1 . ILE A 1 7  ? 6.190   4.047   12.117  1.00 11.26 ? 7   ILE A CG1 1 
ATOM   53  C  CG2 . ILE A 1 7  ? 8.662   3.989   11.708  1.00 12.75 ? 7   ILE A CG2 1 
ATOM   54  N  N   . PRO A 1 8  ? 6.619   3.719   15.735  1.00 11.16 ? 8   PRO A N   1 
ATOM   55  C  CA  . PRO A 1 8  ? 5.582   3.790   16.746  1.00 10.93 ? 8   PRO A CA  1 
ATOM   56  C  C   . PRO A 1 8  ? 4.197   3.934   16.091  1.00 10.53 ? 8   PRO A C   1 
ATOM   57  O  O   . PRO A 1 8  ? 4.025   4.700   15.124  1.00 11.26 ? 8   PRO A O   1 
ATOM   58  C  CB  . PRO A 1 8  ? 5.993   5.026   17.569  1.00 13.20 ? 8   PRO A CB  1 
ATOM   59  C  CG  . PRO A 1 8  ? 7.449   5.162   17.343  1.00 13.68 ? 8   PRO A CG  1 
ATOM   60  C  CD  . PRO A 1 8  ? 7.605   4.800   15.915  1.00 13.34 ? 8   PRO A CD  1 
ATOM   61  N  N   . LYS A 1 9  ? 3.219   3.206   16.648  1.00 11.75 ? 9   LYS A N   1 
ATOM   62  C  CA  A LYS A 1 9  ? 1.817   3.188   16.182  0.25 11.60 ? 9   LYS A CA  1 
ATOM   63  C  CA  B LYS A 1 9  ? 1.869   3.161   16.096  0.25 12.04 ? 9   LYS A CA  1 
ATOM   64  C  CA  C LYS A 1 9  ? 1.831   3.188   16.159  0.50 13.23 ? 9   LYS A CA  1 
ATOM   65  C  C   . LYS A 1 9  ? 1.233   4.552   15.868  1.00 11.91 ? 9   LYS A C   1 
ATOM   66  O  O   . LYS A 1 9  ? 0.509   4.739   14.865  1.00 12.55 ? 9   LYS A O   1 
ATOM   67  C  CB  A LYS A 1 9  ? 0.901   2.555   17.245  0.25 10.76 ? 9   LYS A CB  1 
ATOM   68  C  CB  B LYS A 1 9  ? 0.978   2.254   16.973  0.25 12.46 ? 9   LYS A CB  1 
ATOM   69  C  CB  C LYS A 1 9  ? 0.913   2.500   17.177  0.50 15.66 ? 9   LYS A CB  1 
ATOM   70  C  CG  A LYS A 1 9  ? 0.948   1.049   17.316  0.25 10.13 ? 9   LYS A CG  1 
ATOM   71  C  CG  B LYS A 1 9  ? -0.372  1.891   16.374  0.25 11.45 ? 9   LYS A CG  1 
ATOM   72  C  CG  C LYS A 1 9  ? 1.036   1.000   17.191  0.50 18.02 ? 9   LYS A CG  1 
ATOM   73  C  CD  A LYS A 1 9  ? 0.180   0.434   16.160  0.25 8.91  ? 9   LYS A CD  1 
ATOM   74  C  CD  B LYS A 1 9  ? -0.960  0.615   16.969  0.25 12.75 ? 9   LYS A CD  1 
ATOM   75  C  CD  C LYS A 1 9  ? 0.766   0.455   15.807  0.50 18.55 ? 9   LYS A CD  1 
ATOM   76  C  CE  A LYS A 1 9  ? 0.474   -1.048  16.037  0.25 6.74  ? 9   LYS A CE  1 
ATOM   77  C  CE  B LYS A 1 9  ? -0.953  -0.500  15.934  0.25 15.26 ? 9   LYS A CE  1 
ATOM   78  C  CE  C LYS A 1 9  ? 1.038   -1.028  15.737  0.50 16.80 ? 9   LYS A CE  1 
ATOM   79  N  NZ  A LYS A 1 9  ? 1.781   -1.245  15.351  0.25 5.19  ? 9   LYS A NZ  1 
ATOM   80  N  NZ  B LYS A 1 9  ? -0.781  -1.884  16.461  0.25 14.38 ? 9   LYS A NZ  1 
ATOM   81  N  NZ  C LYS A 1 9  ? 0.127   -1.641  14.741  0.50 14.05 ? 9   LYS A NZ  1 
ATOM   82  N  N   . SER A 1 10 ? 1.481   5.525   16.743  1.00 12.45 ? 10  SER A N   1 
ATOM   83  C  CA  . SER A 1 10 ? 0.802   6.813   16.592  1.00 12.97 ? 10  SER A CA  1 
ATOM   84  C  C   . SER A 1 10 ? 1.380   7.630   15.449  1.00 12.49 ? 10  SER A C   1 
ATOM   85  O  O   . SER A 1 10 ? 0.755   8.613   15.026  1.00 14.30 ? 10  SER A O   1 
ATOM   86  C  CB  . SER A 1 10 ? 0.747   7.656   17.868  1.00 13.59 ? 10  SER A CB  1 
ATOM   87  O  OG  . SER A 1 10 ? 2.039   8.085   18.193  1.00 15.40 ? 10  SER A OG  1 
ATOM   88  N  N   . ARG A 1 11 ? 2.523   7.211   14.891  1.00 12.57 ? 11  ARG A N   1 
ATOM   89  C  CA  . ARG A 1 11 ? 3.013   7.811   13.643  1.00 12.37 ? 11  ARG A CA  1 
ATOM   90  C  C   . ARG A 1 11 ? 2.329   7.299   12.393  1.00 12.63 ? 11  ARG A C   1 
ATOM   91  O  O   . ARG A 1 11 ? 2.421   7.912   11.341  1.00 14.13 ? 11  ARG A O   1 
ATOM   92  C  CB  . ARG A 1 11 ? 4.487   7.541   13.466  1.00 13.95 ? 11  ARG A CB  1 
ATOM   93  C  CG  . ARG A 1 11 ? 5.299   8.001   14.637  1.00 14.72 ? 11  ARG A CG  1 
ATOM   94  C  CD  . ARG A 1 11 ? 6.671   8.447   14.213  1.00 14.76 ? 11  ARG A CD  1 
ATOM   95  N  NE  . ARG A 1 11 ? 6.586   9.616   13.344  1.00 15.50 ? 11  ARG A NE  1 
ATOM   96  C  CZ  . ARG A 1 11 ? 7.647   10.183  12.779  1.00 17.83 ? 11  ARG A CZ  1 
ATOM   97  N  NH1 . ARG A 1 11 ? 8.871   9.731   13.021  1.00 19.09 ? 11  ARG A NH1 1 
ATOM   98  N  NH2 . ARG A 1 11 ? 7.479   11.234  11.995  1.00 20.12 ? 11  ARG A NH2 1 
ATOM   99  N  N   . CYS A 1 12 ? 1.715   6.137   12.483  1.00 12.18 ? 12  CYS A N   1 
ATOM   100 C  CA  . CYS A 1 12 ? 1.092   5.539   11.322  1.00 12.00 ? 12  CYS A CA  1 
ATOM   101 C  C   . CYS A 1 12 ? -0.304  6.079   11.081  1.00 12.59 ? 12  CYS A C   1 
ATOM   102 O  O   . CYS A 1 12 ? -1.315  5.448   11.373  1.00 16.71 ? 12  CYS A O   1 
ATOM   103 C  CB  . CYS A 1 12 ? 1.078   4.022   11.445  1.00 11.77 ? 12  CYS A CB  1 
ATOM   104 S  SG  . CYS A 1 12 ? 2.712   3.244   11.514  1.00 11.44 ? 12  CYS A SG  1 
ATOM   105 N  N   . THR A 1 13 ? -0.378  7.275   10.536  1.00 12.37 ? 13  THR A N   1 
ATOM   106 C  CA  . THR A 1 13 ? -1.670  7.926   10.321  1.00 12.89 ? 13  THR A CA  1 
ATOM   107 C  C   . THR A 1 13 ? -2.282  7.663   8.940   1.00 12.46 ? 13  THR A C   1 
ATOM   108 O  O   . THR A 1 13 ? -1.575  7.325   7.985   1.00 13.93 ? 13  THR A O   1 
ATOM   109 C  CB  . THR A 1 13 ? -1.559  9.439   10.516  1.00 13.21 ? 13  THR A CB  1 
ATOM   110 O  OG1 . THR A 1 13 ? -0.558  9.919   9.613   1.00 14.82 ? 13  THR A OG1 1 
ATOM   111 C  CG2 . THR A 1 13 ? -1.148  9.752   11.960  1.00 15.82 ? 13  THR A CG2 1 
ATOM   112 N  N   . ALA A 1 14 ? -3.591  7.855   8.840   1.00 14.27 ? 14  ALA A N   1 
ATOM   113 C  CA  . ALA A 1 14 ? -4.306  7.727   7.569   1.00 15.09 ? 14  ALA A CA  1 
ATOM   114 C  C   . ALA A 1 14 ? -3.669  8.605   6.500   1.00 13.56 ? 14  ALA A C   1 
ATOM   115 O  O   . ALA A 1 14 ? -3.454  8.167   5.376   1.00 13.04 ? 14  ALA A O   1 
ATOM   116 C  CB  . ALA A 1 14 ? -5.775  8.094   7.752   1.00 19.14 ? 14  ALA A CB  1 
ATOM   117 N  N   . PHE A 1 15 ? -3.381  9.843   6.887   1.00 12.80 ? 15  PHE A N   1 
ATOM   118 C  CA  . PHE A 1 15 ? -2.749  10.806  6.003   1.00 13.07 ? 15  PHE A CA  1 
ATOM   119 C  C   . PHE A 1 15 ? -1.382  10.336  5.484   1.00 12.51 ? 15  PHE A C   1 
ATOM   120 O  O   . PHE A 1 15 ? -1.096  10.440  4.290   1.00 13.94 ? 15  PHE A O   1 
ATOM   121 C  CB  . PHE A 1 15 ? -2.623  12.155  6.707   1.00 13.62 ? 15  PHE A CB  1 
ATOM   122 C  CG  . PHE A 1 15 ? -2.238  13.258  5.793   1.00 13.81 ? 15  PHE A CG  1 
ATOM   123 C  CD1 . PHE A 1 15 ? -0.904  13.521  5.531   1.00 15.01 ? 15  PHE A CD1 1 
ATOM   124 C  CD2 . PHE A 1 15 ? -3.208  14.026  5.160   1.00 15.93 ? 15  PHE A CD2 1 
ATOM   125 C  CE1 . PHE A 1 15 ? -0.540  14.534  4.665   1.00 16.83 ? 15  PHE A CE1 1 
ATOM   126 C  CE2 . PHE A 1 15 ? -2.851  15.048  4.301   1.00 15.83 ? 15  PHE A CE2 1 
ATOM   127 C  CZ  . PHE A 1 15 ? -1.516  15.311  4.060   1.00 15.68 ? 15  PHE A CZ  1 
ATOM   128 N  N   . GLN A 1 16 ? -0.529  9.820   6.354   1.00 11.92 ? 16  GLN A N   1 
ATOM   129 C  CA  . GLN A 1 16 ? 0.767   9.349   5.872   1.00 13.19 ? 16  GLN A CA  1 
ATOM   130 C  C   . GLN A 1 16 ? 0.633   8.103   4.996   1.00 12.23 ? 16  GLN A C   1 
ATOM   131 O  O   . GLN A 1 16 ? 1.352   7.967   3.987   1.00 11.54 ? 16  GLN A O   1 
ATOM   132 C  CB  . GLN A 1 16 ? 1.735   9.135   7.019   1.00 13.99 ? 16  GLN A CB  1 
ATOM   133 C  CG  . GLN A 1 16 ? 2.048   10.413  7.803   1.00 15.77 ? 16  GLN A CG  1 
ATOM   134 C  CD  . GLN A 1 16 ? 2.775   11.519  7.054   1.00 19.48 ? 16  GLN A CD  1 
ATOM   135 O  OE1 . GLN A 1 16 ? 2.837   12.659  7.537   1.00 24.85 ? 16  GLN A OE1 1 
ATOM   136 N  NE2 . GLN A 1 16 ? 3.306   11.223  5.891   1.00 18.31 ? 16  GLN A NE2 1 
ATOM   137 N  N   . CYS A 1 17 ? -0.295  7.220   5.341   1.00 11.88 ? 17  CYS A N   1 
ATOM   138 C  CA  . CYS A 1 17 ? -0.546  6.070   4.465   1.00 11.35 ? 17  CYS A CA  1 
ATOM   139 C  C   . CYS A 1 17 ? -0.987  6.511   3.067   1.00 12.72 ? 17  CYS A C   1 
ATOM   140 O  O   . CYS A 1 17 ? -0.630  5.894   2.075   1.00 13.55 ? 17  CYS A O   1 
ATOM   141 C  CB  . CYS A 1 17 ? -1.622  5.169   5.052   1.00 11.98 ? 17  CYS A CB  1 
ATOM   142 S  SG  . CYS A 1 17 ? -1.197  4.331   6.585   1.00 13.42 ? 17  CYS A SG  1 
ATOM   143 N  N   . LYS A 1 18 ? -1.771  7.575   2.994   1.00 11.75 ? 18  LYS A N   1 
ATOM   144 C  CA  . LYS A 1 18 ? -2.256  8.062   1.709   1.00 13.56 ? 18  LYS A CA  1 
ATOM   145 C  C   . LYS A 1 18 ? -1.143  8.689   0.898   1.00 12.68 ? 18  LYS A C   1 
ATOM   146 O  O   . LYS A 1 18 ? -1.118  8.585   -0.320  1.00 14.72 ? 18  LYS A O   1 
ATOM   147 C  CB  . LYS A 1 18 ? -3.341  9.112   1.908   1.00 16.85 ? 18  LYS A CB  1 
ATOM   148 C  CG  . LYS A 1 18 ? -4.715  8.557   2.201   1.00 21.88 ? 18  LYS A CG  1 
ATOM   149 C  CD  . LYS A 1 18 ? -5.770  9.665   2.225   1.00 29.28 ? 18  LYS A CD  1 
ATOM   150 C  CE  . LYS A 1 18 ? -6.230  10.071  0.828   1.00 38.53 ? 18  LYS A CE  1 
ATOM   151 N  NZ  . LYS A 1 18 ? -7.478  10.898  0.818   1.00 39.66 ? 18  LYS A NZ  1 
ATOM   152 N  N   . HIS A 1 19 ? -0.237  9.387   1.567   1.00 11.50 ? 19  HIS A N   1 
ATOM   153 C  CA  . HIS A 1 19 ? 0.653   10.299  0.872   1.00 11.67 ? 19  HIS A CA  1 
ATOM   154 C  C   . HIS A 1 19 ? 2.128   9.952   0.935   1.00 11.79 ? 19  HIS A C   1 
ATOM   155 O  O   . HIS A 1 19 ? 2.951   10.712  0.418   1.00 13.77 ? 19  HIS A O   1 
ATOM   156 C  CB  . HIS A 1 19 ? 0.404   11.718  1.405   1.00 12.93 ? 19  HIS A CB  1 
ATOM   157 C  CG  . HIS A 1 19 ? -0.984  12.212  1.151   1.00 14.52 ? 19  HIS A CG  1 
ATOM   158 N  ND1 . HIS A 1 19 ? -1.488  12.406  -0.119  1.00 17.87 ? 19  HIS A ND1 1 
ATOM   159 C  CD2 . HIS A 1 19 ? -1.964  12.576  2.008   1.00 15.93 ? 19  HIS A CD2 1 
ATOM   160 C  CE1 . HIS A 1 19 ? -2.731  12.840  -0.028  1.00 19.20 ? 19  HIS A CE1 1 
ATOM   161 N  NE2 . HIS A 1 19 ? -3.044  12.955  1.249   1.00 18.19 ? 19  HIS A NE2 1 
ATOM   162 N  N   . SER A 1 20 ? 2.494   8.794   1.502   1.00 10.92 ? 20  SER A N   1 
ATOM   163 C  CA  . SER A 1 20 ? 3.890   8.368   1.514   1.00 10.99 ? 20  SER A CA  1 
ATOM   164 C  C   . SER A 1 20 ? 4.049   6.884   1.243   1.00 10.89 ? 20  SER A C   1 
ATOM   165 O  O   . SER A 1 20 ? 3.631   6.037   2.041   1.00 10.23 ? 20  SER A O   1 
ATOM   166 C  CB  . SER A 1 20 ? 4.554   8.697   2.847   1.00 12.02 ? 20  SER A CB  1 
ATOM   167 O  OG  . SER A 1 20 ? 5.865   8.150   2.914   1.00 13.73 ? 20  SER A OG  1 
ATOM   168 N  N   . MET A 1 21 ? 4.741   6.565   0.159   1.00 10.97 ? 21  MET A N   1 
ATOM   169 C  CA  . MET A 1 21 ? 5.054   5.198   -0.189  1.00 9.17  ? 21  MET A CA  1 
ATOM   170 C  C   . MET A 1 21 ? 5.912   4.541   0.863   1.00 8.95  ? 21  MET A C   1 
ATOM   171 O  O   . MET A 1 21 ? 5.749   3.350   1.139   1.00 8.33  ? 21  MET A O   1 
ATOM   172 C  CB  . MET A 1 21 ? 5.768   5.099   -1.538  1.00 9.19  ? 21  MET A CB  1 
ATOM   173 C  CG  . MET A 1 21 ? 5.739   3.691   -2.079  1.00 9.26  ? 21  MET A CG  1 
ATOM   174 S  SD  . MET A 1 21 ? 6.667   3.410   -3.584  1.00 10.35 ? 21  MET A SD  1 
ATOM   175 C  CE  . MET A 1 21 ? 5.750   4.371   -4.735  1.00 11.15 ? 21  MET A CE  1 
ATOM   176 N  N   . LYS A 1 22 ? 6.781   5.321   1.491   1.00 8.89  ? 22  LYS A N   1 
ATOM   177 C  CA  A LYS A 1 22 ? 7.672   4.770   2.487   0.25 8.71  ? 22  LYS A CA  1 
ATOM   178 C  CA  B LYS A 1 22 ? 7.660   4.785   2.525   0.25 8.98  ? 22  LYS A CA  1 
ATOM   179 C  CA  C LYS A 1 22 ? 7.667   4.834   2.547   0.50 9.19  ? 22  LYS A CA  1 
ATOM   180 C  C   . LYS A 1 22 ? 6.841   4.304   3.708   1.00 9.52  ? 22  LYS A C   1 
ATOM   181 O  O   . LYS A 1 22 ? 7.124   3.250   4.292   1.00 8.92  ? 22  LYS A O   1 
ATOM   182 C  CB  A LYS A 1 22 ? 8.775   5.788   2.820   0.25 8.70  ? 22  LYS A CB  1 
ATOM   183 C  CB  B LYS A 1 22 ? 8.680   5.825   2.977   0.25 8.88  ? 22  LYS A CB  1 
ATOM   184 C  CB  C LYS A 1 22 ? 8.577   5.970   3.054   0.50 9.09  ? 22  LYS A CB  1 
ATOM   185 C  CG  A LYS A 1 22 ? 9.642   6.161   1.599   0.25 8.68  ? 22  LYS A CG  1 
ATOM   186 C  CG  B LYS A 1 22 ? 9.754   6.060   1.934   0.25 9.10  ? 22  LYS A CG  1 
ATOM   187 C  CG  C LYS A 1 22 ? 9.536   6.489   1.988   0.50 10.19 ? 22  LYS A CG  1 
ATOM   188 C  CD  A LYS A 1 22 ? 10.563  7.367   1.825   0.25 8.12  ? 22  LYS A CD  1 
ATOM   189 C  CD  B LYS A 1 22 ? 10.818  7.028   2.410   0.25 8.62  ? 22  LYS A CD  1 
ATOM   190 C  CD  C LYS A 1 22 ? 10.389  7.678   2.430   0.50 12.14 ? 22  LYS A CD  1 
ATOM   191 C  CE  A LYS A 1 22 ? 10.946  8.088   0.518   0.25 8.08  ? 22  LYS A CE  1 
ATOM   192 C  CE  C LYS A 1 22 ? 11.110  8.307   1.239   0.50 15.03 ? 22  LYS A CE  1 
ATOM   193 N  NZ  A LYS A 1 22 ? 12.195  8.920   0.565   0.25 9.24  ? 22  LYS A NZ  1 
ATOM   194 N  NZ  C LYS A 1 22 ? 10.214  9.209   0.471   0.50 18.48 ? 22  LYS A NZ  1 
ATOM   195 N  N   . TYR A 1 23 ? 5.812   5.072   4.085   1.00 9.13  ? 23  TYR A N   1 
ATOM   196 C  CA  . TYR A 1 23 ? 4.929   4.620   5.153   1.00 8.88  ? 23  TYR A CA  1 
ATOM   197 C  C   . TYR A 1 23 ? 4.181   3.365   4.754   1.00 8.42  ? 23  TYR A C   1 
ATOM   198 O  O   . TYR A 1 23 ? 4.058   2.464   5.563   1.00 8.12  ? 23  TYR A O   1 
ATOM   199 C  CB  . TYR A 1 23 ? 3.960   5.719   5.599   1.00 9.55  ? 23  TYR A CB  1 
ATOM   200 C  CG  . TYR A 1 23 ? 4.511   6.755   6.552   1.00 10.29 ? 23  TYR A CG  1 
ATOM   201 C  CD1 . TYR A 1 23 ? 5.466   7.665   6.154   1.00 11.84 ? 23  TYR A CD1 1 
ATOM   202 C  CD2 . TYR A 1 23 ? 4.055   6.841   7.854   1.00 11.05 ? 23  TYR A CD2 1 
ATOM   203 C  CE1 . TYR A 1 23 ? 5.942   8.638   7.032   1.00 14.52 ? 23  TYR A CE1 1 
ATOM   204 C  CE2 . TYR A 1 23 ? 4.522   7.809   8.735   1.00 14.24 ? 23  TYR A CE2 1 
ATOM   205 C  CZ  . TYR A 1 23 ? 5.473   8.690   8.333   1.00 15.36 ? 23  TYR A CZ  1 
ATOM   206 O  OH  . TYR A 1 23 ? 5.905   9.643   9.236   1.00 19.15 ? 23  TYR A OH  1 
ATOM   207 N  N   . ARG A 1 24 ? 3.645   3.323   3.535   1.00 8.08  ? 24  ARG A N   1 
ATOM   208 C  CA  . ARG A 1 24 ? 2.889   2.153   3.125   1.00 8.73  ? 24  ARG A CA  1 
ATOM   209 C  C   . ARG A 1 24 ? 3.733   0.887   3.061   1.00 8.51  ? 24  ARG A C   1 
ATOM   210 O  O   . ARG A 1 24 ? 3.277   -0.163  3.517   1.00 9.31  ? 24  ARG A O   1 
ATOM   211 C  CB  . ARG A 1 24 ? 2.256   2.365   1.757   1.00 9.39  ? 24  ARG A CB  1 
ATOM   212 C  CG  . ARG A 1 24 ? 1.142   3.410   1.736   1.00 10.25 ? 24  ARG A CG  1 
ATOM   213 C  CD  . ARG A 1 24 ? 0.434   3.491   0.392   1.00 10.70 ? 24  ARG A CD  1 
ATOM   214 N  NE  . ARG A 1 24 ? 1.308   3.924   -0.701  1.00 10.65 ? 24  ARG A NE  1 
ATOM   215 C  CZ  . ARG A 1 24 ? 1.517   5.183   -1.079  1.00 10.50 ? 24  ARG A CZ  1 
ATOM   216 N  NH1 . ARG A 1 24 ? 2.291   5.419   -2.128  1.00 11.43 ? 24  ARG A NH1 1 
ATOM   217 N  NH2 . ARG A 1 24 ? 1.026   6.199   -0.385  1.00 12.17 ? 24  ARG A NH2 1 
ATOM   218 N  N   . LEU A 1 25 ? 4.960   0.992   2.546   1.00 8.45  ? 25  LEU A N   1 
ATOM   219 C  CA  . LEU A 1 25 ? 5.702   -0.219  2.163   1.00 8.78  ? 25  LEU A CA  1 
ATOM   220 C  C   . LEU A 1 25 ? 6.824   -0.579  3.127   1.00 9.39  ? 25  LEU A C   1 
ATOM   221 O  O   . LEU A 1 25 ? 7.296   -1.698  3.076   1.00 11.14 ? 25  LEU A O   1 
ATOM   222 C  CB  . LEU A 1 25 ? 6.286   -0.133  0.735   1.00 9.35  ? 25  LEU A CB  1 
ATOM   223 C  CG  . LEU A 1 25 ? 5.261   0.074   -0.366  1.00 10.68 ? 25  LEU A CG  1 
ATOM   224 C  CD1 . LEU A 1 25 ? 5.894   0.034   -1.755  1.00 12.24 ? 25  LEU A CD1 1 
ATOM   225 C  CD2 . LEU A 1 25 ? 4.153   -0.957  -0.276  1.00 12.12 ? 25  LEU A CD2 1 
ATOM   226 N  N   . SER A 1 26 ? 7.209   0.353   4.001   1.00 8.60  ? 26  SER A N   1 
ATOM   227 C  CA  . SER A 1 26 ? 8.280   0.114   4.954   1.00 9.91  ? 26  SER A CA  1 
ATOM   228 C  C   . SER A 1 26 ? 7.841   0.311   6.397   1.00 8.33  ? 26  SER A C   1 
ATOM   229 O  O   . SER A 1 26 ? 8.056   -0.567  7.234   1.00 10.67 ? 26  SER A O   1 
ATOM   230 C  CB  . SER A 1 26 ? 9.465   1.025   4.651   1.00 11.10 ? 26  SER A CB  1 
ATOM   231 O  OG  . SER A 1 26 ? 10.534  0.727   5.528   1.00 13.20 ? 26  SER A OG  1 
ATOM   232 N  N   . PHE A 1 27 ? 7.307   1.485   6.725   1.00 8.56  ? 27  PHE A N   1 
ATOM   233 C  CA  . PHE A 1 27 ? 7.180   1.863   8.127   1.00 9.24  ? 27  PHE A CA  1 
ATOM   234 C  C   . PHE A 1 27 ? 5.900   1.362   8.791   1.00 8.14  ? 27  PHE A C   1 
ATOM   235 O  O   . PHE A 1 27 ? 5.916   1.052   10.002  1.00 10.31 ? 27  PHE A O   1 
ATOM   236 C  CB  . PHE A 1 27 ? 7.189   3.380   8.313   1.00 9.99  ? 27  PHE A CB  1 
ATOM   237 C  CG  . PHE A 1 27 ? 8.376   4.118   7.721   1.00 11.17 ? 27  PHE A CG  1 
ATOM   238 C  CD1 . PHE A 1 27 ? 9.611   3.521   7.485   1.00 13.01 ? 27  PHE A CD1 1 
ATOM   239 C  CD2 . PHE A 1 27 ? 8.205   5.447   7.356   1.00 14.62 ? 27  PHE A CD2 1 
ATOM   240 C  CE1 . PHE A 1 27 ? 10.671  4.268   6.940   1.00 13.97 ? 27  PHE A CE1 1 
ATOM   241 C  CE2 . PHE A 1 27 ? 9.226   6.182   6.816   1.00 16.87 ? 27  PHE A CE2 1 
ATOM   242 C  CZ  . PHE A 1 27 ? 10.447  5.592   6.606   1.00 16.63 ? 27  PHE A CZ  1 
ATOM   243 N  N   . CYS A 1 28 ? 4.797   1.339   8.039   1.00 8.68  ? 28  CYS A N   1 
ATOM   244 C  CA  . CYS A 1 28 ? 3.464   1.081   8.593   1.00 9.10  ? 28  CYS A CA  1 
ATOM   245 C  C   . CYS A 1 28 ? 2.707   0.062   7.776   1.00 8.21  ? 28  CYS A C   1 
ATOM   246 O  O   . CYS A 1 28 ? 1.552   0.300   7.383   1.00 8.60  ? 28  CYS A O   1 
ATOM   247 C  CB  . CYS A 1 28 ? 2.679   2.395   8.618   1.00 10.36 ? 28  CYS A CB  1 
ATOM   248 S  SG  . CYS A 1 28 ? 3.425   3.683   9.656   1.00 10.78 ? 28  CYS A SG  1 
ATOM   249 N  N   A ARG A 1 29 ? 3.326   -1.085  7.509   0.50 8.31  ? 29  ARG A N   1 
ATOM   250 N  N   B ARG A 1 29 ? 3.319   -1.084  7.512   0.50 8.32  ? 29  ARG A N   1 
ATOM   251 C  CA  A ARG A 1 29 ? 2.722   -2.093  6.635   0.50 9.07  ? 29  ARG A CA  1 
ATOM   252 C  CA  B ARG A 1 29 ? 2.710   -2.074  6.628   0.50 9.07  ? 29  ARG A CA  1 
ATOM   253 C  C   A ARG A 1 29 ? 1.397   -2.599  7.186   0.50 9.87  ? 29  ARG A C   1 
ATOM   254 C  C   B ARG A 1 29 ? 1.397   -2.608  7.184   0.50 9.87  ? 29  ARG A C   1 
ATOM   255 O  O   A ARG A 1 29 ? 0.458   -2.823  6.424   0.50 11.87 ? 29  ARG A O   1 
ATOM   256 O  O   B ARG A 1 29 ? 0.463   -2.857  6.425   0.50 11.91 ? 29  ARG A O   1 
ATOM   257 C  CB  A ARG A 1 29 ? 3.680   -3.260  6.373   0.50 10.11 ? 29  ARG A CB  1 
ATOM   258 C  CB  B ARG A 1 29 ? 3.686   -3.206  6.327   0.50 10.32 ? 29  ARG A CB  1 
ATOM   259 C  CG  A ARG A 1 29 ? 4.792   -2.899  5.403   0.50 10.37 ? 29  ARG A CG  1 
ATOM   260 C  CG  B ARG A 1 29 ? 4.855   -2.721  5.490   0.50 10.87 ? 29  ARG A CG  1 
ATOM   261 C  CD  A ARG A 1 29 ? 5.810   -4.011  5.186   0.50 11.73 ? 29  ARG A CD  1 
ATOM   262 C  CD  B ARG A 1 29 ? 5.928   -3.773  5.284   0.50 12.73 ? 29  ARG A CD  1 
ATOM   263 N  NE  A ARG A 1 29 ? 5.225   -5.154  4.502   0.50 11.64 ? 29  ARG A NE  1 
ATOM   264 N  NE  B ARG A 1 29 ? 5.390   -4.906  4.561   0.50 14.11 ? 29  ARG A NE  1 
ATOM   265 C  CZ  A ARG A 1 29 ? 4.937   -6.293  5.116   0.50 11.33 ? 29  ARG A CZ  1 
ATOM   266 C  CZ  B ARG A 1 29 ? 5.214   -4.973  3.247   0.50 17.01 ? 29  ARG A CZ  1 
ATOM   267 N  NH1 A ARG A 1 29 ? 5.240   -6.451  6.393   0.50 12.93 ? 29  ARG A NH1 1 
ATOM   268 N  NH1 B ARG A 1 29 ? 5.567   -3.985  2.412   0.50 15.65 ? 29  ARG A NH1 1 
ATOM   269 N  NH2 A ARG A 1 29 ? 4.391   -7.289  4.441   0.50 14.57 ? 29  ARG A NH2 1 
ATOM   270 N  NH2 B ARG A 1 29 ? 4.693   -6.075  2.763   0.50 20.39 ? 29  ARG A NH2 1 
ATOM   271 N  N   . LYS A 1 30 ? 1.317   -2.770  8.506   1.00 9.19  ? 30  LYS A N   1 
ATOM   272 C  CA  . LYS A 1 30 ? 0.046   -3.182  9.121   1.00 11.40 ? 30  LYS A CA  1 
ATOM   273 C  C   . LYS A 1 30 ? -0.993  -2.054  9.079   1.00 10.54 ? 30  LYS A C   1 
ATOM   274 O  O   . LYS A 1 30 ? -2.126  -2.284  8.633   1.00 11.96 ? 30  LYS A O   1 
ATOM   275 C  CB  . LYS A 1 30 ? 0.276   -3.688  10.547  1.00 14.50 ? 30  LYS A CB  1 
ATOM   276 C  CG  . LYS A 1 30 ? -0.946  -4.386  11.155  1.00 19.65 ? 30  LYS A CG  1 
ATOM   277 C  CD  . LYS A 1 30 ? -1.059  -4.211  12.668  1.00 27.62 ? 30  LYS A CD  1 
ATOM   278 C  CE  . LYS A 1 30 ? 0.011   -4.984  13.426  1.00 33.42 ? 30  LYS A CE  1 
ATOM   279 N  NZ  . LYS A 1 30 ? -0.198  -5.039  14.906  1.00 39.39 ? 30  LYS A NZ  1 
ATOM   280 N  N   . THR A 1 31 ? -0.664  -0.870  9.590   1.00 11.19 ? 31  THR A N   1 
ATOM   281 C  CA  . THR A 1 31 ? -1.663  0.202   9.703   1.00 11.95 ? 31  THR A CA  1 
ATOM   282 C  C   . THR A 1 31 ? -2.146  0.698   8.363   1.00 11.21 ? 31  THR A C   1 
ATOM   283 O  O   . THR A 1 31 ? -3.304  1.101   8.236   1.00 13.82 ? 31  THR A O   1 
ATOM   284 C  CB  . THR A 1 31 ? -1.113  1.405   10.476  1.00 13.94 ? 31  THR A CB  1 
ATOM   285 O  OG1 . THR A 1 31 ? -0.990  1.024   11.830  1.00 15.61 ? 31  THR A OG1 1 
ATOM   286 C  CG2 . THR A 1 31 ? -2.044  2.607   10.416  1.00 15.38 ? 31  THR A CG2 1 
ATOM   287 N  N   . CYS A 1 32 ? -1.271  0.666   7.358   1.00 10.91 ? 32  CYS A N   1 
ATOM   288 C  CA  . CYS A 1 32 ? -1.672  1.089   6.042   1.00 11.13 ? 32  CYS A CA  1 
ATOM   289 C  C   . CYS A 1 32 ? -2.307  -0.031  5.230   1.00 12.23 ? 32  CYS A C   1 
ATOM   290 O  O   . CYS A 1 32 ? -2.698  0.214   4.092   1.00 15.05 ? 32  CYS A O   1 
ATOM   291 C  CB  . CYS A 1 32 ? -0.486  1.693   5.284   1.00 10.31 ? 32  CYS A CB  1 
ATOM   292 S  SG  . CYS A 1 32 ? 0.312   3.119   6.068   1.00 11.06 ? 32  CYS A SG  1 
ATOM   293 N  N   . GLY A 1 33 ? -2.518  -1.209  5.821   1.00 12.35 ? 33  GLY A N   1 
ATOM   294 C  CA  . GLY A 1 33 ? -3.175  -2.294  5.106   1.00 13.31 ? 33  GLY A CA  1 
ATOM   295 C  C   . GLY A 1 33 ? -2.394  -2.810  3.919   1.00 12.32 ? 33  GLY A C   1 
ATOM   296 O  O   . GLY A 1 33 ? -2.970  -3.278  2.942   1.00 13.40 ? 33  GLY A O   1 
ATOM   297 N  N   . THR A 1 34 ? -1.069  -2.708  4.011   1.00 11.52 ? 34  THR A N   1 
ATOM   298 C  CA  . THR A 1 34 ? -0.213  -3.253  2.982   1.00 10.02 ? 34  THR A CA  1 
ATOM   299 C  C   . THR A 1 34 ? -0.079  -4.735  3.151   1.00 9.18  ? 34  THR A C   1 
ATOM   300 O  O   . THR A 1 34 ? 0.223   -5.463  2.222   1.00 11.86 ? 34  THR A O   1 
ATOM   301 C  CB  . THR A 1 34 ? 1.152   -2.582  3.066   1.00 9.47  ? 34  THR A CB  1 
ATOM   302 O  OG1 . THR A 1 34 ? 0.924   -1.188  2.912   1.00 11.41 ? 34  THR A OG1 1 
ATOM   303 C  CG2 . THR A 1 34 ? 2.051   -3.046  1.960   1.00 10.53 ? 34  THR A CG2 1 
ATOM   304 N  N   . CYS A 1 35 ? -0.281  -5.178  4.373   1.00 11.83 ? 35  CYS A N   1 
ATOM   305 C  CA  . CYS A 1 35 ? -0.474  -6.570  4.633   1.00 13.66 ? 35  CYS A CA  1 
ATOM   306 C  C   . CYS A 1 35 ? -1.661  -6.782  5.529   1.00 16.83 ? 35  CYS A C   1 
ATOM   307 O  O   . CYS A 1 35 ? -2.123  -7.898  5.702   1.00 20.79 ? 35  CYS A O   1 
ATOM   308 C  CB  . CYS A 1 35 ? 0.770   -7.142  5.288   1.00 15.16 ? 35  CYS A CB  1 
ATOM   309 S  SG  . CYS A 1 35 ? 1.377   -6.273  6.766   1.00 18.48 ? 35  CYS A SG  1 
ATOM   310 O  OXT . CYS A 1 35 ? -2.155  -5.818  6.096   1.00 17.53 ? 35  CYS A OXT 1 
HETATM 311 N  N   . DAR B 2 1  ? -7.655  13.583  -7.497  1.00 18.32 ? 1   DAR B N   1 
HETATM 312 C  CA  . DAR B 2 1  ? -7.765  12.092  -7.554  1.00 17.43 ? 1   DAR B CA  1 
HETATM 313 C  CB  . DAR B 2 1  ? -7.730  11.473  -6.160  1.00 18.11 ? 1   DAR B CB  1 
HETATM 314 C  CG  . DAR B 2 1  ? -7.914  9.968   -6.207  1.00 18.41 ? 1   DAR B CG  1 
HETATM 315 C  CD  . DAR B 2 1  ? -8.020  9.346   -4.836  1.00 18.66 ? 1   DAR B CD  1 
HETATM 316 N  NE  . DAR B 2 1  ? -8.462  7.962   -4.947  1.00 19.59 ? 1   DAR B NE  1 
HETATM 317 C  CZ  . DAR B 2 1  ? -8.502  7.083   -3.953  1.00 22.12 ? 1   DAR B CZ  1 
HETATM 318 N  NH1 . DAR B 2 1  ? -8.950  5.856   -4.192  1.00 23.64 ? 1   DAR B NH1 1 
HETATM 319 N  NH2 . DAR B 2 1  ? -8.100  7.415   -2.736  1.00 23.62 ? 1   DAR B NH2 1 
HETATM 320 C  C   . DAR B 2 1  ? -6.636  11.524  -8.375  1.00 16.97 ? 1   DAR B C   1 
HETATM 321 O  O   . DAR B 2 1  ? -5.463  11.719  -8.047  1.00 20.59 ? 1   DAR B O   1 
HETATM 322 N  N   . DSN B 2 2  ? -6.963  10.822  -9.439  1.00 17.30 ? 2   DSN B N   1 
HETATM 323 C  CA  . DSN B 2 2  ? -5.931  10.396  -10.359 1.00 17.23 ? 2   DSN B CA  1 
HETATM 324 C  C   . DSN B 2 2  ? -5.184  9.176   -9.821  1.00 14.73 ? 2   DSN B C   1 
HETATM 325 O  O   . DSN B 2 2  ? -5.600  8.497   -8.861  1.00 17.41 ? 2   DSN B O   1 
HETATM 326 C  CB  . DSN B 2 2  ? -6.543  10.089  -11.711 1.00 17.98 ? 2   DSN B CB  1 
HETATM 327 O  OG  . DSN B 2 2  ? -7.682  9.318   -11.461 1.00 20.38 ? 2   DSN B OG  1 
HETATM 328 N  N   . DCY B 2 3  ? -4.036  8.950   -10.440 1.00 13.19 ? 3   DCY B N   1 
HETATM 329 C  CA  . DCY B 2 3  ? -3.202  7.801   -10.150 1.00 13.27 ? 3   DCY B CA  1 
HETATM 330 C  C   . DCY B 2 3  ? -3.214  6.874   -11.358 1.00 14.73 ? 3   DCY B C   1 
HETATM 331 O  O   . DCY B 2 3  ? -2.418  7.039   -12.278 1.00 18.26 ? 3   DCY B O   1 
HETATM 332 C  CB  . DCY B 2 3  ? -1.794  8.238   -9.793  1.00 15.98 ? 3   DCY B CB  1 
HETATM 333 S  SG  . DCY B 2 3  ? -0.744  6.799   -9.525  1.00 18.48 ? 3   DCY B SG  1 
HETATM 334 N  N   . DIL B 2 4  ? -4.092  5.995   -11.325 1.00 12.85 ? 4   DIL B N   1 
HETATM 335 C  CA  . DIL B 2 4  ? -4.395  5.125   -12.451 1.00 13.79 ? 4   DIL B CA  1 
HETATM 336 C  C   . DIL B 2 4  ? -4.739  3.749   -11.935 1.00 12.62 ? 4   DIL B C   1 
HETATM 337 O  O   . DIL B 2 4  ? -5.327  3.606   -10.870 1.00 16.69 ? 4   DIL B O   1 
HETATM 338 C  CB  . DIL B 2 4  ? -5.484  5.490   -13.498 1.00 15.84 ? 4   DIL B CB  1 
HETATM 339 C  CG1 . DIL B 2 4  ? -6.961  5.357   -12.919 1.00 17.40 ? 4   DIL B CG1 1 
HETATM 340 C  CG2 . DIL B 2 4  ? -5.017  6.887   -14.175 1.00 17.27 ? 4   DIL B CG2 1 
HETATM 341 C  CD1 . DIL B 2 4  ? -7.970  5.630   -13.998 1.00 19.40 ? 4   DIL B CD1 1 
HETATM 342 N  N   . DAS B 2 5  ? -4.471  2.696   -12.790 1.00 11.26 ? 5   DAS B N   1 
HETATM 343 C  CA  . DAS B 2 5  ? -5.015  1.364   -12.590 1.00 11.16 ? 5   DAS B CA  1 
HETATM 344 C  C   . DAS B 2 5  ? -6.442  1.301   -13.185 1.00 10.19 ? 5   DAS B C   1 
HETATM 345 O  O   . DAS B 2 5  ? -6.732  1.920   -14.213 1.00 12.37 ? 5   DAS B O   1 
HETATM 346 C  CB  . DAS B 2 5  ? -4.127  0.327   -13.252 1.00 10.86 ? 5   DAS B CB  1 
HETATM 347 C  CG  . DAS B 2 5  ? -2.723  0.278   -12.663 1.00 11.31 ? 5   DAS B CG  1 
HETATM 348 O  OD1 . DAS B 2 5  ? -2.536  0.464   -11.443 1.00 11.18 ? 5   DAS B OD1 1 
HETATM 349 O  OD2 . DAS B 2 5  ? -1.786  0.017   -13.455 1.00 15.75 ? 5   DAS B OD2 1 
HETATM 350 N  N   . DTH B 2 6  ? -7.342  0.577   -12.519 1.00 10.96 ? 6   DTH B N   1 
HETATM 351 C  CA  . DTH B 2 6  ? -8.743  0.477   -12.914 1.00 11.53 ? 6   DTH B CA  1 
HETATM 352 C  CB  . DTH B 2 6  ? -9.601  0.821   -11.712 1.00 13.48 ? 6   DTH B CB  1 
HETATM 353 C  CG2 . DTH B 2 6  ? -9.740  2.175   -11.279 1.00 13.41 ? 6   DTH B CG2 1 
HETATM 354 O  OG1 . DTH B 2 6  ? -9.793  -0.234  -10.797 1.00 14.92 ? 6   DTH B OG1 1 
HETATM 355 C  C   . DTH B 2 6  ? -9.106  -0.890  -13.505 1.00 11.92 ? 6   DTH B C   1 
HETATM 356 O  O   . DTH B 2 6  ? -10.276 -1.145  -13.775 1.00 13.76 ? 6   DTH B O   1 
HETATM 357 N  N   . DIL B 2 7  ? -8.103  -1.735  -13.710 1.00 9.85  ? 7   DIL B N   1 
HETATM 358 C  CA  . DIL B 2 7  ? -8.229  -3.038  -14.393 1.00 9.88  ? 7   DIL B CA  1 
HETATM 359 C  C   . DIL B 2 7  ? -7.119  -3.017  -15.465 1.00 9.64  ? 7   DIL B C   1 
HETATM 360 O  O   . DIL B 2 7  ? -6.224  -2.172  -15.420 1.00 10.19 ? 7   DIL B O   1 
HETATM 361 C  CB  . DIL B 2 7  ? -8.136  -4.118  -13.347 1.00 10.24 ? 7   DIL B CB  1 
HETATM 362 C  CG1 . DIL B 2 7  ? -6.775  -4.441  -12.846 1.00 10.46 ? 7   DIL B CG1 1 
HETATM 363 C  CG2 . DIL B 2 7  ? -9.240  -4.183  -12.439 1.00 12.55 ? 7   DIL B CG2 1 
HETATM 364 C  CD1 . DIL B 2 7  ? -6.736  -5.685  -12.000 1.00 11.32 ? 7   DIL B CD1 1 
HETATM 365 N  N   . DPR B 2 8  ? -7.124  -3.958  -16.419 1.00 10.12 ? 8   DPR B N   1 
HETATM 366 C  CA  . DPR B 2 8  ? -6.069  -3.973  -17.443 1.00 10.36 ? 8   DPR B CA  1 
HETATM 367 C  CB  . DPR B 2 8  ? -6.431  -5.141  -18.366 1.00 11.47 ? 8   DPR B CB  1 
HETATM 368 C  CG  . DPR B 2 8  ? -7.784  -5.563  -17.955 1.00 12.26 ? 8   DPR B CG  1 
HETATM 369 C  CD  . DPR B 2 8  ? -8.220  -4.891  -16.716 1.00 11.34 ? 8   DPR B CD  1 
HETATM 370 C  C   . DPR B 2 8  ? -4.704  -4.146  -16.805 1.00 9.80  ? 8   DPR B C   1 
HETATM 371 O  O   . DPR B 2 8  ? -4.510  -4.857  -15.836 1.00 9.81  ? 8   DPR B O   1 
HETATM 372 N  N   . DLY B 2 9  ? -3.737  -3.478  -17.393 1.00 10.93 ? 9   DLY B N   1 
HETATM 373 C  CA  . DLY B 2 9  ? -2.405  -3.381  -16.841 1.00 12.44 ? 9   DLY B CA  1 
HETATM 374 C  C   . DLY B 2 9  ? -1.802  -4.767  -16.604 1.00 11.88 ? 9   DLY B C   1 
HETATM 375 O  O   . DLY B 2 9  ? -1.151  -5.001  -15.581 1.00 12.87 ? 9   DLY B O   1 
HETATM 376 C  CB  . DLY B 2 9  ? -1.505  -2.568  -17.789 1.00 15.08 ? 9   DLY B CB  1 
HETATM 377 C  CG  . DLY B 2 9  ? -0.003  -2.610  -17.507 1.00 17.80 ? 9   DLY B CG  1 
HETATM 378 C  CD  . DLY B 2 9  ? 0.311   -1.908  -16.201 1.00 22.63 ? 9   DLY B CD  1 
HETATM 379 C  CE  . DLY B 2 9  ? 1.787   -1.567  -16.063 1.00 28.56 ? 9   DLY B CE  1 
HETATM 380 N  NZ  . DLY B 2 9  ? 2.696   -2.706  -16.373 1.00 32.79 ? 9   DLY B NZ  1 
HETATM 381 N  N   A DSN B 2 10 ? -2.016  -5.697  -17.530 0.50 11.68 ? 10  DSN B N   1 
HETATM 382 N  N   B DSN B 2 10 ? -2.004  -5.685  -17.544 0.50 11.57 ? 10  DSN B N   1 
HETATM 383 C  CA  A DSN B 2 10 ? -1.439  -7.028  -17.414 0.50 13.04 ? 10  DSN B CA  1 
HETATM 384 C  CA  B DSN B 2 10 ? -1.519  -7.058  -17.477 0.50 13.70 ? 10  DSN B CA  1 
HETATM 385 C  C   A DSN B 2 10 ? -1.950  -7.817  -16.196 0.50 12.29 ? 10  DSN B C   1 
HETATM 386 C  C   B DSN B 2 10 ? -1.981  -7.834  -16.234 0.50 12.22 ? 10  DSN B C   1 
HETATM 387 O  O   A DSN B 2 10 ? -1.317  -8.793  -15.799 0.50 13.98 ? 10  DSN B O   1 
HETATM 388 O  O   B DSN B 2 10 ? -1.351  -8.822  -15.864 0.50 14.20 ? 10  DSN B O   1 
HETATM 389 C  CB  A DSN B 2 10 ? -1.693  -7.833  -18.689 0.50 16.47 ? 10  DSN B CB  1 
HETATM 390 C  CB  B DSN B 2 10 ? -1.939  -7.825  -18.738 0.50 12.88 ? 10  DSN B CB  1 
HETATM 391 O  OG  A DSN B 2 10 ? -0.955  -7.287  -19.768 0.50 19.82 ? 10  DSN B OG  1 
HETATM 392 O  OG  B DSN B 2 10 ? -1.421  -9.132  -18.734 0.50 17.65 ? 10  DSN B OG  1 
HETATM 393 N  N   . DAR B 2 11 ? -3.060  -7.402  -15.587 1.00 12.15 ? 11  DAR B N   1 
HETATM 394 C  CA  . DAR B 2 11 ? -3.520  -8.027  -14.343 1.00 12.08 ? 11  DAR B CA  1 
HETATM 395 C  CB  . DAR B 2 11 ? -5.039  -7.843  -14.170 1.00 12.32 ? 11  DAR B CB  1 
HETATM 396 C  CG  . DAR B 2 11 ? -5.912  -8.568  -15.184 1.00 13.26 ? 11  DAR B CG  1 
HETATM 397 C  CD  . DAR B 2 11 ? -7.415  -8.520  -14.878 1.00 16.30 ? 11  DAR B CD  1 
HETATM 398 N  NE  . DAR B 2 11 ? -7.741  -9.019  -13.549 1.00 18.47 ? 11  DAR B NE  1 
HETATM 399 C  CZ  . DAR B 2 11 ? -8.847  -8.751  -12.846 1.00 21.76 ? 11  DAR B CZ  1 
HETATM 400 N  NH1 . DAR B 2 11 ? -9.833  -7.982  -13.326 1.00 23.10 ? 11  DAR B NH1 1 
HETATM 401 N  NH2 . DAR B 2 11 ? -8.975  -9.260  -11.619 1.00 26.32 ? 11  DAR B NH2 1 
HETATM 402 C  C   . DAR B 2 11 ? -2.807  -7.495  -13.107 1.00 12.11 ? 11  DAR B C   1 
HETATM 403 O  O   . DAR B 2 11 ? -2.849  -8.116  -12.040 1.00 12.33 ? 11  DAR B O   1 
HETATM 404 N  N   . DCY B 2 12 ? -2.196  -6.326  -13.215 1.00 12.35 ? 12  DCY B N   1 
HETATM 405 C  CA  . DCY B 2 12 ? -1.550  -5.729  -12.058 1.00 12.36 ? 12  DCY B CA  1 
HETATM 406 C  C   . DCY B 2 12 ? -0.150  -6.287  -12.000 1.00 13.46 ? 12  DCY B C   1 
HETATM 407 O  O   . DCY B 2 12 ? 0.759   -5.824  -12.697 1.00 18.43 ? 12  DCY B O   1 
HETATM 408 C  CB  . DCY B 2 12 ? -1.538  -4.211  -12.152 1.00 11.99 ? 12  DCY B CB  1 
HETATM 409 S  SG  . DCY B 2 12 ? -3.191  -3.457  -12.237 1.00 11.00 ? 12  DCY B SG  1 
HETATM 410 N  N   . DTH B 2 13 ? -0.006  -7.335  -11.204 1.00 11.77 ? 13  DTH B N   1 
HETATM 411 C  CA  . DTH B 2 13 ? 1.208   -8.117  -11.125 1.00 13.04 ? 13  DTH B CA  1 
HETATM 412 C  CB  . DTH B 2 13 ? 0.866   -9.550  -11.394 1.00 14.19 ? 13  DTH B CB  1 
HETATM 413 C  CG2 . DTH B 2 13 ? 0.326   -9.932  -12.671 1.00 15.55 ? 13  DTH B CG2 1 
HETATM 414 O  OG1 . DTH B 2 13 ? 0.290   -10.191 -10.297 1.00 14.70 ? 13  DTH B OG1 1 
HETATM 415 C  C   . DTH B 2 13 ? 1.776   -7.933  -9.710  1.00 12.97 ? 13  DTH B C   1 
HETATM 416 O  O   . DTH B 2 13 ? 1.024   -7.651  -8.745  1.00 12.10 ? 13  DTH B O   1 
HETATM 417 N  N   . DAL B 2 14 ? 3.086   -8.098  -9.558  1.00 14.50 ? 14  DAL B N   1 
HETATM 418 C  CA  . DAL B 2 14 ? 3.668   -7.940  -8.228  1.00 15.24 ? 14  DAL B CA  1 
HETATM 419 C  CB  . DAL B 2 14 ? 5.182   -8.056  -8.282  1.00 16.14 ? 14  DAL B CB  1 
HETATM 420 C  C   . DAL B 2 14 ? 3.067   -8.926  -7.216  1.00 13.82 ? 14  DAL B C   1 
HETATM 421 O  O   . DAL B 2 14 ? 2.914   -8.584  -6.042  1.00 14.22 ? 14  DAL B O   1 
HETATM 422 N  N   . DPN B 2 15 ? 2.710   -10.133 -7.667  1.00 12.87 ? 15  DPN B N   1 
HETATM 423 C  CA  . DPN B 2 15 ? 2.140   -11.124 -6.751  1.00 12.86 ? 15  DPN B CA  1 
HETATM 424 C  C   . DPN B 2 15 ? 0.842   -10.615 -6.147  1.00 12.82 ? 15  DPN B C   1 
HETATM 425 O  O   . DPN B 2 15 ? 0.665   -10.652 -4.934  1.00 12.38 ? 15  DPN B O   1 
HETATM 426 C  CB  . DPN B 2 15 ? 1.952   -12.503 -7.413  1.00 14.28 ? 15  DPN B CB  1 
HETATM 427 C  CG  . DPN B 2 15 ? 1.415   -13.566 -6.479  1.00 13.54 ? 15  DPN B CG  1 
HETATM 428 C  CD1 . DPN B 2 15 ? 2.278   -14.457 -5.842  1.00 14.18 ? 15  DPN B CD1 1 
HETATM 429 C  CD2 . DPN B 2 15 ? 0.060   -13.706 -6.261  1.00 14.98 ? 15  DPN B CD2 1 
HETATM 430 C  CE1 . DPN B 2 15 ? 1.799   -15.430 -4.978  1.00 14.68 ? 15  DPN B CE1 1 
HETATM 431 C  CE2 . DPN B 2 15 ? -0.432  -14.681 -5.406  1.00 17.01 ? 15  DPN B CE2 1 
HETATM 432 C  CZ  . DPN B 2 15 ? 0.439   -15.559 -4.775  1.00 17.28 ? 15  DPN B CZ  1 
HETATM 433 N  N   . DGN B 2 16 ? -0.042  -10.112 -7.002  1.00 11.27 ? 16  DGN B N   1 
HETATM 434 C  CA  . DGN B 2 16 ? -1.329  -9.633  -6.513  1.00 12.09 ? 16  DGN B CA  1 
HETATM 435 C  C   . DGN B 2 16 ? -1.194  -8.370  -5.685  1.00 10.69 ? 16  DGN B C   1 
HETATM 436 O  O   . DGN B 2 16 ? -1.945  -8.189  -4.735  1.00 12.63 ? 16  DGN B O   1 
HETATM 437 C  CB  . DGN B 2 16 ? -2.311  -9.391  -7.654  1.00 13.32 ? 16  DGN B CB  1 
HETATM 438 C  CG  . DGN B 2 16 ? -2.618  -10.605 -8.531  1.00 15.94 ? 16  DGN B CG  1 
HETATM 439 C  CD  . DGN B 2 16 ? -3.077  -11.854 -7.786  1.00 17.70 ? 16  DGN B CD  1 
HETATM 440 O  OE1 . DGN B 2 16 ? -2.854  -12.985 -8.252  1.00 22.33 ? 16  DGN B OE1 1 
HETATM 441 N  NE2 . DGN B 2 16 ? -3.737  -11.673 -6.655  1.00 15.88 ? 16  DGN B NE2 1 
HETATM 442 N  N   . DCY B 2 17 ? -0.258  -7.494  -6.040  1.00 9.79  ? 17  DCY B N   1 
HETATM 443 C  CA  . DCY B 2 17 ? -0.002  -6.346  -5.177  1.00 11.52 ? 17  DCY B CA  1 
HETATM 444 C  C   . DCY B 2 17 ? 0.389   -6.804  -3.778  1.00 11.69 ? 17  DCY B C   1 
HETATM 445 O  O   . DCY B 2 17 ? -0.091  -6.259  -2.784  1.00 13.36 ? 17  DCY B O   1 
HETATM 446 C  CB  . DCY B 2 17 ? 1.119   -5.476  -5.742  1.00 12.83 ? 17  DCY B CB  1 
HETATM 447 S  SG  . DCY B 2 17 ? 0.715   -4.613  -7.271  1.00 12.34 ? 17  DCY B SG  1 
HETATM 448 N  N   . DLY B 2 18 ? 1.288   -7.775  -3.691  1.00 12.12 ? 18  DLY B N   1 
HETATM 449 C  CA  . DLY B 2 18 ? 1.722   -8.275  -2.394  1.00 13.43 ? 18  DLY B CA  1 
HETATM 450 C  C   . DLY B 2 18 ? 0.612   -8.961  -1.592  1.00 13.28 ? 18  DLY B C   1 
HETATM 451 O  O   . DLY B 2 18 ? 0.563   -8.832  -0.360  1.00 15.32 ? 18  DLY B O   1 
HETATM 452 C  CB  . DLY B 2 18 ? 2.913   -9.203  -2.571  1.00 15.64 ? 18  DLY B CB  1 
HETATM 453 C  CG  . DLY B 2 18 ? 4.178   -8.478  -2.987  1.00 20.56 ? 18  DLY B CG  1 
HETATM 454 C  CD  . DLY B 2 18 ? 5.282   -9.471  -3.308  1.00 26.00 ? 18  DLY B CD  1 
HETATM 455 C  CE  . DLY B 2 18 ? 6.269   -8.901  -4.312  1.00 30.67 ? 18  DLY B CE  1 
HETATM 456 N  NZ  . DLY B 2 18 ? 7.433   -9.802  -4.559  1.00 39.83 ? 18  DLY B NZ  1 
HETATM 457 N  N   . DHI B 2 19 ? -0.292  -9.669  -2.262  1.00 11.75 ? 19  DHI B N   1 
HETATM 458 C  CA  . DHI B 2 19 ? -1.243  -10.543 -1.537  1.00 12.17 ? 19  DHI B CA  1 
HETATM 459 C  C   . DHI B 2 19 ? -2.693  -10.132 -1.536  1.00 12.16 ? 19  DHI B C   1 
HETATM 460 O  O   . DHI B 2 19 ? -3.503  -10.825 -0.919  1.00 14.99 ? 19  DHI B O   1 
HETATM 461 C  CB  . DHI B 2 19 ? -1.096  -11.982 -2.037  1.00 12.49 ? 19  DHI B CB  1 
HETATM 462 C  CG  . DHI B 2 19 ? 0.257   -12.525 -1.755  1.00 12.99 ? 19  DHI B CG  1 
HETATM 463 N  ND1 . DHI B 2 19 ? 0.647   -12.902 -0.489  1.00 14.28 ? 19  DHI B ND1 1 
HETATM 464 C  CD2 . DHI B 2 19 ? 1.332   -12.707 -2.555  1.00 12.76 ? 19  DHI B CD2 1 
HETATM 465 C  CE1 . DHI B 2 19 ? 1.909   -13.282 -0.521  1.00 16.74 ? 19  DHI B CE1 1 
HETATM 466 N  NE2 . DHI B 2 19 ? 2.344   -13.193 -1.763  1.00 15.00 ? 19  DHI B NE2 1 
HETATM 467 N  N   . DSN B 2 20 ? -3.051  -9.029  -2.208  1.00 10.67 ? 20  DSN B N   1 
HETATM 468 C  CA  . DSN B 2 20 ? -4.442  -8.608  -2.225  1.00 11.25 ? 20  DSN B CA  1 
HETATM 469 C  C   . DSN B 2 20 ? -4.582  -7.124  -1.954  1.00 9.55  ? 20  DSN B C   1 
HETATM 470 O  O   . DSN B 2 20 ? -4.199  -6.288  -2.773  1.00 10.14 ? 20  DSN B O   1 
HETATM 471 C  CB  . DSN B 2 20 ? -5.093  -8.929  -3.564  1.00 12.13 ? 20  DSN B CB  1 
HETATM 472 O  OG  . DSN B 2 20 ? -6.401  -8.415  -3.585  1.00 14.61 ? 20  DSN B OG  1 
HETATM 473 N  N   . MED B 2 21 ? -5.192  -6.780  -0.833  1.00 9.16  ? 21  MED B N   1 
HETATM 474 C  CA  . MED B 2 21 ? -5.473  -5.395  -0.526  1.00 8.69  ? 21  MED B CA  1 
HETATM 475 C  C   . MED B 2 21 ? -6.381  -4.747  -1.573  1.00 8.06  ? 21  MED B C   1 
HETATM 476 O  O   . MED B 2 21 ? -6.251  -3.560  -1.883  1.00 9.60  ? 21  MED B O   1 
HETATM 477 C  CB  . MED B 2 21 ? -6.118  -5.270  0.853   1.00 8.48  ? 21  MED B CB  1 
HETATM 478 C  CG  . MED B 2 21 ? -6.181  -3.839  1.348   1.00 7.97  ? 21  MED B CG  1 
HETATM 479 S  SD  . MED B 2 21 ? -7.111  -3.595  2.868   1.00 9.99  ? 21  MED B SD  1 
HETATM 480 C  CE  . MED B 2 21 ? -6.230  -4.701  3.904   1.00 10.40 ? 21  MED B CE  1 
HETATM 481 N  N   . DLY B 2 22 ? -7.319  -5.497  -2.164  1.00 8.44  ? 22  DLY B N   1 
HETATM 482 C  CA  . DLY B 2 22 ? -8.170  -4.853  -3.161  1.00 8.98  ? 22  DLY B CA  1 
HETATM 483 C  C   . DLY B 2 22 ? -7.377  -4.491  -4.411  1.00 8.01  ? 22  DLY B C   1 
HETATM 484 O  O   . DLY B 2 22 ? -7.714  -3.500  -5.044  1.00 8.65  ? 22  DLY B O   1 
HETATM 485 C  CB  . DLY B 2 22 ? -9.457  -5.604  -3.494  1.00 12.41 ? 22  DLY B CB  1 
HETATM 486 C  CG  . DLY B 2 22 ? -9.285  -6.917  -4.156  1.00 14.37 ? 22  DLY B CG  1 
HETATM 487 C  CD  . DLY B 2 22 ? -10.615 -7.628  -4.320  1.00 17.07 ? 22  DLY B CD  1 
HETATM 488 C  CE  . DLY B 2 22 ? -10.446 -8.940  -5.065  1.00 19.73 ? 22  DLY B CE  1 
HETATM 489 N  NZ  . DLY B 2 22 ? -11.711 -9.514  -5.596  1.00 22.38 ? 22  DLY B NZ  1 
HETATM 490 N  N   . DTY B 2 23 ? -6.376  -5.284  -4.805  1.00 8.24  ? 23  DTY B N   1 
HETATM 491 C  CA  . DTY B 2 23 ? -5.487  -4.843  -5.871  1.00 8.75  ? 23  DTY B CA  1 
HETATM 492 C  C   . DTY B 2 23 ? -4.726  -3.584  -5.454  1.00 8.35  ? 23  DTY B C   1 
HETATM 493 O  O   . DTY B 2 23 ? -4.599  -2.655  -6.248  1.00 8.76  ? 23  DTY B O   1 
HETATM 494 C  CB  . DTY B 2 23 ? -4.518  -5.951  -6.306  1.00 9.60  ? 23  DTY B CB  1 
HETATM 495 C  CG  . DTY B 2 23 ? -5.089  -6.958  -7.272  1.00 10.91 ? 23  DTY B CG  1 
HETATM 496 C  CD1 . DTY B 2 23 ? -4.683  -7.005  -8.603  1.00 11.19 ? 23  DTY B CD1 1 
HETATM 497 C  CD2 . DTY B 2 23 ? -6.035  -7.881  -6.864  1.00 12.60 ? 23  DTY B CD2 1 
HETATM 498 C  CE1 . DTY B 2 23 ? -5.191  -7.938  -9.495  1.00 13.14 ? 23  DTY B CE1 1 
HETATM 499 C  CE2 . DTY B 2 23 ? -6.551  -8.815  -7.743  1.00 14.45 ? 23  DTY B CE2 1 
HETATM 500 C  CZ  . DTY B 2 23 ? -6.124  -8.839  -9.062  1.00 14.42 ? 23  DTY B CZ  1 
HETATM 501 O  OH  . DTY B 2 23 ? -6.636  -9.758  -9.959  1.00 20.24 ? 23  DTY B OH  1 
HETATM 502 N  N   . DAR B 2 24 ? -4.179  -3.548  -4.239  1.00 7.91  ? 24  DAR B N   1 
HETATM 503 C  CA  . DAR B 2 24 ? -3.411  -2.383  -3.835  1.00 8.77  ? 24  DAR B CA  1 
HETATM 504 C  CB  . DAR B 2 24 ? -2.794  -2.588  -2.458  1.00 8.83  ? 24  DAR B CB  1 
HETATM 505 C  CG  . DAR B 2 24 ? -1.755  -3.687  -2.405  1.00 9.64  ? 24  DAR B CG  1 
HETATM 506 C  CD  . DAR B 2 24 ? -1.062  -3.750  -1.053  1.00 10.02 ? 24  DAR B CD  1 
HETATM 507 N  NE  . DAR B 2 24 ? -1.910  -4.216  0.041   1.00 9.54  ? 24  DAR B NE  1 
HETATM 508 C  CZ  . DAR B 2 24 ? -2.077  -5.495  0.403   1.00 9.22  ? 24  DAR B CZ  1 
HETATM 509 N  NH1 . DAR B 2 24 ? -1.616  -6.486  -0.350  1.00 10.22 ? 24  DAR B NH1 1 
HETATM 510 N  NH2 . DAR B 2 24 ? -2.816  -5.781  1.478   1.00 10.25 ? 24  DAR B NH2 1 
HETATM 511 C  C   . DAR B 2 24 ? -4.229  -1.106  -3.782  1.00 8.31  ? 24  DAR B C   1 
HETATM 512 O  O   . DAR B 2 24 ? -3.742  -0.038  -4.203  1.00 8.53  ? 24  DAR B O   1 
HETATM 513 N  N   . DLE B 2 25 ? -5.438  -1.216  -3.229  1.00 7.85  ? 25  DLE B N   1 
HETATM 514 C  CA  . DLE B 2 25 ? -6.169  -0.038  -2.863  1.00 8.48  ? 25  DLE B CA  1 
HETATM 515 C  CB  . DLE B 2 25 ? -6.729  -0.150  -1.436  1.00 9.02  ? 25  DLE B CB  1 
HETATM 516 C  CG  . DLE B 2 25 ? -5.659  -0.296  -0.350  1.00 10.46 ? 25  DLE B CG  1 
HETATM 517 C  CD1 . DLE B 2 25 ? -6.379  -0.273  1.001   1.00 10.20 ? 25  DLE B CD1 1 
HETATM 518 C  CD2 . DLE B 2 25 ? -4.524  0.727   -0.391  1.00 12.42 ? 25  DLE B CD2 1 
HETATM 519 C  C   . DLE B 2 25 ? -7.277  0.323   -3.845  1.00 8.09  ? 25  DLE B C   1 
HETATM 520 O  O   . DLE B 2 25 ? -7.769  1.437   -3.764  1.00 11.59 ? 25  DLE B O   1 
HETATM 521 N  N   . DSN B 2 26 ? -7.685  -0.597  -4.722  1.00 7.86  ? 26  DSN B N   1 
HETATM 522 C  CA  . DSN B 2 26 ? -8.740  -0.286  -5.678  1.00 8.02  ? 26  DSN B CA  1 
HETATM 523 C  C   . DSN B 2 26 ? -8.336  -0.522  -7.111  1.00 8.19  ? 26  DSN B C   1 
HETATM 524 O  O   . DSN B 2 26 ? -8.497  0.386   -7.926  1.00 9.90  ? 26  DSN B O   1 
HETATM 525 C  CB  . DSN B 2 26 ? -10.020 -1.034  -5.323  1.00 8.83  ? 26  DSN B CB  1 
HETATM 526 O  OG  . DSN B 2 26 ? -11.045 -0.716  -6.229  1.00 11.93 ? 26  DSN B OG  1 
HETATM 527 N  N   . DPN B 2 27 ? -7.864  -1.714  -7.453  1.00 7.93  ? 27  DPN B N   1 
HETATM 528 C  CA  . DPN B 2 27 ? -7.690  -2.106  -8.857  1.00 8.62  ? 27  DPN B CA  1 
HETATM 529 C  C   . DPN B 2 27 ? -6.399  -1.615  -9.508  1.00 7.73  ? 27  DPN B C   1 
HETATM 530 O  O   . DPN B 2 27 ? -6.387  -1.325  -10.722 1.00 7.82  ? 27  DPN B O   1 
HETATM 531 C  CB  . DPN B 2 27 ? -7.680  -3.614  -9.038  1.00 9.10  ? 27  DPN B CB  1 
HETATM 532 C  CG  . DPN B 2 27 ? -8.834  -4.359  -8.414  1.00 11.34 ? 27  DPN B CG  1 
HETATM 533 C  CD1 . DPN B 2 27 ? -8.646  -5.681  -8.020  1.00 12.89 ? 27  DPN B CD1 1 
HETATM 534 C  CD2 . DPN B 2 27 ? -10.087 -3.779  -8.232  1.00 13.67 ? 27  DPN B CD2 1 
HETATM 535 C  CE1 . DPN B 2 27 ? -9.669  -6.403  -7.454  1.00 15.29 ? 27  DPN B CE1 1 
HETATM 536 C  CE2 . DPN B 2 27 ? -11.126 -4.511  -7.658  1.00 17.05 ? 27  DPN B CE2 1 
HETATM 537 C  CZ  . DPN B 2 27 ? -10.900 -5.814  -7.274  1.00 17.52 ? 27  DPN B CZ  1 
HETATM 538 N  N   . DCY B 2 28 ? -5.314  -1.562  -8.729  1.00 7.23  ? 28  DCY B N   1 
HETATM 539 C  CA  . DCY B 2 28 ? -3.992  -1.331  -9.278  1.00 7.42  ? 28  DCY B CA  1 
HETATM 540 C  C   . DCY B 2 28 ? -3.247  -0.306  -8.454  1.00 7.98  ? 28  DCY B C   1 
HETATM 541 O  O   . DCY B 2 28 ? -2.050  -0.459  -8.134  1.00 9.59  ? 28  DCY B O   1 
HETATM 542 C  CB  . DCY B 2 28 ? -3.194  -2.640  -9.318  1.00 8.31  ? 28  DCY B CB  1 
HETATM 543 S  SG  . DCY B 2 28 ? -3.920  -3.909  -10.355 1.00 9.64  ? 28  DCY B SG  1 
HETATM 544 N  N   . DAR B 2 29 ? -3.892  0.801   -8.141  1.00 7.65  ? 29  DAR B N   1 
HETATM 545 C  CA  . DAR B 2 29 ? -3.244  1.797   -7.302  1.00 8.18  ? 29  DAR B CA  1 
HETATM 546 C  CB  . DAR B 2 29 ? -4.165  2.986   -7.030  1.00 8.59  ? 29  DAR B CB  1 
HETATM 547 C  CG  . DAR B 2 29 ? -5.328  2.639   -6.118  1.00 9.64  ? 29  DAR B CG  1 
HETATM 548 C  CD  . DAR B 2 29 ? -6.303  3.786   -5.909  1.00 11.20 ? 29  DAR B CD  1 
HETATM 549 N  NE  . DAR B 2 29 ? -5.706  4.902   -5.168  1.00 13.10 ? 29  DAR B NE  1 
HETATM 550 C  CZ  . DAR B 2 29 ? -5.316  6.061   -5.710  1.00 14.10 ? 29  DAR B CZ  1 
HETATM 551 N  NH1 . DAR B 2 29 ? -5.482  6.346   -7.000  1.00 16.71 ? 29  DAR B NH1 1 
HETATM 552 N  NH2 . DAR B 2 29 ? -4.782  6.990   -4.930  1.00 18.24 ? 29  DAR B NH2 1 
HETATM 553 C  C   . DAR B 2 29 ? -1.913  2.281   -7.880  1.00 8.91  ? 29  DAR B C   1 
HETATM 554 O  O   . DAR B 2 29 ? -0.945  2.474   -7.148  1.00 11.24 ? 29  DAR B O   1 
HETATM 555 N  N   . DLY B 2 30 ? -1.869  2.481   -9.198  1.00 9.87  ? 30  DLY B N   1 
HETATM 556 C  CA  . DLY B 2 30 ? -0.661  2.981   -9.820  1.00 10.86 ? 30  DLY B CA  1 
HETATM 557 C  C   . DLY B 2 30 ? 0.402   1.903   -9.816  1.00 11.34 ? 30  DLY B C   1 
HETATM 558 O  O   . DLY B 2 30 ? 1.529   2.118   -9.310  1.00 14.17 ? 30  DLY B O   1 
HETATM 559 C  CB  . DLY B 2 30 ? -0.945  3.487   -11.243 1.00 12.05 ? 30  DLY B CB  1 
HETATM 560 C  CG  . DLY B 2 30 ? 0.308   3.862   -12.024 1.00 15.18 ? 30  DLY B CG  1 
HETATM 561 C  CD  . DLY B 2 30 ? -0.010  4.563   -13.343 1.00 20.38 ? 30  DLY B CD  1 
HETATM 562 C  CE  . DLY B 2 30 ? 1.227   4.668   -14.231 1.00 26.01 ? 30  DLY B CE  1 
HETATM 563 N  NZ  . DLY B 2 30 ? 1.022   5.609   -15.362 1.00 33.42 ? 30  DLY B NZ  1 
HETATM 564 N  N   . DTH B 2 31 ? 0.096   0.760   -10.416 1.00 10.76 ? 31  DTH B N   1 
HETATM 565 C  CA  . DTH B 2 31 ? 1.115   -0.256  -10.578 1.00 12.42 ? 31  DTH B CA  1 
HETATM 566 C  CB  . DTH B 2 31 ? 0.847   -1.189  -11.736 1.00 14.70 ? 31  DTH B CB  1 
HETATM 567 C  CG2 . DTH B 2 31 ? 1.604   -2.396  -11.814 1.00 14.26 ? 31  DTH B CG2 1 
HETATM 568 O  OG1 . DTH B 2 31 ? 0.497   -0.536  -12.929 1.00 15.93 ? 31  DTH B OG1 1 
HETATM 569 C  C   . DTH B 2 31 ? 1.553   -0.904  -9.238  1.00 10.46 ? 31  DTH B C   1 
HETATM 570 O  O   . DTH B 2 31 ? 2.701   -1.316  -9.114  1.00 12.26 ? 31  DTH B O   1 
HETATM 571 N  N   . DCY B 2 32 ? 0.711   -0.879  -8.196  1.00 10.06 ? 32  DCY B N   1 
HETATM 572 C  CA  . DCY B 2 32 ? 1.136   -1.325  -6.870  1.00 11.21 ? 32  DCY B CA  1 
HETATM 573 C  C   . DCY B 2 32 ? 1.884   -0.275  -6.056  1.00 13.58 ? 32  DCY B C   1 
HETATM 574 O  O   . DCY B 2 32 ? 2.365   -0.576  -4.974  1.00 15.43 ? 32  DCY B O   1 
HETATM 575 C  CB  . DCY B 2 32 ? -0.069  -1.819  -6.052  1.00 11.13 ? 32  DCY B CB  1 
HETATM 576 S  SG  . DCY B 2 32 ? -0.837  -3.300  -6.750  1.00 10.67 ? 32  DCY B SG  1 
ATOM   577 N  N   . GLY B 2 33 ? 1.982   0.948   -6.556  1.00 11.99 ? 33  GLY B N   1 
ATOM   578 C  CA  . GLY B 2 33 ? 2.741   1.971   -5.850  1.00 12.73 ? 33  GLY B CA  1 
ATOM   579 C  C   . GLY B 2 33 ? 1.951   2.618   -4.733  1.00 12.93 ? 33  GLY B C   1 
ATOM   580 O  O   . GLY B 2 33 ? 2.541   3.178   -3.817  1.00 13.68 ? 33  GLY B O   1 
HETATM 581 N  N   . DTH B 2 34 ? 0.615   2.560   -4.820  1.00 12.27 ? 34  DTH B N   1 
HETATM 582 C  CA  . DTH B 2 34 ? -0.252  3.133   -3.775  1.00 11.04 ? 34  DTH B CA  1 
HETATM 583 C  CB  . DTH B 2 34 ? -1.533  2.335   -3.607  1.00 11.72 ? 34  DTH B CB  1 
HETATM 584 C  CG2 . DTH B 2 34 ? -2.673  2.885   -2.826  1.00 12.39 ? 34  DTH B CG2 1 
HETATM 585 O  OG1 . DTH B 2 34 ? -1.315  0.959   -3.732  1.00 11.70 ? 34  DTH B OG1 1 
HETATM 586 C  C   . DTH B 2 34 ? -0.508  4.617   -3.928  1.00 11.51 ? 34  DTH B C   1 
HETATM 587 O  O   . DTH B 2 34 ? -0.782  5.263   -2.935  1.00 13.47 ? 34  DTH B O   1 
HETATM 588 N  N   . DCY B 2 35 ? -0.432  5.183   -5.130  1.00 14.62 ? 35  DCY B N   1 
HETATM 589 C  CA  . DCY B 2 35 ? -0.777  6.617   -5.295  1.00 18.14 ? 35  DCY B CA  1 
HETATM 590 C  C   . DCY B 2 35 ? 0.063   7.552   -4.455  1.00 20.13 ? 35  DCY B C   1 
HETATM 591 O  O   . DCY B 2 35 ? 1.278   7.383   -4.375  1.00 21.96 ? 35  DCY B O   1 
HETATM 592 C  CB  . DCY B 2 35 ? -0.616  7.045   -6.719  1.00 17.13 ? 35  DCY B CB  1 
HETATM 593 S  SG  . DCY B 2 35 ? -1.695  6.038   -7.723  1.00 17.79 ? 35  DCY B SG  1 
HETATM 594 O  OXT . DCY B 2 35 ? -0.455  8.498   -3.851  1.00 25.96 ? 35  DCY B OXT 1 
HETATM 595 C  C1  . GOL C 3 .  ? 7.124   9.297   -0.368  1.00 27.48 ? 101 GOL A C1  1 
HETATM 596 O  O1  . GOL C 3 .  ? 7.658   8.209   0.360   1.00 21.01 ? 101 GOL A O1  1 
HETATM 597 C  C2  . GOL C 3 .  ? 6.898   8.716   -1.750  1.00 27.05 ? 101 GOL A C2  1 
HETATM 598 O  O2  . GOL C 3 .  ? 7.741   9.406   -2.693  1.00 33.40 ? 101 GOL A O2  1 
HETATM 599 C  C3  . GOL C 3 .  ? 5.458   8.880   -2.150  1.00 23.69 ? 101 GOL A C3  1 
HETATM 600 O  O3  . GOL C 3 .  ? 5.134   8.063   -3.266  1.00 30.90 ? 101 GOL A O3  1 
HETATM 601 C  C1  A GOL D 3 .  ? 4.948   -14.124 11.529  0.50 25.38 ? 102 GOL A C1  1 
HETATM 602 C  C1  B GOL D 3 .  ? 4.898   -13.908 11.482  0.50 28.51 ? 102 GOL A C1  1 
HETATM 603 O  O1  A GOL D 3 .  ? 5.474   -14.667 12.740  0.50 28.47 ? 102 GOL A O1  1 
HETATM 604 O  O1  B GOL D 3 .  ? 4.277   -14.912 12.296  0.50 30.23 ? 102 GOL A O1  1 
HETATM 605 C  C2  A GOL D 3 .  ? 5.567   -14.885 10.364  0.50 20.35 ? 102 GOL A C2  1 
HETATM 606 C  C2  B GOL D 3 .  ? 5.565   -14.579 10.289  0.50 24.12 ? 102 GOL A C2  1 
HETATM 607 O  O2  A GOL D 3 .  ? 4.786   -14.744 9.163   0.50 23.07 ? 102 GOL A O2  1 
HETATM 608 O  O2  B GOL D 3 .  ? 5.086   -14.017 9.058   0.50 28.23 ? 102 GOL A O2  1 
HETATM 609 C  C3  A GOL D 3 .  ? 6.997   -14.379 10.203  0.50 16.73 ? 102 GOL A C3  1 
HETATM 610 C  C3  B GOL D 3 .  ? 7.074   -14.401 10.435  0.50 18.39 ? 102 GOL A C3  1 
HETATM 611 O  O3  A GOL D 3 .  ? 7.586   -14.195 11.499  0.50 12.12 ? 102 GOL A O3  1 
HETATM 612 O  O3  B GOL D 3 .  ? 7.679   -14.172 9.154   0.50 13.25 ? 102 GOL A O3  1 
HETATM 613 NA NA  . NA  E 4 .  ? 5.234   -3.106  15.768  1.00 29.69 ? 103 NA  A NA  1 
HETATM 614 LI LI  . LI  F 5 .  ? 2.389   1.483   -1.652  1.00 7.90  ? 104 LI  A LI  1 
HETATM 615 C  C1  . MLT G 6 .  ? -0.939  -13.255 -11.464 1.00 20.00 ? 101 MLT B C1  1 
HETATM 616 O  O1  . MLT G 6 .  ? -0.340  -14.084 -12.103 1.00 20.00 ? 101 MLT B O1  1 
HETATM 617 O  O2  . MLT G 6 .  ? -0.278  -12.642 -10.646 1.00 20.00 ? 101 MLT B O2  1 
HETATM 618 C  C2  . MLT G 6 .  ? -2.372  -12.950 -11.723 1.00 20.00 ? 101 MLT B C2  1 
HETATM 619 O  O3  . MLT G 6 .  ? -2.995  -13.941 -12.539 1.00 20.00 ? 101 MLT B O3  1 
HETATM 620 C  C3  . MLT G 6 .  ? -2.609  -11.572 -12.373 1.00 20.00 ? 101 MLT B C3  1 
HETATM 621 C  C4  . MLT G 6 .  ? -4.028  -11.265 -12.637 1.00 20.00 ? 101 MLT B C4  1 
HETATM 622 O  O4  . MLT G 6 .  ? -4.790  -11.081 -11.744 1.00 20.00 ? 101 MLT B O4  1 
HETATM 623 O  O5  . MLT G 6 .  ? -4.404  -11.148 -13.792 1.00 20.00 ? 101 MLT B O5  1 
HETATM 624 O  O   . HOH H 7 .  ? 4.337   -7.397  1.087   1.00 28.92 ? 201 HOH A O   1 
HETATM 625 O  O   . HOH H 7 .  ? -1.972  7.141   -1.937  1.00 17.42 ? 202 HOH A O   1 
HETATM 626 O  O   . HOH H 7 .  ? -1.835  5.191   14.249  1.00 22.72 ? 203 HOH A O   1 
HETATM 627 O  O   . HOH H 7 .  ? 12.496  10.259  -1.591  1.00 24.10 ? 204 HOH A O   1 
HETATM 628 O  O   . HOH H 7 .  ? -5.281  14.069  1.956   1.00 28.58 ? 205 HOH A O   1 
HETATM 629 O  O   . HOH H 7 .  ? -3.645  -4.321  7.633   1.00 19.85 ? 206 HOH A O   1 
HETATM 630 O  O   . HOH H 7 .  ? 2.003   -15.940 11.395  1.00 40.52 ? 207 HOH A O   1 
HETATM 631 O  O   . HOH H 7 .  ? 2.960   -9.490  5.703   1.00 22.63 ? 208 HOH A O   1 
HETATM 632 O  O   . HOH H 7 .  ? 2.021   -6.386  0.458   1.00 24.44 ? 209 HOH A O   1 
HETATM 633 O  O   . HOH H 7 .  ? 10.680  11.051  2.380   1.00 31.84 ? 210 HOH A O   1 
HETATM 634 O  O   . HOH H 7 .  ? 14.164  8.227   -1.143  1.00 19.29 ? 211 HOH A O   1 
HETATM 635 O  O   . HOH H 7 .  ? 9.112   13.059  13.179  1.00 27.03 ? 212 HOH A O   1 
HETATM 636 O  O   . HOH H 7 .  ? 9.818   11.035  -3.389  1.00 33.73 ? 213 HOH A O   1 
HETATM 637 O  O   A HOH H 7 .  ? 3.031   -3.625  14.778  0.50 12.66 ? 214 HOH A O   1 
HETATM 638 O  O   B HOH H 7 .  ? 2.372   -4.227  15.440  0.50 23.83 ? 214 HOH A O   1 
HETATM 639 O  O   . HOH H 7 .  ? 8.232   -7.371  9.255   1.00 19.17 ? 215 HOH A O   1 
HETATM 640 O  O   . HOH H 7 .  ? 3.018   -10.815 11.753  1.00 34.56 ? 216 HOH A O   1 
HETATM 641 O  O   . HOH H 7 .  ? -1.990  7.962   14.925  1.00 32.88 ? 217 HOH A O   1 
HETATM 642 O  O   . HOH H 7 .  ? -0.882  -0.026  1.050   1.00 19.75 ? 218 HOH A O   1 
HETATM 643 O  O   . HOH H 7 .  ? 5.860   -1.821  8.574   1.00 10.28 ? 219 HOH A O   1 
HETATM 644 O  O   . HOH H 7 .  ? -1.862  2.847   13.842  1.00 21.36 ? 220 HOH A O   1 
HETATM 645 O  O   . HOH H 7 .  ? 8.986   -7.925  6.660   1.00 28.95 ? 221 HOH A O   1 
HETATM 646 O  O   . HOH H 7 .  ? -5.059  7.913   11.292  1.00 25.95 ? 222 HOH A O   1 
HETATM 647 O  O   . HOH H 7 .  ? 9.767   -12.307 9.790   1.00 23.49 ? 223 HOH A O   1 
HETATM 648 O  O   . HOH H 7 .  ? 8.959   -3.287  7.059   1.00 23.34 ? 224 HOH A O   1 
HETATM 649 O  O   . HOH H 7 .  ? 7.352   11.937  8.240   1.00 27.63 ? 225 HOH A O   1 
HETATM 650 O  O   . HOH H 7 .  ? 3.994   1.888   19.113  1.00 13.36 ? 226 HOH A O   1 
HETATM 651 O  O   . HOH H 7 .  ? -3.386  -7.751  8.311   1.00 29.80 ? 227 HOH A O   1 
HETATM 652 O  O   . HOH H 7 .  ? 6.712   -5.063  8.478   1.00 21.25 ? 228 HOH A O   1 
HETATM 653 O  O   . HOH H 7 .  ? -4.232  4.963   10.799  1.00 27.36 ? 229 HOH A O   1 
HETATM 654 O  O   . HOH H 7 .  ? 5.604   12.045  0.970   1.00 43.13 ? 230 HOH A O   1 
HETATM 655 O  O   . HOH H 7 .  ? -4.648  11.007  9.380   1.00 21.34 ? 231 HOH A O   1 
HETATM 656 O  O   . HOH H 7 .  ? 6.715   -7.032  -0.333  1.00 45.24 ? 232 HOH A O   1 
HETATM 657 O  O   A HOH H 7 .  ? 9.011   -10.818 7.372   0.50 12.79 ? 233 HOH A O   1 
HETATM 658 O  O   B HOH H 7 .  ? 9.316   -9.999  8.534   0.50 18.33 ? 233 HOH A O   1 
HETATM 659 O  O   . HOH H 7 .  ? 11.602  1.729   10.691  1.00 29.62 ? 234 HOH A O   1 
HETATM 660 O  O   . HOH H 7 .  ? 0.527   13.218  -2.616  1.00 20.87 ? 235 HOH A O   1 
HETATM 661 O  O   . HOH H 7 .  ? 11.515  -6.361  6.409   1.00 32.39 ? 236 HOH A O   1 
HETATM 662 O  O   . HOH H 7 .  ? -3.145  -1.333  13.483  1.00 30.77 ? 237 HOH A O   1 
HETATM 663 O  O   . HOH H 7 .  ? 9.834   7.420   15.650  1.00 31.73 ? 238 HOH A O   1 
HETATM 664 O  O   . HOH H 7 .  ? 2.596   -6.876  16.681  1.00 58.33 ? 239 HOH A O   1 
HETATM 665 O  O   . HOH H 7 .  ? 11.605  9.629   4.643   1.00 30.93 ? 240 HOH A O   1 
HETATM 666 O  O   . HOH H 7 .  ? 6.127   -9.674  0.516   1.00 40.00 ? 241 HOH A O   1 
HETATM 667 O  O   . HOH H 7 .  ? 7.000   -12.223 0.693   1.00 62.23 ? 242 HOH A O   1 
HETATM 668 O  O   . HOH H 7 .  ? 4.495   -10.736 14.280  1.00 32.74 ? 243 HOH A O   1 
HETATM 669 O  O   . HOH H 7 .  ? 12.698  -2.162  8.810   1.00 35.08 ? 244 HOH A O   1 
HETATM 670 O  O   . HOH H 7 .  ? 0.562   15.670  -3.779  1.00 24.24 ? 245 HOH A O   1 
HETATM 671 O  O   . HOH H 7 .  ? 13.139  4.382   -2.319  1.00 14.84 ? 246 HOH A O   1 
HETATM 672 O  O   . HOH I 7 .  ? 1.304   -5.315  -14.989 1.00 19.89 ? 201 HOH B O   1 
HETATM 673 O  O   . HOH I 7 .  ? -11.544 -0.121  -8.979  1.00 22.85 ? 202 HOH B O   1 
HETATM 674 O  O   . HOH I 7 .  ? 0.107   10.696  -2.724  1.00 41.35 ? 203 HOH B O   1 
HETATM 675 O  O   . HOH I 7 .  ? -7.266  -11.452 -12.834 1.00 31.79 ? 204 HOH B O   1 
HETATM 676 O  O   . HOH I 7 .  ? -10.598 -7.242  -15.766 1.00 34.87 ? 205 HOH B O   1 
HETATM 677 O  O   . HOH I 7 .  ? -12.790 1.298   -5.758  1.00 36.43 ? 206 HOH B O   1 
HETATM 678 O  O   . HOH I 7 .  ? -5.356  14.641  -6.535  1.00 20.94 ? 207 HOH B O   1 
HETATM 679 O  O   . HOH I 7 .  ? -13.465 -1.592  -5.373  1.00 22.22 ? 208 HOH B O   1 
HETATM 680 O  O   . HOH I 7 .  ? -7.783  -10.592 -4.442  1.00 29.00 ? 209 HOH B O   1 
HETATM 681 O  O   . HOH I 7 .  ? -3.688  -13.356 -4.514  1.00 24.31 ? 210 HOH B O   1 
HETATM 682 O  O   . HOH I 7 .  ? -5.140  -12.533 -2.310  1.00 28.15 ? 211 HOH B O   1 
HETATM 683 O  O   . HOH I 7 .  ? -6.464  1.661   -9.264  1.00 11.77 ? 212 HOH B O   1 
HETATM 684 O  O   . HOH I 7 .  ? -2.253  0.952   -15.999 1.00 18.56 ? 213 HOH B O   1 
HETATM 685 O  O   . HOH I 7 .  ? 0.132   -0.050  -1.601  1.00 15.59 ? 214 HOH B O   1 
HETATM 686 O  O   . HOH I 7 .  ? -3.011  10.769  -12.294 1.00 23.78 ? 215 HOH B O   1 
HETATM 687 O  O   . HOH I 7 .  ? 2.875   5.949   -6.170  1.00 27.75 ? 216 HOH B O   1 
HETATM 688 O  O   . HOH I 7 .  ? -6.447  -12.239 -6.224  1.00 38.06 ? 217 HOH B O   1 
HETATM 689 O  O   . HOH I 7 .  ? 1.507   -1.997  -2.698  1.00 21.29 ? 218 HOH B O   1 
HETATM 690 O  O   . HOH I 7 .  ? 1.228   -9.824  -16.469 1.00 23.41 ? 219 HOH B O   1 
HETATM 691 O  O   . HOH I 7 .  ? 2.446   8.506   -2.032  1.00 19.69 ? 220 HOH B O   1 
HETATM 692 O  O   . HOH I 7 .  ? -3.344  -5.736  -20.067 1.00 18.12 ? 221 HOH B O   1 
HETATM 693 O  O   . HOH I 7 .  ? -4.467  -2.122  -19.806 1.00 10.38 ? 222 HOH B O   1 
HETATM 694 O  O   . HOH I 7 .  ? -11.457 -9.377  -10.174 1.00 37.10 ? 223 HOH B O   1 
HETATM 695 O  O   . HOH I 7 .  ? -6.187  3.611   -2.635  1.00 16.90 ? 224 HOH B O   1 
HETATM 696 O  O   . HOH I 7 .  ? -2.691  10.330  -3.702  1.00 41.46 ? 225 HOH B O   1 
HETATM 697 O  O   . HOH I 7 .  ? 4.933   -14.034 -2.847  1.00 24.36 ? 226 HOH B O   1 
HETATM 698 O  O   . HOH I 7 .  ? 4.696   -6.328  -5.465  1.00 32.29 ? 227 HOH B O   1 
HETATM 699 O  O   . HOH I 7 .  ? -12.984 0.032   -13.865 1.00 29.24 ? 228 HOH B O   1 
HETATM 700 O  O   . HOH I 7 .  ? -3.144  3.372   -15.366 1.00 21.34 ? 229 HOH B O   1 
HETATM 701 O  O   . HOH I 7 .  ? 4.775   -8.903  -11.907 1.00 30.32 ? 230 HOH B O   1 
HETATM 702 O  O   . HOH I 7 .  ? -4.001  9.539   -6.506  1.00 26.47 ? 231 HOH B O   1 
HETATM 703 O  O   . HOH I 7 .  ? -2.073  5.699   -16.299 1.00 27.70 ? 232 HOH B O   1 
HETATM 704 O  O   . HOH I 7 .  ? -9.023  -12.462 -10.715 1.00 50.05 ? 233 HOH B O   1 
HETATM 705 O  O   . HOH I 7 .  ? 2.726   -4.469  -1.676  1.00 31.42 ? 234 HOH B O   1 
HETATM 706 O  O   . HOH I 7 .  ? -5.352  9.807   -2.189  1.00 42.26 ? 235 HOH B O   1 
HETATM 707 O  O   . HOH I 7 .  ? -11.671 -3.954  -18.045 1.00 60.91 ? 236 HOH B O   1 
# 
loop_
_atom_site_anisotrop.id 
_atom_site_anisotrop.type_symbol 
_atom_site_anisotrop.pdbx_label_atom_id 
_atom_site_anisotrop.pdbx_label_alt_id 
_atom_site_anisotrop.pdbx_label_comp_id 
_atom_site_anisotrop.pdbx_label_asym_id 
_atom_site_anisotrop.pdbx_label_seq_id 
_atom_site_anisotrop.pdbx_PDB_ins_code 
_atom_site_anisotrop.U[1][1] 
_atom_site_anisotrop.U[2][2] 
_atom_site_anisotrop.U[3][3] 
_atom_site_anisotrop.U[1][2] 
_atom_site_anisotrop.U[1][3] 
_atom_site_anisotrop.U[2][3] 
_atom_site_anisotrop.pdbx_auth_seq_id 
_atom_site_anisotrop.pdbx_auth_comp_id 
_atom_site_anisotrop.pdbx_auth_asym_id 
_atom_site_anisotrop.pdbx_auth_atom_id 
1   N  N   . ARG A 1  ? 0.2710 0.3221 0.3063 0.0028  -0.0068 -0.0197 1   ARG A N   
2   C  CA  . ARG A 1  ? 0.2369 0.2417 0.3075 0.0112  0.0272  -0.0004 1   ARG A CA  
3   C  C   . ARG A 1  ? 0.1596 0.2652 0.3145 0.0334  0.0019  0.0059  1   ARG A C   
4   O  O   . ARG A 1  ? 0.1562 0.2069 0.3179 -0.0324 0.0493  -0.0109 1   ARG A O   
5   C  CB  . ARG A 1  ? 0.1877 0.2662 0.2591 0.0156  0.0243  0.0103  1   ARG A CB  
6   C  CG  . ARG A 1  ? 0.2065 0.2814 0.2507 0.0293  0.0234  0.0352  1   ARG A CG  
7   C  CD  . ARG A 1  ? 0.1550 0.2794 0.2620 0.0305  -0.0085 0.0305  1   ARG A CD  
8   N  NE  . ARG A 1  ? 0.1584 0.2837 0.2464 0.0293  0.0017  0.0217  1   ARG A NE  
9   C  CZ  . ARG A 1  ? 0.1483 0.2913 0.2174 0.0221  0.0351  0.0186  1   ARG A CZ  
10  N  NH1 . ARG A 1  ? 0.1753 0.2889 0.2195 -0.0066 0.0154  0.0167  1   ARG A NH1 
11  N  NH2 . ARG A 1  ? 0.2055 0.2694 0.2574 -0.0014 0.0315  0.0243  1   ARG A NH2 
12  N  N   . SER A 2  ? 0.1435 0.1842 0.2694 -0.0067 0.0443  0.0555  2   SER A N   
13  C  CA  . SER A 2  ? 0.1703 0.1750 0.2537 0.0188  0.0192  0.0477  2   SER A CA  
14  C  C   . SER A 2  ? 0.1339 0.1545 0.2249 -0.0154 0.0044  0.0447  2   SER A C   
15  O  O   . SER A 2  ? 0.2033 0.2189 0.2729 -0.0076 0.0583  0.0794  2   SER A O   
16  C  CB  . SER A 2  ? 0.2170 0.2335 0.3008 -0.0311 -0.0264 0.0767  2   SER A CB  
17  O  OG  . SER A 2  ? 0.1679 0.2868 0.3621 -0.0456 -0.0289 0.1204  2   SER A OG  
18  N  N   . CYS A 3  ? 0.1538 0.1260 0.1603 -0.0268 0.0054  0.0230  3   CYS A N   
19  C  CA  . CYS A 3  ? 0.1679 0.1440 0.1847 -0.0093 -0.0218 0.0004  3   CYS A CA  
20  C  C   . CYS A 3  ? 0.1989 0.1356 0.1841 -0.0378 -0.0029 0.0043  3   CYS A C   
21  O  O   . CYS A 3  ? 0.2553 0.2167 0.2158 -0.0321 0.0428  -0.0204 3   CYS A O   
22  C  CB  . CYS A 3  ? 0.1723 0.2184 0.2338 -0.0222 -0.0198 -0.0211 3   CYS A CB  
23  S  SG  . CYS A 3  ? 0.1452 0.2389 0.3520 0.0111  -0.0194 -0.0659 3   CYS A SG  
24  N  N   . ILE A 4  ? 0.1743 0.1362 0.1535 -0.0266 -0.0058 0.0149  4   ILE A N   
25  C  CA  . ILE A 4  ? 0.1999 0.1302 0.1423 -0.0283 0.0361  0.0192  4   ILE A CA  
26  C  C   . ILE A 4  ? 0.1682 0.1357 0.1066 -0.0313 0.0116  0.0212  4   ILE A C   
27  O  O   . ILE A 4  ? 0.2544 0.1423 0.1092 -0.0397 0.0320  0.0190  4   ILE A O   
28  C  CB  . ILE A 4  ? 0.2239 0.1369 0.1783 -0.0012 0.0081  0.0019  4   ILE A CB  
29  C  CG1 . ILE A 4  ? 0.1834 0.1670 0.1815 -0.0089 -0.0297 0.0250  4   ILE A CG1 
30  C  CG2 . ILE A 4  ? 0.2763 0.1558 0.2260 -0.0340 -0.0004 0.0145  4   ILE A CG2 
31  C  CD1 . ILE A 4  ? 0.2178 0.2135 0.2072 0.0367  -0.0589 0.0069  4   ILE A CD1 
32  N  N   . ASP A 5  ? 0.2097 0.1378 0.0977 -0.0350 0.0241  0.0235  5   ASP A N   
33  C  CA  . ASP A 5  ? 0.1899 0.1283 0.1015 -0.0282 0.0051  0.0125  5   ASP A CA  
34  C  C   . ASP A 5  ? 0.1972 0.1264 0.0884 -0.0087 -0.0029 0.0000  5   ASP A C   
35  O  O   . ASP A 5  ? 0.2590 0.1878 0.1131 -0.0148 -0.0409 0.0258  5   ASP A O   
36  C  CB  . ASP A 5  ? 0.1939 0.1366 0.0662 -0.0259 -0.0015 0.0108  5   ASP A CB  
37  C  CG  . ASP A 5  ? 0.1760 0.1697 0.1095 -0.0133 0.0193  -0.0096 5   ASP A CG  
38  O  OD1 . ASP A 5  ? 0.1111 0.1385 0.1101 -0.0380 0.0122  0.0089  5   ASP A OD1 
39  O  OD2 . ASP A 5  ? 0.1681 0.2223 0.1274 -0.0249 0.0273  -0.0097 5   ASP A OD2 
40  N  N   . THR A 6  ? 0.1569 0.1249 0.0990 -0.0031 -0.0211 -0.0020 6   THR A N   
41  C  CA  . THR A 6  ? 0.1646 0.1520 0.1203 0.0245  -0.0403 -0.0097 6   THR A CA  
42  C  C   . THR A 6  ? 0.1556 0.1647 0.1185 -0.0028 -0.0332 -0.0045 6   THR A C   
43  O  O   . THR A 6  ? 0.1429 0.2304 0.1655 0.0161  -0.0417 -0.0288 6   THR A O   
44  C  CB  . THR A 6  ? 0.1597 0.1894 0.1296 0.0555  -0.0446 -0.0025 6   THR A CB  
45  O  OG1 . THR A 6  ? 0.2182 0.2377 0.1324 0.0916  -0.0030 0.0261  6   THR A OG1 
46  C  CG2 . THR A 6  ? 0.1858 0.1981 0.1814 0.0592  -0.0492 -0.0154 6   THR A CG2 
47  N  N   . ILE A 7  ? 0.1541 0.1467 0.1205 -0.0165 -0.0022 0.0074  7   ILE A N   
48  C  CA  . ILE A 7  ? 0.1603 0.1587 0.1033 -0.0246 -0.0060 0.0018  7   ILE A CA  
49  C  C   . ILE A 7  ? 0.1116 0.1488 0.1238 -0.0137 -0.0207 -0.0029 7   ILE A C   
50  O  O   . ILE A 7  ? 0.1160 0.1576 0.1076 -0.0230 -0.0118 0.0237  7   ILE A O   
51  C  CB  . ILE A 7  ? 0.1734 0.1365 0.1152 -0.0333 0.0055  -0.0056 7   ILE A CB  
52  C  CG1 . ILE A 7  ? 0.1758 0.1349 0.1171 -0.0131 0.0025  0.0131  7   ILE A CG1 
53  C  CG2 . ILE A 7  ? 0.1770 0.1859 0.1212 -0.0489 0.0111  0.0295  7   ILE A CG2 
54  N  N   . PRO A 8  ? 0.1565 0.1455 0.1221 -0.0099 -0.0025 -0.0008 8   PRO A N   
55  C  CA  . PRO A 8  ? 0.1380 0.1592 0.1179 0.0072  -0.0182 0.0023  8   PRO A CA  
56  C  C   . PRO A 8  ? 0.1351 0.1580 0.1066 0.0032  -0.0165 0.0042  8   PRO A C   
57  O  O   . PRO A 8  ? 0.1603 0.1613 0.1059 -0.0069 -0.0103 0.0093  8   PRO A O   
58  C  CB  . PRO A 8  ? 0.1887 0.1749 0.1378 0.0083  -0.0212 -0.0198 8   PRO A CB  
59  C  CG  . PRO A 8  ? 0.1962 0.1649 0.1587 -0.0096 -0.0132 -0.0142 8   PRO A CG  
60  C  CD  . PRO A 8  ? 0.1768 0.1671 0.1627 -0.0239 -0.0144 -0.0241 8   PRO A CD  
61  N  N   . LYS A 9  ? 0.1503 0.1591 0.1370 0.0017  -0.0048 0.0216  9   LYS A N   
62  C  CA  A LYS A 9  ? 0.1469 0.1600 0.1339 -0.0126 -0.0023 0.0108  9   LYS A CA  
63  C  CA  B LYS A 9  ? 0.1498 0.1647 0.1429 -0.0106 -0.0022 0.0220  9   LYS A CA  
64  C  CA  C LYS A 9  ? 0.1613 0.1754 0.1659 -0.0048 -0.0214 0.0165  9   LYS A CA  
65  C  C   . LYS A 9  ? 0.1437 0.1714 0.1375 -0.0078 -0.0174 0.0185  9   LYS A C   
66  O  O   . LYS A 9  ? 0.1399 0.1999 0.1367 -0.0161 -0.0117 0.0616  9   LYS A O   
67  C  CB  A LYS A 9  ? 0.1198 0.1522 0.1368 -0.0134 -0.0061 0.0011  9   LYS A CB  
68  C  CB  B LYS A 9  ? 0.1628 0.1545 0.1560 -0.0047 0.0148  0.0210  9   LYS A CB  
69  C  CB  C LYS A 9  ? 0.1757 0.2263 0.1929 -0.0193 -0.0045 0.0208  9   LYS A CB  
70  C  CG  A LYS A 9  ? 0.1134 0.1494 0.1219 -0.0060 0.0022  -0.0051 9   LYS A CG  
71  C  CG  B LYS A 9  ? 0.1520 0.1362 0.1465 -0.0241 0.0382  0.0432  9   LYS A CG  
72  C  CG  C LYS A 9  ? 0.2209 0.2317 0.2319 0.0002  -0.0103 0.0057  9   LYS A CG  
73  C  CD  A LYS A 9  ? 0.1080 0.1233 0.1069 -0.0106 0.0132  0.0033  9   LYS A CD  
74  C  CD  B LYS A 9  ? 0.1463 0.1749 0.1629 -0.0485 0.0483  0.0581  9   LYS A CD  
75  C  CD  C LYS A 9  ? 0.2360 0.2395 0.2293 -0.0031 -0.0105 0.0062  9   LYS A CD  
76  C  CE  A LYS A 9  ? 0.0710 0.1170 0.0679 -0.0197 0.0180  0.0015  9   LYS A CE  
77  C  CE  B LYS A 9  ? 0.1573 0.2485 0.1738 -0.0279 0.0850  0.0179  9   LYS A CE  
78  C  CE  C LYS A 9  ? 0.1990 0.2339 0.2053 -0.0125 -0.0229 0.0125  9   LYS A CE  
79  N  NZ  A LYS A 9  ? 0.0611 0.0866 0.0494 -0.0281 0.0063  -0.0013 9   LYS A NZ  
80  N  NZ  B LYS A 9  ? 0.1492 0.2383 0.1589 -0.0784 0.1052  0.0185  9   LYS A NZ  
81  N  NZ  C LYS A 9  ? 0.1681 0.1868 0.1789 -0.0292 0.0077  0.0322  9   LYS A NZ  
82  N  N   . SER A 10 ? 0.1518 0.1822 0.1391 -0.0093 -0.0015 0.0062  10  SER A N   
83  C  CA  . SER A 10 ? 0.1565 0.1843 0.1521 -0.0088 0.0014  0.0188  10  SER A CA  
84  C  C   . SER A 10 ? 0.1627 0.1790 0.1325 0.0044  0.0029  0.0140  10  SER A C   
85  O  O   . SER A 10 ? 0.1955 0.1984 0.1491 0.0165  -0.0085 0.0380  10  SER A O   
86  C  CB  . SER A 10 ? 0.1550 0.1893 0.1718 0.0013  0.0059  0.0090  10  SER A CB  
87  O  OG  . SER A 10 ? 0.1556 0.2253 0.2040 0.0151  -0.0257 -0.0016 10  SER A OG  
88  N  N   . ARG A 11 ? 0.1869 0.1583 0.1323 0.0016  0.0311  0.0201  11  ARG A N   
89  C  CA  . ARG A 11 ? 0.2110 0.1221 0.1365 -0.0008 0.0281  0.0235  11  ARG A CA  
90  C  C   . ARG A 11 ? 0.2161 0.1306 0.1331 0.0166  0.0294  0.0158  11  ARG A C   
91  O  O   . ARG A 11 ? 0.2563 0.1306 0.1497 -0.0175 0.0365  0.0267  11  ARG A O   
92  C  CB  . ARG A 11 ? 0.2060 0.1584 0.1654 0.0012  0.0077  0.0050  11  ARG A CB  
93  C  CG  . ARG A 11 ? 0.2037 0.1960 0.1595 0.0116  -0.0073 0.0205  11  ARG A CG  
94  C  CD  . ARG A 11 ? 0.2172 0.1728 0.1709 -0.0133 -0.0112 0.0076  11  ARG A CD  
95  N  NE  . ARG A 11 ? 0.2071 0.1777 0.2041 0.0118  -0.0306 0.0156  11  ARG A NE  
96  C  CZ  . ARG A 11 ? 0.2133 0.2243 0.2396 -0.0134 -0.0156 -0.0052 11  ARG A CZ  
97  N  NH1 . ARG A 11 ? 0.2193 0.2346 0.2714 0.0009  -0.0076 0.0147  11  ARG A NH1 
98  N  NH2 . ARG A 11 ? 0.2548 0.2582 0.2513 -0.0080 0.0171  0.0214  11  ARG A NH2 
99  N  N   . CYS A 12 ? 0.1928 0.1327 0.1373 0.0173  0.0328  0.0103  12  CYS A N   
100 C  CA  . CYS A 12 ? 0.1833 0.1471 0.1254 0.0118  0.0370  0.0207  12  CYS A CA  
101 C  C   . CYS A 12 ? 0.1676 0.1600 0.1505 0.0080  0.0597  0.0161  12  CYS A C   
102 O  O   . CYS A 12 ? 0.1728 0.1939 0.2681 0.0207  0.0892  0.0851  12  CYS A O   
103 C  CB  . CYS A 12 ? 0.1700 0.1442 0.1330 0.0054  0.0213  0.0144  12  CYS A CB  
104 S  SG  . CYS A 12 ? 0.1675 0.1464 0.1206 0.0023  0.0040  0.0144  12  CYS A SG  
105 N  N   . THR A 13 ? 0.1621 0.1651 0.1427 0.0121  0.0301  0.0183  13  THR A N   
106 C  CA  . THR A 13 ? 0.1596 0.1704 0.1599 0.0058  -0.0019 0.0038  13  THR A CA  
107 C  C   . THR A 13 ? 0.1483 0.1734 0.1515 0.0122  -0.0002 0.0167  13  THR A C   
108 O  O   . THR A 13 ? 0.1968 0.1892 0.1429 0.0496  -0.0035 -0.0028 13  THR A O   
109 C  CB  . THR A 13 ? 0.1558 0.1678 0.1780 0.0224  0.0000  0.0052  13  THR A CB  
110 O  OG1 . THR A 13 ? 0.2024 0.1816 0.1791 0.0108  0.0195  0.0086  13  THR A OG1 
111 C  CG2 . THR A 13 ? 0.2085 0.2078 0.1846 0.0140  0.0036  -0.0132 13  THR A CG2 
112 N  N   . ALA A 14 ? 0.1530 0.2072 0.1819 0.0231  0.0029  0.0190  14  ALA A N   
113 C  CA  . ALA A 14 ? 0.1718 0.2162 0.1851 -0.0015 -0.0038 0.0089  14  ALA A CA  
114 C  C   . ALA A 14 ? 0.1606 0.1850 0.1694 0.0277  -0.0015 -0.0020 14  ALA A C   
115 O  O   . ALA A 14 ? 0.1320 0.1963 0.1672 0.0223  -0.0230 -0.0078 14  ALA A O   
116 C  CB  . ALA A 14 ? 0.1832 0.2937 0.2501 0.0112  0.0218  0.0120  14  ALA A CB  
117 N  N   . PHE A 15 ? 0.1628 0.1794 0.1439 0.0257  -0.0110 0.0080  15  PHE A N   
118 C  CA  . PHE A 15 ? 0.1954 0.1534 0.1475 0.0347  -0.0001 0.0071  15  PHE A CA  
119 C  C   . PHE A 15 ? 0.2130 0.1219 0.1400 0.0389  0.0103  0.0063  15  PHE A C   
120 O  O   . PHE A 15 ? 0.2561 0.1390 0.1347 0.0396  0.0067  0.0124  15  PHE A O   
121 C  CB  . PHE A 15 ? 0.2100 0.1478 0.1596 0.0505  0.0032  0.0065  15  PHE A CB  
122 C  CG  . PHE A 15 ? 0.2099 0.1523 0.1624 0.0218  -0.0126 0.0006  15  PHE A CG  
123 C  CD1 . PHE A 15 ? 0.1953 0.1684 0.2064 0.0266  -0.0321 -0.0197 15  PHE A CD1 
124 C  CD2 . PHE A 15 ? 0.2445 0.1657 0.1950 0.0522  -0.0133 0.0022  15  PHE A CD2 
125 C  CE1 . PHE A 15 ? 0.2422 0.1880 0.2092 0.0169  -0.0273 -0.0125 15  PHE A CE1 
126 C  CE2 . PHE A 15 ? 0.2440 0.1585 0.1990 0.0195  -0.0158 -0.0143 15  PHE A CE2 
127 C  CZ  . PHE A 15 ? 0.2365 0.1675 0.1916 0.0156  -0.0231 -0.0259 15  PHE A CZ  
128 N  N   . GLN A 16 ? 0.1939 0.1190 0.1400 0.0215  0.0045  0.0019  16  GLN A N   
129 C  CA  . GLN A 16 ? 0.2028 0.1462 0.1519 0.0229  0.0247  0.0227  16  GLN A CA  
130 C  C   . GLN A 16 ? 0.1683 0.1420 0.1544 0.0332  0.0252  0.0199  16  GLN A C   
131 O  O   . GLN A 16 ? 0.1487 0.1512 0.1386 0.0204  0.0121  0.0194  16  GLN A O   
132 C  CB  . GLN A 16 ? 0.2000 0.1630 0.1684 0.0020  0.0109  0.0128  16  GLN A CB  
133 C  CG  . GLN A 16 ? 0.2145 0.1898 0.1947 -0.0053 -0.0094 -0.0095 16  GLN A CG  
134 C  CD  . GLN A 16 ? 0.2650 0.2095 0.2655 -0.0114 0.0466  0.0003  16  GLN A CD  
135 O  OE1 . GLN A 16 ? 0.3199 0.2535 0.3707 -0.0597 0.0350  -0.0587 16  GLN A OE1 
136 N  NE2 . GLN A 16 ? 0.2422 0.1944 0.2591 -0.0643 0.0520  0.0021  16  GLN A NE2 
137 N  N   . CYS A 17 ? 0.1948 0.1414 0.1149 0.0150  0.0063  0.0052  17  CYS A N   
138 C  CA  . CYS A 17 ? 0.1526 0.1268 0.1516 0.0196  0.0117  -0.0040 17  CYS A CA  
139 C  C   . CYS A 17 ? 0.1958 0.1312 0.1560 0.0240  0.0064  -0.0053 17  CYS A C   
140 O  O   . CYS A 17 ? 0.2183 0.1595 0.1368 0.0576  -0.0202 -0.0055 17  CYS A O   
141 C  CB  . CYS A 17 ? 0.1571 0.1384 0.1597 0.0107  0.0082  0.0034  17  CYS A CB  
142 S  SG  . CYS A 17 ? 0.2089 0.1406 0.1605 0.0099  0.0111  0.0086  17  CYS A SG  
143 N  N   . LYS A 18 ? 0.1444 0.1416 0.1604 0.0130  -0.0078 -0.0031 18  LYS A N   
144 C  CA  . LYS A 18 ? 0.1953 0.1565 0.1635 0.0239  -0.0181 -0.0028 18  LYS A CA  
145 C  C   . LYS A 18 ? 0.2084 0.1277 0.1455 0.0328  -0.0202 0.0060  18  LYS A C   
146 O  O   . LYS A 18 ? 0.2520 0.1636 0.1434 0.0397  -0.0269 -0.0027 18  LYS A O   
147 C  CB  . LYS A 18 ? 0.2251 0.2061 0.2089 0.0601  -0.0196 -0.0033 18  LYS A CB  
148 C  CG  . LYS A 18 ? 0.2517 0.2985 0.2812 0.0182  -0.0114 -0.0261 18  LYS A CG  
149 C  CD  . LYS A 18 ? 0.2870 0.3756 0.4496 0.0712  -0.0188 -0.0404 18  LYS A CD  
150 C  CE  . LYS A 18 ? 0.4982 0.5213 0.4443 0.0211  -0.0501 -0.0175 18  LYS A CE  
151 N  NZ  . LYS A 18 ? 0.5054 0.6269 0.3743 0.0386  -0.1584 -0.0065 18  LYS A NZ  
152 N  N   . HIS A 19 ? 0.1950 0.1175 0.1243 0.0380  -0.0110 0.0052  19  HIS A N   
153 C  CA  . HIS A 19 ? 0.1944 0.1302 0.1189 0.0307  -0.0084 -0.0002 19  HIS A CA  
154 C  C   . HIS A 19 ? 0.1834 0.1229 0.1417 0.0184  0.0251  0.0197  19  HIS A C   
155 O  O   . HIS A 19 ? 0.2206 0.1372 0.1651 0.0219  0.0422  0.0567  19  HIS A O   
156 C  CB  . HIS A 19 ? 0.2242 0.1239 0.1430 0.0476  -0.0037 0.0098  19  HIS A CB  
157 C  CG  . HIS A 19 ? 0.2352 0.1500 0.1664 0.0579  -0.0191 0.0046  19  HIS A CG  
158 N  ND1 . HIS A 19 ? 0.2772 0.2328 0.1689 0.0371  -0.0161 0.0385  19  HIS A ND1 
159 C  CD2 . HIS A 19 ? 0.2688 0.1675 0.1686 0.0691  -0.0103 -0.0138 19  HIS A CD2 
160 C  CE1 . HIS A 19 ? 0.2956 0.2002 0.2333 0.0584  -0.0307 -0.0213 19  HIS A CE1 
161 N  NE2 . HIS A 19 ? 0.2908 0.1669 0.2334 0.0932  -0.0342 -0.0140 19  HIS A NE2 
162 N  N   . SER A 20 ? 0.1549 0.1120 0.1480 0.0266  0.0136  0.0013  20  SER A N   
163 C  CA  . SER A 20 ? 0.1421 0.1428 0.1322 0.0142  0.0283  0.0163  20  SER A CA  
164 C  C   . SER A 20 ? 0.1422 0.1394 0.1321 0.0144  0.0351  0.0208  20  SER A C   
165 O  O   . SER A 20 ? 0.1411 0.1284 0.1190 0.0157  0.0288  0.0169  20  SER A O   
166 C  CB  . SER A 20 ? 0.1513 0.1536 0.1515 0.0209  0.0125  0.0056  20  SER A CB  
167 O  OG  . SER A 20 ? 0.1483 0.1967 0.1766 0.0248  -0.0074 -0.0095 20  SER A OG  
168 N  N   . MET A 21 ? 0.1683 0.1349 0.1134 0.0188  0.0219  0.0126  21  MET A N   
169 C  CA  . MET A 21 ? 0.1109 0.1309 0.1065 0.0061  0.0163  0.0078  21  MET A CA  
170 C  C   . MET A 21 ? 0.1106 0.1195 0.1099 -0.0024 0.0098  0.0086  21  MET A C   
171 O  O   . MET A 21 ? 0.0862 0.1217 0.1085 -0.0189 -0.0015 0.0116  21  MET A O   
172 C  CB  . MET A 21 ? 0.1096 0.1328 0.1066 0.0041  0.0185  0.0164  21  MET A CB  
173 C  CG  . MET A 21 ? 0.1119 0.1450 0.0950 -0.0068 0.0029  0.0061  21  MET A CG  
174 S  SD  . MET A 21 ? 0.1292 0.1526 0.1113 -0.0260 0.0191  0.0093  21  MET A SD  
175 C  CE  . MET A 21 ? 0.1498 0.1484 0.1251 -0.0208 0.0156  0.0047  21  MET A CE  
176 N  N   . LYS A 22 ? 0.1188 0.1074 0.1114 -0.0085 0.0072  0.0211  22  LYS A N   
177 C  CA  A LYS A 22 ? 0.1101 0.1146 0.1059 -0.0124 0.0022  0.0079  22  LYS A CA  
178 C  CA  B LYS A 22 ? 0.1154 0.1153 0.1104 -0.0088 0.0048  0.0156  22  LYS A CA  
179 C  CA  C LYS A 22 ? 0.1131 0.1198 0.1161 -0.0108 0.0034  0.0209  22  LYS A CA  
180 C  C   . LYS A 22 ? 0.1213 0.1264 0.1138 -0.0105 0.0126  0.0102  22  LYS A C   
181 O  O   . LYS A 22 ? 0.0903 0.1323 0.1161 -0.0189 0.0023  0.0129  22  LYS A O   
182 C  CB  A LYS A 22 ? 0.1013 0.1175 0.1114 -0.0087 0.0021  0.0052  22  LYS A CB  
183 C  CB  B LYS A 22 ? 0.1100 0.1137 0.1136 -0.0096 0.0125  0.0179  22  LYS A CB  
184 C  CB  C LYS A 22 ? 0.0985 0.1212 0.1257 -0.0089 0.0084  0.0220  22  LYS A CB  
185 C  CG  A LYS A 22 ? 0.1046 0.1137 0.1112 -0.0115 0.0029  0.0031  22  LYS A CG  
186 C  CG  B LYS A 22 ? 0.1224 0.1131 0.1102 -0.0060 0.0196  0.0100  22  LYS A CG  
187 C  CG  C LYS A 22 ? 0.1244 0.1402 0.1226 -0.0045 0.0221  0.0219  22  LYS A CG  
188 C  CD  A LYS A 22 ? 0.0965 0.1141 0.0978 -0.0128 0.0139  0.0104  22  LYS A CD  
189 C  CD  B LYS A 22 ? 0.1248 0.0997 0.1028 0.0018  0.0110  0.0121  22  LYS A CD  
190 C  CD  C LYS A 22 ? 0.1165 0.1770 0.1676 -0.0094 -0.0027 0.0063  22  LYS A CD  
191 C  CE  A LYS A 22 ? 0.1065 0.1071 0.0932 -0.0054 0.0111  0.0090  22  LYS A CE  
192 C  CE  C LYS A 22 ? 0.1875 0.1887 0.1946 -0.0233 0.0257  0.0135  22  LYS A CE  
193 N  NZ  A LYS A 22 ? 0.1117 0.1151 0.1242 -0.0089 -0.0004 0.0039  22  LYS A NZ  
194 N  NZ  C LYS A 22 ? 0.2259 0.2259 0.2500 0.0052  0.0066  0.0147  22  LYS A NZ  
195 N  N   . TYR A 23 ? 0.1115 0.1200 0.1153 -0.0152 0.0046  0.0109  23  TYR A N   
196 C  CA  . TYR A 23 ? 0.1307 0.1120 0.0943 -0.0034 0.0043  0.0123  23  TYR A CA  
197 C  C   . TYR A 23 ? 0.1137 0.1163 0.0897 0.0012  -0.0038 0.0162  23  TYR A C   
198 O  O   . TYR A 23 ? 0.1026 0.1194 0.0866 -0.0151 -0.0081 0.0169  23  TYR A O   
199 C  CB  . TYR A 23 ? 0.1455 0.1180 0.0991 -0.0057 0.0128  -0.0034 23  TYR A CB  
200 C  CG  . TYR A 23 ? 0.1516 0.1334 0.1057 -0.0164 -0.0003 -0.0013 23  TYR A CG  
201 C  CD1 . TYR A 23 ? 0.1559 0.1453 0.1485 -0.0251 0.0132  -0.0052 23  TYR A CD1 
202 C  CD2 . TYR A 23 ? 0.1501 0.1582 0.1114 -0.0102 0.0046  -0.0052 23  TYR A CD2 
203 C  CE1 . TYR A 23 ? 0.2150 0.1459 0.1907 -0.0424 0.0112  -0.0205 23  TYR A CE1 
204 C  CE2 . TYR A 23 ? 0.2168 0.1706 0.1535 -0.0195 0.0027  -0.0300 23  TYR A CE2 
205 C  CZ  . TYR A 23 ? 0.2047 0.1765 0.2021 -0.0303 0.0174  -0.0664 23  TYR A CZ  
206 O  OH  . TYR A 23 ? 0.2315 0.2365 0.2596 -0.0556 0.0163  -0.1138 23  TYR A OH  
207 N  N   . ARG A 24 ? 0.0923 0.1146 0.1001 -0.0016 -0.0116 0.0214  24  ARG A N   
208 C  CA  . ARG A 24 ? 0.1050 0.1108 0.1156 -0.0140 -0.0002 0.0313  24  ARG A CA  
209 C  C   . ARG A 24 ? 0.1050 0.1173 0.1011 -0.0120 0.0062  0.0174  24  ARG A C   
210 O  O   . ARG A 24 ? 0.1319 0.1108 0.1107 -0.0030 0.0093  0.0254  24  ARG A O   
211 C  CB  . ARG A 24 ? 0.1088 0.1271 0.1208 -0.0025 -0.0089 0.0144  24  ARG A CB  
212 C  CG  . ARG A 24 ? 0.1112 0.1307 0.1475 -0.0005 -0.0153 0.0175  24  ARG A CG  
213 C  CD  . ARG A 24 ? 0.1273 0.1295 0.1495 0.0099  -0.0237 0.0048  24  ARG A CD  
214 N  NE  . ARG A 24 ? 0.1352 0.1270 0.1425 0.0113  -0.0268 0.0041  24  ARG A NE  
215 C  CZ  . ARG A 24 ? 0.1515 0.1257 0.1218 0.0092  -0.0209 -0.0034 24  ARG A CZ  
216 N  NH1 . ARG A 24 ? 0.1594 0.1314 0.1432 0.0010  -0.0122 0.0070  24  ARG A NH1 
217 N  NH2 . ARG A 24 ? 0.2155 0.1259 0.1209 0.0092  -0.0106 -0.0096 24  ARG A NH2 
218 N  N   . LEU A 25 ? 0.0991 0.1109 0.1109 -0.0106 0.0039  0.0100  25  LEU A N   
219 C  CA  . LEU A 25 ? 0.1137 0.1067 0.1130 -0.0157 0.0140  0.0023  25  LEU A CA  
220 C  C   . LEU A 25 ? 0.1265 0.1211 0.1089 0.0082  0.0174  0.0046  25  LEU A C   
221 O  O   . LEU A 25 ? 0.1305 0.1297 0.1628 0.0158  -0.0015 -0.0073 25  LEU A O   
222 C  CB  . LEU A 25 ? 0.1169 0.1279 0.1103 -0.0121 0.0083  0.0104  25  LEU A CB  
223 C  CG  . LEU A 25 ? 0.1228 0.1635 0.1192 -0.0193 0.0007  0.0046  25  LEU A CG  
224 C  CD1 . LEU A 25 ? 0.1801 0.1686 0.1162 -0.0248 0.0112  0.0001  25  LEU A CD1 
225 C  CD2 . LEU A 25 ? 0.1483 0.1822 0.1299 -0.0391 0.0001  0.0097  25  LEU A CD2 
226 N  N   . SER A 26 ? 0.0943 0.1305 0.1017 0.0011  0.0082  0.0095  26  SER A N   
227 C  CA  . SER A 26 ? 0.1029 0.1579 0.1157 0.0076  0.0002  0.0179  26  SER A CA  
228 C  C   . SER A 26 ? 0.0547 0.1426 0.1189 -0.0213 0.0056  0.0162  26  SER A C   
229 O  O   . SER A 26 ? 0.1083 0.1600 0.1369 0.0033  0.0003  0.0234  26  SER A O   
230 C  CB  . SER A 26 ? 0.1130 0.1780 0.1306 -0.0010 0.0096  0.0235  26  SER A CB  
231 O  OG  . SER A 26 ? 0.0977 0.2249 0.1787 -0.0185 -0.0034 0.0294  26  SER A OG  
232 N  N   . PHE A 27 ? 0.0615 0.1514 0.1125 -0.0105 -0.0055 0.0100  27  PHE A N   
233 C  CA  . PHE A 27 ? 0.0709 0.1605 0.1196 -0.0082 0.0070  0.0008  27  PHE A CA  
234 C  C   . PHE A 27 ? 0.0823 0.1211 0.1058 -0.0115 -0.0005 0.0122  27  PHE A C   
235 O  O   . PHE A 27 ? 0.1341 0.1558 0.1016 -0.0216 -0.0011 0.0093  27  PHE A O   
236 C  CB  . PHE A 27 ? 0.1037 0.1603 0.1153 -0.0151 0.0095  0.0073  27  PHE A CB  
237 C  CG  . PHE A 27 ? 0.0882 0.1954 0.1407 -0.0296 0.0047  -0.0111 27  PHE A CG  
238 C  CD1 . PHE A 27 ? 0.0725 0.2350 0.1866 -0.0278 0.0017  -0.0086 27  PHE A CD1 
239 C  CD2 . PHE A 27 ? 0.1505 0.2095 0.1952 -0.0431 0.0014  0.0230  27  PHE A CD2 
240 C  CE1 . PHE A 27 ? 0.0514 0.2369 0.2422 0.0198  0.0586  -0.0123 27  PHE A CE1 
241 C  CE2 . PHE A 27 ? 0.1827 0.2191 0.2388 -0.0472 0.0391  0.0236  27  PHE A CE2 
242 C  CZ  . PHE A 27 ? 0.1661 0.2429 0.2225 -0.0403 0.0261  0.0153  27  PHE A CZ  
243 N  N   . CYS A 28 ? 0.0916 0.1379 0.1001 -0.0156 -0.0060 0.0115  28  CYS A N   
244 C  CA  . CYS A 28 ? 0.1091 0.1350 0.1016 -0.0341 0.0053  0.0077  28  CYS A CA  
245 C  C   . CYS A 28 ? 0.0835 0.1237 0.1047 -0.0261 0.0061  0.0084  28  CYS A C   
246 O  O   . CYS A 28 ? 0.0866 0.1360 0.1042 -0.0204 -0.0020 0.0085  28  CYS A O   
247 C  CB  . CYS A 28 ? 0.1248 0.1479 0.1207 -0.0199 0.0102  0.0068  28  CYS A CB  
248 S  SG  . CYS A 28 ? 0.1275 0.1463 0.1356 -0.0145 0.0050  0.0008  28  CYS A SG  
249 N  N   A ARG A 29 ? 0.0874 0.1292 0.0991 -0.0202 0.0008  0.0090  29  ARG A N   
250 N  N   B ARG A 29 ? 0.0869 0.1297 0.0995 -0.0200 0.0003  0.0085  29  ARG A N   
251 C  CA  A ARG A 29 ? 0.0968 0.1331 0.1144 -0.0229 0.0055  -0.0003 29  ARG A CA  
252 C  CA  B ARG A 29 ? 0.0959 0.1335 0.1150 -0.0223 0.0043  -0.0010 29  ARG A CA  
253 C  C   A ARG A 29 ? 0.0862 0.1589 0.1298 -0.0180 0.0025  0.0051  29  ARG A C   
254 C  C   B ARG A 29 ? 0.0857 0.1591 0.1300 -0.0181 0.0018  0.0047  29  ARG A C   
255 O  O   A ARG A 29 ? 0.1007 0.2073 0.1429 -0.0412 -0.0029 -0.0100 29  ARG A O   
256 O  O   B ARG A 29 ? 0.1021 0.2060 0.1443 -0.0421 -0.0044 -0.0096 29  ARG A O   
257 C  CB  A ARG A 29 ? 0.1184 0.1412 0.1244 -0.0102 0.0091  0.0031  29  ARG A CB  
258 C  CB  B ARG A 29 ? 0.1203 0.1435 0.1282 -0.0064 0.0046  0.0004  29  ARG A CB  
259 C  CG  A ARG A 29 ? 0.1244 0.1371 0.1323 -0.0169 0.0108  0.0113  29  ARG A CG  
260 C  CG  B ARG A 29 ? 0.1280 0.1473 0.1377 -0.0098 0.0085  0.0059  29  ARG A CG  
261 C  CD  A ARG A 29 ? 0.1538 0.1458 0.1460 0.0010  0.0182  0.0208  29  ARG A CD  
262 C  CD  B ARG A 29 ? 0.1588 0.1586 0.1662 0.0122  0.0101  0.0165  29  ARG A CD  
263 N  NE  A ARG A 29 ? 0.1462 0.1338 0.1621 0.0070  0.0210  0.0283  29  ARG A NE  
264 N  NE  B ARG A 29 ? 0.1695 0.1656 0.2008 -0.0001 0.0141  0.0116  29  ARG A NE  
265 C  CZ  A ARG A 29 ? 0.1323 0.1155 0.1824 0.0256  0.0389  0.0207  29  ARG A CZ  
266 C  CZ  B ARG A 29 ? 0.2167 0.2188 0.2108 0.0206  0.0023  -0.0101 29  ARG A CZ  
267 N  NH1 A ARG A 29 ? 0.1567 0.1481 0.1863 0.0096  0.0285  0.0140  29  ARG A NH1 
268 N  NH1 B ARG A 29 ? 0.2023 0.2005 0.1917 0.0192  0.0007  -0.0306 29  ARG A NH1 
269 N  NH2 A ARG A 29 ? 0.1725 0.1386 0.2423 0.0157  0.0292  -0.0117 29  ARG A NH2 
270 N  NH2 B ARG A 29 ? 0.2429 0.2301 0.3014 -0.0057 0.0016  -0.0174 29  ARG A NH2 
271 N  N   . LYS A 30 ? 0.0843 0.1326 0.1319 -0.0372 -0.0015 0.0123  30  LYS A N   
272 C  CA  . LYS A 30 ? 0.1107 0.1459 0.1766 -0.0378 0.0395  0.0035  30  LYS A CA  
273 C  C   . LYS A 30 ? 0.0771 0.1603 0.1629 -0.0443 0.0237  -0.0244 30  LYS A C   
274 O  O   . LYS A 30 ? 0.0637 0.1854 0.2050 -0.0649 0.0417  -0.0305 30  LYS A O   
275 C  CB  . LYS A 30 ? 0.1988 0.1680 0.1840 -0.0242 0.0299  0.0073  30  LYS A CB  
276 C  CG  . LYS A 30 ? 0.2397 0.2465 0.2602 -0.0334 0.0766  0.0455  30  LYS A CG  
277 C  CD  . LYS A 30 ? 0.4158 0.3575 0.2759 -0.0286 0.0668  0.0076  30  LYS A CD  
278 C  CE  . LYS A 30 ? 0.4732 0.4659 0.3303 -0.0395 -0.0162 0.0166  30  LYS A CE  
279 N  NZ  . LYS A 30 ? 0.5993 0.5471 0.3501 -0.1029 0.0205  0.0361  30  LYS A NZ  
280 N  N   . THR A 31 ? 0.1032 0.1479 0.1740 -0.0462 0.0134  -0.0095 31  THR A N   
281 C  CA  . THR A 31 ? 0.0951 0.1764 0.1822 -0.0364 0.0300  -0.0199 31  THR A CA  
282 C  C   . THR A 31 ? 0.0791 0.1490 0.1977 -0.0426 0.0184  -0.0144 31  THR A C   
283 O  O   . THR A 31 ? 0.0839 0.1826 0.2585 -0.0256 0.0367  -0.0234 31  THR A O   
284 C  CB  . THR A 31 ? 0.1651 0.1784 0.1860 -0.0106 0.0273  -0.0432 31  THR A CB  
285 O  OG1 . THR A 31 ? 0.1607 0.2347 0.1976 -0.0298 0.0143  -0.0114 31  THR A OG1 
286 C  CG2 . THR A 31 ? 0.1621 0.2054 0.2167 0.0078  0.0271  -0.0351 31  THR A CG2 
287 N  N   . CYS A 32 ? 0.0885 0.1428 0.1830 -0.0155 0.0155  -0.0081 32  CYS A N   
288 C  CA  . CYS A 32 ? 0.0818 0.1532 0.1878 -0.0040 0.0126  -0.0089 32  CYS A CA  
289 C  C   . CYS A 32 ? 0.0989 0.1684 0.1974 0.0051  -0.0066 -0.0223 32  CYS A C   
290 O  O   . CYS A 32 ? 0.1453 0.2028 0.2235 -0.0034 -0.0501 -0.0097 32  CYS A O   
291 C  CB  . CYS A 32 ? 0.0993 0.1361 0.1562 -0.0098 0.0003  0.0035  32  CYS A CB  
292 S  SG  . CYS A 32 ? 0.1327 0.1349 0.1524 -0.0197 -0.0104 0.0101  32  CYS A SG  
293 N  N   . GLY A 33 ? 0.0714 0.1741 0.2238 -0.0160 -0.0114 -0.0280 33  GLY A N   
294 C  CA  . GLY A 33 ? 0.1168 0.1707 0.2183 -0.0190 -0.0106 -0.0342 33  GLY A CA  
295 C  C   . GLY A 33 ? 0.0848 0.1813 0.2018 -0.0065 -0.0469 -0.0477 33  GLY A C   
296 O  O   . GLY A 33 ? 0.0912 0.1943 0.2235 -0.0003 -0.0620 -0.0624 33  GLY A O   
297 N  N   . THR A 34 ? 0.0860 0.1752 0.1763 -0.0174 -0.0492 -0.0646 34  THR A N   
298 C  CA  . THR A 34 ? 0.0880 0.1463 0.1462 -0.0170 -0.0411 -0.0191 34  THR A CA  
299 C  C   . THR A 34 ? 0.0676 0.1469 0.1341 -0.0346 -0.0352 -0.0145 34  THR A C   
300 O  O   . THR A 34 ? 0.1279 0.1584 0.1641 -0.0075 -0.0173 -0.0272 34  THR A O   
301 C  CB  . THR A 34 ? 0.0956 0.1346 0.1295 -0.0246 -0.0253 -0.0065 34  THR A CB  
302 O  OG1 . THR A 34 ? 0.1279 0.1477 0.1576 -0.0023 -0.0352 0.0353  34  THR A OG1 
303 C  CG2 . THR A 34 ? 0.1279 0.1364 0.1358 -0.0210 -0.0069 -0.0022 34  THR A CG2 
304 N  N   . CYS A 35 ? 0.1400 0.1586 0.1509 -0.0405 -0.0246 0.0080  35  CYS A N   
305 C  CA  . CYS A 35 ? 0.1649 0.1545 0.1995 -0.0431 -0.0275 0.0018  35  CYS A CA  
306 C  C   . CYS A 35 ? 0.1685 0.2264 0.2446 -0.0602 -0.0198 0.0418  35  CYS A C   
307 O  O   . CYS A 35 ? 0.2059 0.2448 0.3392 -0.0821 -0.0205 0.0714  35  CYS A O   
308 C  CB  . CYS A 35 ? 0.1627 0.1655 0.2478 0.0026  -0.0025 0.0035  35  CYS A CB  
309 S  SG  . CYS A 35 ? 0.1802 0.1963 0.3256 0.0001  -0.0759 -0.0026 35  CYS A SG  
310 O  OXT . CYS A 35 ? 0.1308 0.2776 0.2577 -0.0347 -0.0031 0.0319  35  CYS A OXT 
311 N  N   . DAR B 1  ? 0.1894 0.2497 0.2570 -0.0439 0.0111  -0.0028 1   DAR B N   
312 C  CA  . DAR B 1  ? 0.1885 0.2457 0.2277 -0.0261 0.0147  0.0125  1   DAR B CA  
313 C  CB  . DAR B 1  ? 0.2171 0.2524 0.2186 -0.0156 0.0090  0.0047  1   DAR B CB  
314 C  CG  . DAR B 1  ? 0.1696 0.2548 0.2750 -0.0274 0.0236  0.0016  1   DAR B CG  
315 C  CD  . DAR B 1  ? 0.1650 0.2527 0.2913 0.0027  -0.0008 0.0179  1   DAR B CD  
316 N  NE  . DAR B 1  ? 0.2060 0.2513 0.2870 -0.0038 -0.0150 0.0521  1   DAR B NE  
317 C  CZ  . DAR B 1  ? 0.2711 0.2829 0.2864 0.0445  0.0144  0.0607  1   DAR B CZ  
318 N  NH1 . DAR B 1  ? 0.2540 0.3059 0.3384 0.0118  0.0881  0.0383  1   DAR B NH1 
319 N  NH2 . DAR B 1  ? 0.2700 0.3348 0.2925 0.0502  0.0081  0.0293  1   DAR B NH2 
320 C  C   . DAR B 1  ? 0.1644 0.2448 0.2354 -0.0176 -0.0126 -0.0047 1   DAR B C   
321 O  O   . DAR B 1  ? 0.1625 0.3052 0.3147 -0.0123 -0.0236 -0.1008 1   DAR B O   
322 N  N   . DSN B 2  ? 0.1729 0.2113 0.2729 0.0070  -0.0267 -0.0150 2   DSN B N   
323 C  CA  . DSN B 2  ? 0.2016 0.1742 0.2787 0.0200  -0.0063 0.0164  2   DSN B CA  
324 C  C   . DSN B 2  ? 0.1654 0.1535 0.2406 -0.0171 0.0057  0.0316  2   DSN B C   
325 O  O   . DSN B 2  ? 0.1964 0.1800 0.2849 0.0058  0.0219  0.0722  2   DSN B O   
326 C  CB  . DSN B 2  ? 0.1853 0.2168 0.2809 0.0048  -0.0195 0.0508  2   DSN B CB  
327 O  OG  . DSN B 2  ? 0.2292 0.2104 0.3346 -0.0214 -0.0446 0.1188  2   DSN B OG  
328 N  N   . DCY B 3  ? 0.1632 0.1179 0.2197 -0.0135 -0.0020 0.0031  3   DCY B N   
329 C  CA  . DCY B 3  ? 0.1565 0.1157 0.2317 -0.0147 0.0040  -0.0031 3   DCY B CA  
330 C  C   . DCY B 3  ? 0.2044 0.1375 0.2177 -0.0232 0.0056  -0.0022 3   DCY B C   
331 O  O   . DCY B 3  ? 0.2346 0.2076 0.2514 -0.0614 0.0318  -0.0302 3   DCY B O   
332 C  CB  . DCY B 3  ? 0.1777 0.1578 0.2716 -0.0425 -0.0019 -0.0128 3   DCY B CB  
333 S  SG  . DCY B 3  ? 0.1942 0.1776 0.3301 -0.0303 -0.0125 -0.0128 3   DCY B SG  
334 N  N   . DIL B 4  ? 0.2078 0.1266 0.1536 -0.0205 0.0065  -0.0101 4   DIL B N   
335 C  CA  . DIL B 4  ? 0.2400 0.1301 0.1538 -0.0118 -0.0086 -0.0079 4   DIL B CA  
336 C  C   . DIL B 4  ? 0.2165 0.1311 0.1316 -0.0136 -0.0352 -0.0053 4   DIL B C   
337 O  O   . DIL B 4  ? 0.3258 0.1540 0.1544 -0.0096 0.0140  -0.0190 4   DIL B O   
338 C  CB  . DIL B 4  ? 0.2595 0.1689 0.1732 -0.0040 -0.0181 0.0100  4   DIL B CB  
339 C  CG1 . DIL B 4  ? 0.2602 0.2057 0.1949 0.0159  0.0161  0.0144  4   DIL B CG1 
340 C  CG2 . DIL B 4  ? 0.2809 0.1691 0.2060 -0.0022 0.0060  0.0160  4   DIL B CG2 
341 C  CD1 . DIL B 4  ? 0.2797 0.2346 0.2225 0.0095  -0.0154 -0.0023 4   DIL B CD1 
342 N  N   . DAS B 5  ? 0.1780 0.1297 0.1199 -0.0170 -0.0266 0.0050  5   DAS B N   
343 C  CA  . DAS B 5  ? 0.1605 0.1398 0.1233 -0.0260 -0.0282 0.0157  5   DAS B CA  
344 C  C   . DAS B 5  ? 0.1610 0.1405 0.0855 -0.0140 -0.0273 0.0159  5   DAS B C   
345 O  O   . DAS B 5  ? 0.2103 0.1605 0.0990 -0.0175 -0.0306 0.0355  5   DAS B O   
346 C  CB  . DAS B 5  ? 0.1842 0.1471 0.0811 -0.0336 -0.0103 0.0189  5   DAS B CB  
347 C  CG  . DAS B 5  ? 0.1566 0.1533 0.1195 -0.0487 0.0226  0.0174  5   DAS B CG  
348 O  OD1 . DAS B 5  ? 0.1419 0.1532 0.1296 -0.0419 0.0145  -0.0002 5   DAS B OD1 
349 O  OD2 . DAS B 5  ? 0.2187 0.2477 0.1318 -0.0256 0.0504  -0.0149 5   DAS B OD2 
350 N  N   . DTH B 6  ? 0.1486 0.1472 0.1205 -0.0075 -0.0214 0.0183  6   DTH B N   
351 C  CA  . DTH B 6  ? 0.1558 0.1623 0.1197 0.0238  -0.0403 0.0089  6   DTH B CA  
352 C  CB  . DTH B 6  ? 0.1753 0.1788 0.1580 0.0418  -0.0181 -0.0051 6   DTH B CB  
353 C  CG2 . DTH B 6  ? 0.1553 0.1781 0.1759 0.0194  -0.0343 -0.0116 6   DTH B CG2 
354 O  OG1 . DTH B 6  ? 0.1923 0.2284 0.1460 0.0555  -0.0215 0.0303  6   DTH B OG1 
355 C  C   . DTH B 6  ? 0.1505 0.1778 0.1243 0.0002  -0.0185 0.0050  6   DTH B C   
356 O  O   . DTH B 6  ? 0.1480 0.1855 0.1891 -0.0073 -0.0182 -0.0130 6   DTH B O   
357 N  N   . DIL B 7  ? 0.1232 0.1458 0.1054 -0.0218 -0.0279 0.0042  7   DIL B N   
358 C  CA  . DIL B 7  ? 0.1307 0.1437 0.1010 -0.0097 -0.0174 0.0011  7   DIL B CA  
359 C  C   . DIL B 7  ? 0.1256 0.1372 0.1037 -0.0054 -0.0199 0.0160  7   DIL B C   
360 O  O   . DIL B 7  ? 0.1441 0.1325 0.1106 -0.0108 -0.0151 -0.0001 7   DIL B O   
361 C  CB  . DIL B 7  ? 0.1321 0.1472 0.1096 -0.0342 -0.0336 0.0029  7   DIL B CB  
362 C  CG1 . DIL B 7  ? 0.1354 0.1519 0.1099 -0.0023 -0.0210 -0.0091 7   DIL B CG1 
363 C  CG2 . DIL B 7  ? 0.1532 0.1832 0.1404 -0.0384 -0.0115 0.0184  7   DIL B CG2 
364 C  CD1 . DIL B 7  ? 0.1498 0.1667 0.1135 -0.0162 -0.0175 0.0024  7   DIL B CD1 
365 N  N   . DPR B 8  ? 0.1394 0.1439 0.1010 -0.0123 -0.0038 0.0120  8   DPR B N   
366 C  CA  . DPR B 8  ? 0.1396 0.1428 0.1109 -0.0009 -0.0011 0.0102  8   DPR B CA  
367 C  CB  . DPR B 8  ? 0.1802 0.1508 0.1046 0.0072  0.0040  0.0016  8   DPR B CB  
368 C  CG  . DPR B 8  ? 0.1882 0.1361 0.1412 -0.0149 -0.0026 -0.0141 8   DPR B CG  
369 C  CD  . DPR B 8  ? 0.1582 0.1460 0.1263 -0.0131 -0.0201 -0.0085 8   DPR B CD  
370 C  C   . DPR B 8  ? 0.1435 0.1325 0.0964 0.0057  -0.0008 0.0229  8   DPR B C   
371 O  O   . DPR B 8  ? 0.1422 0.1310 0.0995 0.0134  0.0028  0.0257  8   DPR B O   
372 N  N   . DLY B 9  ? 0.1179 0.1807 0.1166 -0.0056 -0.0082 0.0353  9   DLY B N   
373 C  CA  . DLY B 9  ? 0.1279 0.1788 0.1657 -0.0099 -0.0291 0.0110  9   DLY B CA  
374 C  C   . DLY B 9  ? 0.1214 0.1745 0.1552 -0.0174 -0.0048 0.0323  9   DLY B C   
375 O  O   . DLY B 9  ? 0.1532 0.1767 0.1589 -0.0061 -0.0168 0.0313  9   DLY B O   
376 C  CB  . DLY B 9  ? 0.1814 0.2102 0.1813 -0.0197 -0.0116 0.0301  9   DLY B CB  
377 C  CG  . DLY B 9  ? 0.1843 0.2487 0.2431 -0.0189 -0.0100 -0.0012 9   DLY B CG  
378 C  CD  . DLY B 9  ? 0.2852 0.3075 0.2672 -0.0027 0.0122  -0.0494 9   DLY B CD  
379 C  CE  . DLY B 9  ? 0.2879 0.3962 0.4009 -0.0043 0.0024  -0.0555 9   DLY B CE  
380 N  NZ  . DLY B 9  ? 0.3430 0.4376 0.4651 0.0340  0.0518  -0.0434 9   DLY B NZ  
381 N  N   A DSN B 10 ? 0.1391 0.1667 0.1380 0.0002  -0.0021 0.0364  10  DSN B N   
382 N  N   B DSN B 10 ? 0.1328 0.1672 0.1395 0.0016  0.0018  0.0391  10  DSN B N   
383 C  CA  A DSN B 10 ? 0.1518 0.1727 0.1707 0.0145  0.0182  0.0185  10  DSN B CA  
384 C  CA  B DSN B 10 ? 0.1458 0.1851 0.1896 0.0316  0.0323  0.0432  10  DSN B CA  
385 C  C   A DSN B 10 ? 0.1459 0.1566 0.1641 0.0137  0.0054  0.0185  10  DSN B C   
386 C  C   B DSN B 10 ? 0.1422 0.1567 0.1654 0.0114  0.0090  0.0212  10  DSN B C   
387 O  O   A DSN B 10 ? 0.1987 0.1553 0.1770 0.0336  0.0128  0.0219  10  DSN B O   
388 O  O   B DSN B 10 ? 0.1994 0.1495 0.1906 0.0305  0.0139  0.0182  10  DSN B O   
389 C  CB  A DSN B 10 ? 0.2410 0.2165 0.1683 0.0279  0.0214  0.0035  10  DSN B CB  
390 C  CB  B DSN B 10 ? 0.1950 0.2011 0.0933 0.0575  0.0816  0.0945  10  DSN B CB  
391 O  OG  A DSN B 10 ? 0.2777 0.2711 0.2041 0.0082  0.0547  0.0083  10  DSN B OG  
392 O  OG  B DSN B 10 ? 0.2252 0.1999 0.2453 0.0510  0.0456  0.0147  10  DSN B OG  
393 N  N   . DAR B 11 ? 0.1681 0.1378 0.1556 0.0167  0.0171  0.0165  11  DAR B N   
394 C  CA  . DAR B 11 ? 0.1784 0.1266 0.1538 -0.0004 0.0160  0.0104  11  DAR B CA  
395 C  CB  . DAR B 11 ? 0.1688 0.1290 0.1703 -0.0302 0.0105  0.0147  11  DAR B CB  
396 C  CG  . DAR B 11 ? 0.2043 0.1428 0.1565 0.0165  -0.0458 0.0273  11  DAR B CG  
397 C  CD  . DAR B 11 ? 0.1944 0.1970 0.2276 -0.0124 -0.0676 0.0129  11  DAR B CD  
398 N  NE  . DAR B 11 ? 0.1548 0.2950 0.2516 -0.0572 -0.0553 0.0275  11  DAR B NE  
399 C  CZ  . DAR B 11 ? 0.2344 0.3215 0.2706 -0.0603 0.0305  0.0589  11  DAR B CZ  
400 N  NH1 . DAR B 11 ? 0.1668 0.4203 0.2903 0.0054  0.1206  0.0037  11  DAR B NH1 
401 N  NH2 . DAR B 11 ? 0.3205 0.4252 0.2542 -0.0527 0.0401  0.0529  11  DAR B NH2 
402 C  C   . DAR B 11 ? 0.1829 0.1494 0.1278 -0.0029 0.0329  0.0179  11  DAR B C   
403 O  O   . DAR B 11 ? 0.1760 0.1674 0.1251 0.0132  0.0024  0.0274  11  DAR B O   
404 N  N   . DCY B 12 ? 0.1885 0.1405 0.1401 0.0019  0.0049  0.0155  12  DCY B N   
405 C  CA  . DCY B 12 ? 0.1778 0.1672 0.1244 0.0134  0.0239  0.0032  12  DCY B CA  
406 C  C   . DCY B 12 ? 0.1859 0.1710 0.1542 0.0198  0.0153  0.0353  12  DCY B C   
407 O  O   . DCY B 12 ? 0.2151 0.2265 0.2586 0.0283  0.0707  0.0609  12  DCY B O   
408 C  CB  . DCY B 12 ? 0.1583 0.1636 0.1334 0.0105  0.0155  -0.0091 12  DCY B CB  
409 S  SG  . DCY B 12 ? 0.1639 0.1349 0.1190 0.0075  -0.0100 0.0140  12  DCY B SG  
410 N  N   . DTH B 13 ? 0.1435 0.1827 0.1210 0.0024  -0.0094 0.0320  13  DTH B N   
411 C  CA  . DTH B 13 ? 0.1601 0.1822 0.1528 0.0170  -0.0007 0.0195  13  DTH B CA  
412 C  CB  . DTH B 13 ? 0.2000 0.1872 0.1517 0.0165  -0.0032 0.0149  13  DTH B CB  
413 C  CG2 . DTH B 13 ? 0.2319 0.2087 0.1501 0.0415  0.0000  -0.0010 13  DTH B CG2 
414 O  OG1 . DTH B 13 ? 0.2253 0.1642 0.1688 -0.0128 -0.0020 0.0172  13  DTH B OG1 
415 C  C   . DTH B 13 ? 0.1496 0.1922 0.1506 0.0031  0.0097  0.0137  13  DTH B C   
416 O  O   . DTH B 13 ? 0.1702 0.1467 0.1427 0.0298  0.0137  0.0348  13  DTH B O   
417 N  N   . DAL B 14 ? 0.1602 0.1975 0.1930 0.0206  -0.0010 0.0008  14  DAL B N   
418 C  CA  . DAL B 14 ? 0.1794 0.2127 0.1867 0.0071  -0.0018 0.0023  14  DAL B CA  
419 C  CB  . DAL B 14 ? 0.1825 0.2346 0.1959 0.0229  -0.0044 0.0136  14  DAL B CB  
420 C  C   . DAL B 14 ? 0.2089 0.1655 0.1504 0.0522  -0.0118 0.0014  14  DAL B C   
421 O  O   . DAL B 14 ? 0.2244 0.1648 0.1507 0.0338  -0.0243 -0.0063 14  DAL B O   
422 N  N   . DPN B 15 ? 0.1824 0.1633 0.1430 0.0491  0.0077  -0.0001 15  DPN B N   
423 C  CA  . DPN B 15 ? 0.2045 0.1557 0.1284 0.0477  0.0078  -0.0032 15  DPN B CA  
424 C  C   . DPN B 15 ? 0.1888 0.1453 0.1527 0.0444  -0.0041 0.0034  15  DPN B C   
425 O  O   . DPN B 15 ? 0.1778 0.1392 0.1533 0.0448  -0.0136 -0.0072 15  DPN B O   
426 C  CB  . DPN B 15 ? 0.2250 0.1685 0.1490 0.0211  0.0261  -0.0155 15  DPN B CB  
427 C  CG  . DPN B 15 ? 0.2421 0.1128 0.1593 0.0392  0.0166  -0.0251 15  DPN B CG  
428 C  CD1 . DPN B 15 ? 0.2277 0.1305 0.1802 0.0432  0.0226  -0.0162 15  DPN B CD1 
429 C  CD2 . DPN B 15 ? 0.2511 0.1458 0.1721 0.0384  0.0254  -0.0214 15  DPN B CD2 
430 C  CE1 . DPN B 15 ? 0.2527 0.1050 0.1997 0.0564  0.0249  -0.0157 15  DPN B CE1 
431 C  CE2 . DPN B 15 ? 0.2734 0.1482 0.2243 0.0032  0.0417  -0.0228 15  DPN B CE2 
432 C  CZ  . DPN B 15 ? 0.2657 0.1691 0.2215 0.0156  0.0357  -0.0375 15  DPN B CZ  
433 N  N   . DGN B 16 ? 0.1581 0.1361 0.1337 0.0178  0.0030  0.0039  16  DGN B N   
434 C  CA  . DGN B 16 ? 0.1671 0.1476 0.1444 0.0285  0.0132  0.0201  16  DGN B CA  
435 C  C   . DGN B 16 ? 0.1192 0.1310 0.1559 0.0277  0.0065  0.0295  16  DGN B C   
436 O  O   . DGN B 16 ? 0.1858 0.1538 0.1403 0.0455  0.0183  0.0241  16  DGN B O   
437 C  CB  . DGN B 16 ? 0.1519 0.1796 0.1745 0.0258  -0.0021 0.0015  16  DGN B CB  
438 C  CG  . DGN B 16 ? 0.1740 0.2150 0.2166 -0.0065 -0.0209 -0.0220 16  DGN B CG  
439 C  CD  . DGN B 16 ? 0.1749 0.2369 0.2606 -0.0051 0.0141  -0.0046 16  DGN B CD  
440 O  OE1 . DGN B 16 ? 0.2345 0.2528 0.3610 0.0334  0.0145  -0.0216 16  DGN B OE1 
441 N  NE2 . DGN B 16 ? 0.2052 0.1637 0.2345 0.0064  0.0082  0.0188  16  DGN B NE2 
442 N  N   . DCY B 17 ? 0.1264 0.1383 0.1070 0.0183  -0.0023 0.0228  17  DCY B N   
443 C  CA  . DCY B 17 ? 0.1728 0.1388 0.1259 0.0332  0.0055  0.0071  17  DCY B CA  
444 C  C   . DCY B 17 ? 0.1873 0.1191 0.1376 0.0380  -0.0069 0.0091  17  DCY B C   
445 O  O   . DCY B 17 ? 0.2039 0.1516 0.1519 0.0465  0.0110  -0.0034 17  DCY B O   
446 C  CB  . DCY B 17 ? 0.1698 0.1549 0.1628 0.0185  -0.0058 0.0052  17  DCY B CB  
447 S  SG  . DCY B 17 ? 0.1584 0.1615 0.1489 -0.0081 0.0133  0.0106  17  DCY B SG  
448 N  N   . DLY B 18 ? 0.1613 0.1519 0.1472 0.0438  -0.0219 -0.0138 18  DLY B N   
449 C  CA  . DLY B 18 ? 0.1837 0.1702 0.1563 0.0330  -0.0310 0.0000  18  DLY B CA  
450 C  C   . DLY B 18 ? 0.2015 0.1549 0.1480 0.0383  -0.0279 0.0151  18  DLY B C   
451 O  O   . DLY B 18 ? 0.2260 0.2042 0.1516 0.0302  -0.0198 -0.0022 18  DLY B O   
452 C  CB  . DLY B 18 ? 0.1744 0.2487 0.1711 0.0511  -0.0405 -0.0124 18  DLY B CB  
453 C  CG  . DLY B 18 ? 0.2051 0.3250 0.2509 0.0219  -0.0150 -0.0140 18  DLY B CG  
454 C  CD  . DLY B 18 ? 0.2272 0.4153 0.3452 0.0763  -0.0183 -0.0176 18  DLY B CD  
455 C  CE  . DLY B 18 ? 0.2704 0.4692 0.4254 0.0594  -0.0101 0.0583  18  DLY B CE  
456 N  NZ  . DLY B 18 ? 0.3177 0.5509 0.6447 0.1221  -0.0092 0.0400  18  DLY B NZ  
457 N  N   . DHI B 19 ? 0.1670 0.1510 0.1282 0.0461  0.0013  0.0083  19  DHI B N   
458 C  CA  . DHI B 19 ? 0.1801 0.1529 0.1295 0.0310  -0.0028 0.0036  19  DHI B CA  
459 C  C   . DHI B 19 ? 0.1817 0.1451 0.1348 0.0357  -0.0060 0.0175  19  DHI B C   
460 O  O   . DHI B 19 ? 0.2088 0.1812 0.1794 0.0384  0.0111  0.0442  19  DHI B O   
461 C  CB  . DHI B 19 ? 0.1823 0.1427 0.1496 0.0352  0.0141  0.0180  19  DHI B CB  
462 C  CG  . DHI B 19 ? 0.1930 0.1428 0.1578 0.0505  0.0148  0.0196  19  DHI B CG  
463 N  ND1 . DHI B 19 ? 0.2007 0.1643 0.1774 0.0516  0.0006  0.0346  19  DHI B ND1 
464 C  CD2 . DHI B 19 ? 0.1693 0.1495 0.1656 0.0494  0.0064  0.0260  19  DHI B CD2 
465 C  CE1 . DHI B 19 ? 0.1946 0.2167 0.2245 0.0499  0.0121  0.0165  19  DHI B CE1 
466 N  NE2 . DHI B 19 ? 0.1571 0.1797 0.2331 0.0894  0.0206  0.0467  19  DHI B NE2 
467 N  N   . DSN B 20 ? 0.1634 0.1334 0.1083 0.0118  0.0054  0.0170  20  DSN B N   
468 C  CA  . DSN B 20 ? 0.1584 0.1461 0.1229 0.0078  0.0128  0.0105  20  DSN B CA  
469 C  C   . DSN B 20 ? 0.1097 0.1432 0.1098 0.0201  0.0000  0.0107  20  DSN B C   
470 O  O   . DSN B 20 ? 0.1322 0.1487 0.1041 0.0240  0.0064  0.0154  20  DSN B O   
471 C  CB  . DSN B 20 ? 0.1518 0.1580 0.1508 -0.0073 -0.0014 -0.0040 20  DSN B CB  
472 O  OG  . DSN B 20 ? 0.1833 0.2093 0.1625 0.0416  0.0134  0.0077  20  DSN B OG  
473 N  N   . MED B 21 ? 0.1149 0.1339 0.0991 0.0032  -0.0014 0.0171  21  MED B N   
474 C  CA  . MED B 21 ? 0.1049 0.1260 0.0993 -0.0100 0.0035  0.0171  21  MED B CA  
475 C  C   . MED B 21 ? 0.0801 0.1247 0.1014 -0.0088 0.0101  0.0121  21  MED B C   
476 O  O   . MED B 21 ? 0.1311 0.1264 0.1069 -0.0010 0.0072  0.0190  21  MED B O   
477 C  CB  . MED B 21 ? 0.0999 0.1241 0.0981 -0.0124 -0.0002 0.0127  21  MED B CB  
478 C  CG  . MED B 21 ? 0.0896 0.1245 0.0885 -0.0131 -0.0038 0.0155  21  MED B CG  
479 S  SD  . MED B 21 ? 0.1075 0.1604 0.1114 -0.0227 0.0153  0.0108  21  MED B SD  
480 C  CE  . MED B 21 ? 0.1374 0.1672 0.0903 -0.0261 0.0167  0.0125  21  MED B CE  
481 N  N   . DLY B 22 ? 0.0857 0.1160 0.1188 -0.0125 0.0051  0.0138  22  DLY B N   
482 C  CA  . DLY B 22 ? 0.0955 0.1403 0.1053 -0.0215 0.0004  0.0205  22  DLY B CA  
483 C  C   . DLY B 22 ? 0.0925 0.1121 0.0995 -0.0117 -0.0019 0.0197  22  DLY B C   
484 O  O   . DLY B 22 ? 0.1004 0.1248 0.1031 -0.0010 0.0067  0.0309  22  DLY B O   
485 C  CB  . DLY B 22 ? 0.1109 0.1949 0.1655 -0.0456 -0.0074 0.0170  22  DLY B CB  
486 C  CG  . DLY B 22 ? 0.1442 0.2085 0.1932 -0.0039 0.0311  0.0131  22  DLY B CG  
487 C  CD  . DLY B 22 ? 0.1724 0.2283 0.2477 -0.0243 0.0038  -0.0022 22  DLY B CD  
488 C  CE  . DLY B 22 ? 0.2333 0.2164 0.2998 0.0002  -0.0023 0.0013  22  DLY B CE  
489 N  NZ  . DLY B 22 ? 0.2360 0.2313 0.3831 -0.0190 -0.0011 0.0021  22  DLY B NZ  
490 N  N   . DTY B 23 ? 0.1093 0.1076 0.0962 -0.0103 0.0085  0.0268  23  DTY B N   
491 C  CA  . DTY B 23 ? 0.1076 0.1284 0.0963 -0.0025 0.0154  0.0218  23  DTY B CA  
492 C  C   . DTY B 23 ? 0.0944 0.1231 0.0993 0.0107  0.0040  0.0208  23  DTY B C   
493 O  O   . DTY B 23 ? 0.0905 0.1492 0.0930 -0.0040 -0.0002 0.0337  23  DTY B O   
494 C  CB  . DTY B 23 ? 0.1371 0.1265 0.1010 0.0034  0.0137  0.0132  23  DTY B CB  
495 C  CG  . DTY B 23 ? 0.1683 0.1355 0.1107 -0.0053 0.0019  0.0118  23  DTY B CG  
496 C  CD1 . DTY B 23 ? 0.1788 0.1275 0.1188 -0.0258 0.0183  0.0135  23  DTY B CD1 
497 C  CD2 . DTY B 23 ? 0.1747 0.1482 0.1558 -0.0215 0.0161  -0.0098 23  DTY B CD2 
498 C  CE1 . DTY B 23 ? 0.2287 0.1483 0.1219 -0.0266 0.0180  -0.0053 23  DTY B CE1 
499 C  CE2 . DTY B 23 ? 0.2187 0.1631 0.1670 -0.0269 0.0122  -0.0245 23  DTY B CE2 
500 C  CZ  . DTY B 23 ? 0.2256 0.1519 0.1704 -0.0466 0.0220  -0.0426 23  DTY B CZ  
501 O  OH  . DTY B 23 ? 0.3144 0.2211 0.2334 -0.0796 0.0028  -0.0934 23  DTY B OH  
502 N  N   . DAR B 24 ? 0.0823 0.1241 0.0939 -0.0112 0.0130  0.0293  24  DAR B N   
503 C  CA  . DAR B 24 ? 0.0941 0.1212 0.1178 -0.0043 -0.0077 0.0228  24  DAR B CA  
504 C  CB  . DAR B 24 ? 0.0961 0.1206 0.1187 -0.0008 -0.0099 0.0186  24  DAR B CB  
505 C  CG  . DAR B 24 ? 0.1040 0.1401 0.1220 0.0124  -0.0091 0.0118  24  DAR B CG  
506 C  CD  . DAR B 24 ? 0.0994 0.1446 0.1367 0.0086  -0.0240 0.0075  24  DAR B CD  
507 N  NE  . DAR B 24 ? 0.1054 0.1313 0.1256 0.0006  -0.0336 0.0039  24  DAR B NE  
508 C  CZ  . DAR B 24 ? 0.0922 0.1370 0.1209 -0.0162 -0.0325 0.0055  24  DAR B CZ  
509 N  NH1 . DAR B 24 ? 0.1464 0.1353 0.1066 -0.0068 -0.0238 0.0181  24  DAR B NH1 
510 N  NH2 . DAR B 24 ? 0.1287 0.1412 0.1194 -0.0150 -0.0254 0.0115  24  DAR B NH2 
511 C  C   . DAR B 24 ? 0.0891 0.1184 0.1082 -0.0113 0.0045  0.0155  24  DAR B C   
512 O  O   . DAR B 24 ? 0.0633 0.1295 0.1311 -0.0216 -0.0247 0.0290  24  DAR B O   
513 N  N   . DLE B 25 ? 0.0878 0.1042 0.1062 -0.0158 0.0027  0.0186  25  DLE B N   
514 C  CA  . DLE B 25 ? 0.1065 0.1071 0.1084 -0.0089 0.0102  0.0182  25  DLE B CA  
515 C  CB  . DLE B 25 ? 0.1199 0.1126 0.1104 -0.0078 0.0115  0.0245  25  DLE B CB  
516 C  CG  . DLE B 25 ? 0.1299 0.1471 0.1201 -0.0157 0.0027  0.0180  25  DLE B CG  
517 C  CD1 . DLE B 25 ? 0.1243 0.1395 0.1234 -0.0127 0.0063  0.0137  25  DLE B CD1 
518 C  CD2 . DLE B 25 ? 0.1544 0.1744 0.1430 -0.0391 -0.0149 0.0048  25  DLE B CD2 
519 C  C   . DLE B 25 ? 0.0888 0.1138 0.1047 -0.0110 0.0209  0.0191  25  DLE B C   
520 O  O   . DLE B 25 ? 0.1506 0.1236 0.1659 0.0107  -0.0012 0.0156  25  DLE B O   
521 N  N   . DSN B 26 ? 0.0832 0.1262 0.0891 0.0012  0.0106  0.0189  26  DSN B N   
522 C  CA  . DSN B 26 ? 0.0588 0.1350 0.1108 0.0072  0.0133  0.0130  26  DSN B CA  
523 C  C   . DSN B 26 ? 0.0872 0.1221 0.1018 -0.0047 0.0097  0.0242  26  DSN B C   
524 O  O   . DSN B 26 ? 0.1212 0.1357 0.1189 -0.0124 0.0169  0.0453  26  DSN B O   
525 C  CB  . DSN B 26 ? 0.0706 0.1439 0.1207 -0.0061 0.0070  0.0184  26  DSN B CB  
526 O  OG  . DSN B 26 ? 0.0843 0.2053 0.1636 -0.0027 -0.0120 0.0414  26  DSN B OG  
527 N  N   . DPN B 27 ? 0.0696 0.1283 0.1030 -0.0077 0.0144  0.0143  27  DPN B N   
528 C  CA  . DPN B 27 ? 0.0753 0.1434 0.1087 0.0003  -0.0097 -0.0039 27  DPN B CA  
529 C  C   . DPN B 27 ? 0.0928 0.1069 0.0941 0.0026  -0.0054 0.0126  27  DPN B C   
530 O  O   . DPN B 27 ? 0.0841 0.1116 0.1014 -0.0158 -0.0139 0.0306  27  DPN B O   
531 C  CB  . DPN B 27 ? 0.0884 0.1399 0.1171 -0.0255 -0.0059 0.0028  27  DPN B CB  
532 C  CG  . DPN B 27 ? 0.1297 0.1710 0.1299 -0.0627 -0.0018 0.0061  27  DPN B CG  
533 C  CD1 . DPN B 27 ? 0.1256 0.1927 0.1711 -0.0584 -0.0052 0.0319  27  DPN B CD1 
534 C  CD2 . DPN B 27 ? 0.1408 0.1997 0.1789 -0.0491 -0.0050 0.0002  27  DPN B CD2 
535 C  CE1 . DPN B 27 ? 0.1546 0.2069 0.2190 -0.0751 0.0057  0.0511  27  DPN B CE1 
536 C  CE2 . DPN B 27 ? 0.1682 0.2595 0.2201 -0.1011 -0.0002 -0.0137 27  DPN B CE2 
537 C  CZ  . DPN B 27 ? 0.1301 0.2870 0.2485 -0.0787 0.0004  0.0155  27  DPN B CZ  
538 N  N   . DCY B 28 ? 0.0793 0.1095 0.0856 -0.0127 0.0069  0.0185  28  DCY B N   
539 C  CA  . DCY B 28 ? 0.0876 0.1110 0.0829 -0.0108 0.0130  0.0242  28  DCY B CA  
540 C  C   . DCY B 28 ? 0.0883 0.1213 0.0935 -0.0112 0.0011  0.0160  28  DCY B C   
541 O  O   . DCY B 28 ? 0.0818 0.1627 0.1199 -0.0086 0.0006  0.0099  28  DCY B O   
542 C  CB  . DCY B 28 ? 0.1011 0.1223 0.0922 0.0020  0.0288  0.0122  28  DCY B CB  
543 S  SG  . DCY B 28 ? 0.1097 0.1360 0.1205 -0.0080 -0.0017 0.0127  28  DCY B SG  
544 N  N   . DAR B 29 ? 0.0844 0.1117 0.0944 -0.0233 0.0051  0.0102  29  DAR B N   
545 C  CA  . DAR B 29 ? 0.1020 0.1079 0.1008 -0.0221 0.0141  -0.0012 29  DAR B CA  
546 C  CB  . DAR B 29 ? 0.1162 0.1027 0.1072 -0.0168 0.0051  0.0065  29  DAR B CB  
547 C  CG  . DAR B 29 ? 0.1178 0.1248 0.1235 -0.0194 0.0090  0.0150  29  DAR B CG  
548 C  CD  . DAR B 29 ? 0.1295 0.1507 0.1453 -0.0063 0.0408  0.0266  29  DAR B CD  
549 N  NE  . DAR B 29 ? 0.1117 0.1932 0.1926 -0.0054 0.0247  0.0032  29  DAR B NE  
550 C  CZ  . DAR B 29 ? 0.1466 0.1846 0.2046 0.0242  0.0313  0.0172  29  DAR B CZ  
551 N  NH1 . DAR B 29 ? 0.2060 0.2086 0.2201 -0.0022 0.0260  0.0541  29  DAR B NH1 
552 N  NH2 . DAR B 29 ? 0.1813 0.2207 0.2908 -0.0070 0.0324  -0.0248 29  DAR B NH2 
553 C  C   . DAR B 29 ? 0.0846 0.1356 0.1181 -0.0208 0.0002  -0.0002 29  DAR B C   
554 O  O   . DAR B 29 ? 0.0839 0.1941 0.1489 -0.0353 -0.0069 -0.0196 29  DAR B O   
555 N  N   . DLY B 30 ? 0.1146 0.1401 0.1202 -0.0349 0.0249  0.0003  30  DLY B N   
556 C  CA  . DLY B 30 ? 0.1341 0.1440 0.1344 -0.0423 0.0432  0.0002  30  DLY B CA  
557 C  C   . DLY B 30 ? 0.1191 0.1550 0.1566 -0.0463 0.0493  -0.0020 30  DLY B C   
558 O  O   . DLY B 30 ? 0.1385 0.2080 0.1918 -0.0632 0.0314  -0.0162 30  DLY B O   
559 C  CB  . DLY B 30 ? 0.1667 0.1393 0.1514 -0.0363 0.0502  0.0263  30  DLY B CB  
560 C  CG  . DLY B 30 ? 0.1977 0.1993 0.1794 -0.0661 0.0739  0.0269  30  DLY B CG  
561 C  CD  . DLY B 30 ? 0.2626 0.2791 0.2323 -0.0494 0.0705  0.0899  30  DLY B CD  
562 C  CE  . DLY B 30 ? 0.2496 0.3955 0.3431 -0.0629 0.0979  0.0453  30  DLY B CE  
563 N  NZ  . DLY B 30 ? 0.4039 0.4506 0.4152 -0.0477 0.0001  0.0728  30  DLY B NZ  
564 N  N   . DTH B 31 ? 0.1188 0.1532 0.1366 -0.0353 0.0341  0.0045  31  DTH B N   
565 C  CA  . DTH B 31 ? 0.1127 0.1697 0.1893 -0.0291 0.0430  -0.0060 31  DTH B CA  
566 C  CB  . DTH B 31 ? 0.1257 0.2104 0.2224 -0.0029 0.0121  -0.0288 31  DTH B CB  
567 C  CG2 . DTH B 31 ? 0.1280 0.2016 0.2122 -0.0094 0.0231  -0.0349 31  DTH B CG2 
568 O  OG1 . DTH B 31 ? 0.1589 0.2754 0.1707 -0.0364 0.0306  -0.0426 31  DTH B OG1 
569 C  C   . DTH B 31 ? 0.0729 0.1303 0.1941 -0.0201 0.0245  -0.0229 31  DTH B C   
570 O  O   . DTH B 31 ? 0.0829 0.1514 0.2314 -0.0042 0.0284  -0.0054 31  DTH B O   
571 N  N   . DCY B 32 ? 0.0743 0.1390 0.1687 0.0000  0.0097  -0.0034 32  DCY B N   
572 C  CA  . DCY B 32 ? 0.1105 0.1414 0.1736 0.0075  -0.0055 -0.0122 32  DCY B CA  
573 C  C   . DCY B 32 ? 0.1389 0.1667 0.2102 -0.0144 -0.0196 -0.0213 32  DCY B C   
574 O  O   . DCY B 32 ? 0.1469 0.2005 0.2389 -0.0155 -0.0471 -0.0203 32  DCY B O   
575 C  CB  . DCY B 32 ? 0.1312 0.1408 0.1505 0.0101  -0.0058 0.0028  32  DCY B CB  
576 S  SG  . DCY B 32 ? 0.0913 0.1477 0.1664 -0.0073 -0.0224 0.0277  32  DCY B SG  
577 N  N   . GLY B 33 ? 0.0872 0.1604 0.2076 -0.0164 -0.0316 -0.0362 33  GLY B N   
578 C  CA  . GLY B 33 ? 0.1001 0.1628 0.2205 -0.0317 -0.0201 -0.0386 33  GLY B CA  
579 C  C   . GLY B 33 ? 0.1166 0.1740 0.2006 -0.0147 -0.0301 -0.0318 33  GLY B C   
580 O  O   . GLY B 33 ? 0.1135 0.1781 0.2279 -0.0273 -0.0465 -0.0285 33  GLY B O   
581 N  N   . DTH B 34 ? 0.1139 0.1715 0.1805 -0.0120 -0.0245 -0.0384 34  DTH B N   
582 C  CA  . DTH B 34 ? 0.1139 0.1508 0.1548 -0.0122 -0.0277 -0.0134 34  DTH B CA  
583 C  CB  . DTH B 34 ? 0.1283 0.1523 0.1644 -0.0169 -0.0070 -0.0098 34  DTH B CB  
584 C  CG2 . DTH B 34 ? 0.1286 0.1838 0.1583 -0.0164 -0.0014 0.0035  34  DTH B CG2 
585 O  OG1 . DTH B 34 ? 0.1247 0.1465 0.1728 -0.0101 -0.0416 0.0018  34  DTH B OG1 
586 C  C   . DTH B 34 ? 0.1176 0.1473 0.1724 -0.0293 -0.0194 -0.0088 34  DTH B C   
587 O  O   . DTH B 34 ? 0.1546 0.1832 0.1739 -0.0353 -0.0151 -0.0273 34  DTH B O   
588 N  N   . DCY B 35 ? 0.1879 0.1967 0.1707 -0.0198 -0.0123 0.0009  35  DCY B N   
589 C  CA  . DCY B 35 ? 0.2535 0.1847 0.2510 -0.0448 -0.0034 0.0247  35  DCY B CA  
590 C  C   . DCY B 35 ? 0.2640 0.2464 0.2542 -0.0228 -0.0366 -0.0036 35  DCY B C   
591 O  O   . DCY B 35 ? 0.2411 0.2650 0.3281 -0.0913 -0.0302 0.0299  35  DCY B O   
592 C  CB  . DCY B 35 ? 0.2116 0.1901 0.2492 -0.0478 -0.0752 0.0264  35  DCY B CB  
593 S  SG  . DCY B 35 ? 0.1679 0.1817 0.3261 -0.0163 -0.0865 -0.0123 35  DCY B SG  
594 O  OXT . DCY B 35 ? 0.3843 0.2657 0.3363 -0.0031 -0.0186 -0.0401 35  DCY B OXT 
595 C  C1  . GOL C .  ? 0.3816 0.2547 0.4077 0.0159  0.0924  0.0247  101 GOL A C1  
596 O  O1  . GOL C .  ? 0.2446 0.2594 0.2940 -0.0883 0.0901  0.0396  101 GOL A O1  
597 C  C2  . GOL C .  ? 0.5079 0.0876 0.4321 0.1547  0.0841  0.0064  101 GOL A C2  
598 O  O2  . GOL C .  ? 0.5469 0.2526 0.4696 0.0366  0.0788  0.0112  101 GOL A O2  
599 C  C3  . GOL C .  ? 0.4791 0.0925 0.3284 0.1598  0.1018  0.0367  101 GOL A C3  
600 O  O3  . GOL C .  ? 0.5089 0.2622 0.4027 0.1282  -0.0111 0.0000  101 GOL A O3  
601 C  C1  A GOL D .  ? 0.3111 0.3508 0.3021 -0.0544 0.0011  -0.0094 102 GOL A C1  
602 C  C1  B GOL D .  ? 0.3199 0.3842 0.3790 -0.0450 -0.0012 0.0009  102 GOL A C1  
603 O  O1  A GOL D .  ? 0.3189 0.4673 0.2954 -0.0836 -0.0040 0.0065  102 GOL A O1  
604 O  O1  B GOL D .  ? 0.4065 0.3959 0.3459 -0.0798 -0.0116 -0.0123 102 GOL A O1  
605 C  C2  A GOL D .  ? 0.2423 0.2821 0.2485 -0.0542 -0.0670 0.0054  102 GOL A C2  
606 C  C2  B GOL D .  ? 0.2693 0.2973 0.3495 -0.0623 -0.0482 0.0010  102 GOL A C2  
607 O  O2  A GOL D .  ? 0.2585 0.3564 0.2614 -0.0495 -0.0732 0.0650  102 GOL A O2  
608 O  O2  B GOL D .  ? 0.3230 0.3713 0.3781 -0.0617 -0.0425 0.0426  102 GOL A O2  
609 C  C3  A GOL D .  ? 0.2045 0.2284 0.2027 0.0067  -0.0608 0.0105  102 GOL A C3  
610 C  C3  B GOL D .  ? 0.2521 0.1894 0.2571 -0.0400 -0.0321 0.0301  102 GOL A C3  
611 O  O3  A GOL D .  ? 0.0632 0.1704 0.2267 0.0426  -0.0654 -0.0126 102 GOL A O3  
612 O  O3  B GOL D .  ? 0.1695 0.1635 0.1705 -0.0343 -0.1419 0.0228  102 GOL A O3  
613 NA NA  . NA  E .  ? 0.4343 0.5224 0.1714 -0.1801 -0.0056 -0.0089 103 NA  A NA  
614 LI LI  . LI  F .  ? 0.1221 0.0852 0.0930 0.0152  -0.0091 0.0049  104 LI  A LI  
624 O  O   . HOH H .  ? 0.2390 0.4784 0.3815 0.0136  -0.0656 -0.0135 201 HOH A O   
625 O  O   . HOH H .  ? 0.2629 0.2065 0.1925 -0.0125 0.0050  -0.0503 202 HOH A O   
626 O  O   . HOH H .  ? 0.2312 0.3564 0.2757 0.0439  0.0079  0.0448  203 HOH A O   
627 O  O   . HOH H .  ? 0.2810 0.3589 0.2757 -0.1243 -0.0208 0.0420  204 HOH A O   
628 O  O   . HOH H .  ? 0.4206 0.2419 0.4232 0.0769  0.0966  -0.0117 205 HOH A O   
629 O  O   . HOH H .  ? 0.2104 0.2699 0.2740 -0.0826 0.0371  -0.0506 206 HOH A O   
630 O  O   . HOH H .  ? 0.7035 0.4439 0.3919 0.1434  -0.1759 -0.1950 207 HOH A O   
631 O  O   . HOH H .  ? 0.2881 0.2178 0.3536 0.0001  0.0514  -0.0002 208 HOH A O   
632 O  O   . HOH H .  ? 0.2329 0.3355 0.3601 0.0228  -0.0292 -0.2215 209 HOH A O   
633 O  O   . HOH H .  ? 0.4659 0.3313 0.4122 -0.1107 -0.0670 -0.0013 210 HOH A O   
634 O  O   . HOH H .  ? 0.1611 0.3390 0.2327 -0.0878 -0.0152 0.0364  211 HOH A O   
635 O  O   . HOH H .  ? 0.3838 0.3239 0.3191 0.1695  0.0406  -0.0516 212 HOH A O   
636 O  O   . HOH H .  ? 0.5206 0.4183 0.3424 -0.0415 -0.0556 0.0439  213 HOH A O   
637 O  O   A HOH H .  ? 0.2598 0.1339 0.0872 -0.0916 0.0418  0.0428  214 HOH A O   
638 O  O   B HOH H .  ? 0.3181 0.2332 0.3537 -0.0300 0.0655  -0.0526 214 HOH A O   
639 O  O   . HOH H .  ? 0.2164 0.2368 0.2753 -0.0967 -0.0054 0.0348  215 HOH A O   
640 O  O   . HOH H .  ? 0.5772 0.2920 0.4439 0.0664  0.1572  0.2000  216 HOH A O   
641 O  O   . HOH H .  ? 0.3928 0.5053 0.3511 0.0491  0.0104  0.1882  217 HOH A O   
642 O  O   . HOH H .  ? 0.1450 0.3026 0.3028 -0.0731 -0.0735 0.1150  218 HOH A O   
643 O  O   . HOH H .  ? 0.0756 0.1613 0.1535 -0.0333 -0.0044 0.0347  219 HOH A O   
644 O  O   . HOH H .  ? 0.2749 0.3088 0.2277 -0.0237 0.0425  0.0357  220 HOH A O   
645 O  O   . HOH H .  ? 0.3563 0.5037 0.2400 -0.1159 -0.0107 0.0349  221 HOH A O   
646 O  O   . HOH H .  ? 0.2709 0.4343 0.2807 -0.0103 0.1215  0.0572  222 HOH A O   
647 O  O   . HOH H .  ? 0.2919 0.3467 0.2537 0.1158  -0.0155 -0.0563 223 HOH A O   
648 O  O   . HOH H .  ? 0.3675 0.2146 0.3047 0.0994  -0.1300 -0.0129 224 HOH A O   
649 O  O   . HOH H .  ? 0.2886 0.3215 0.4396 -0.0678 0.0397  -0.1023 225 HOH A O   
650 O  O   . HOH H .  ? 0.1858 0.2155 0.1061 0.0293  -0.0206 0.0293  226 HOH A O   
651 O  O   . HOH H .  ? 0.4725 0.2992 0.3605 -0.1178 0.1503  0.0705  227 HOH A O   
652 O  O   . HOH H .  ? 0.3344 0.3169 0.1560 0.1228  -0.0565 0.0395  228 HOH A O   
653 O  O   . HOH H .  ? 0.2332 0.3055 0.5007 0.0546  -0.0135 0.0746  229 HOH A O   
654 O  O   . HOH H .  ? 0.5028 0.5212 0.6146 -0.1742 -0.1514 0.2846  230 HOH A O   
655 O  O   . HOH H .  ? 0.2430 0.3205 0.2473 0.0084  0.0079  -0.0168 231 HOH A O   
656 O  O   . HOH H .  ? 0.4795 0.8501 0.3891 0.0709  -0.1429 -0.1009 232 HOH A O   
657 O  O   A HOH H .  ? 0.0808 0.2449 0.1602 -0.0124 -0.0046 0.0644  233 HOH A O   
658 O  O   B HOH H .  ? 0.2485 0.0930 0.3547 -0.0228 -0.1194 -0.0268 233 HOH A O   
659 O  O   . HOH H .  ? 0.3261 0.4261 0.3731 0.0510  0.0961  -0.0108 234 HOH A O   
660 O  O   . HOH H .  ? 0.3791 0.1845 0.2293 -0.0156 0.0045  0.0513  235 HOH A O   
661 O  O   . HOH H .  ? 0.4452 0.4458 0.3397 0.1352  0.0564  0.1574  236 HOH A O   
662 O  O   . HOH H .  ? 0.4014 0.3783 0.3894 -0.0379 0.1007  -0.0454 237 HOH A O   
663 O  O   . HOH H .  ? 0.3530 0.3058 0.5465 0.0042  0.1649  0.0871  238 HOH A O   
664 O  O   . HOH H .  ? 0.3655 1.0216 0.8289 -0.1171 0.0629  -0.3397 239 HOH A O   
665 O  O   . HOH H .  ? 0.2260 0.2859 0.6629 0.0259  0.1437  0.1516  240 HOH A O   
666 O  O   . HOH H .  ? 0.4279 0.6359 0.4559 -0.0573 -0.0021 0.0626  241 HOH A O   
667 O  O   . HOH H .  ? 0.3499 1.4133 0.6008 -0.2772 0.0596  0.0317  242 HOH A O   
668 O  O   . HOH H .  ? 0.5169 0.2991 0.4279 0.0045  0.1381  0.1027  243 HOH A O   
669 O  O   . HOH H .  ? 0.4139 0.5469 0.3722 0.1565  -0.0434 0.0420  244 HOH A O   
670 O  O   . HOH H .  ? 0.4270 0.2085 0.2855 -0.0358 -0.0623 0.0067  245 HOH A O   
671 O  O   . HOH H .  ? 0.1220 0.2031 0.2383 -0.0274 -0.0342 0.0329  246 HOH A O   
672 O  O   . HOH I .  ? 0.2367 0.3105 0.2085 0.0111  0.0285  0.0120  201 HOH B O   
673 O  O   . HOH I .  ? 0.2079 0.4765 0.1838 0.0121  -0.0457 0.0595  202 HOH B O   
674 O  O   . HOH I .  ? 0.6800 0.5435 0.3476 -0.0497 0.0111  0.2006  203 HOH B O   
675 O  O   . HOH I .  ? 0.6431 0.2412 0.3233 -0.0528 -0.0226 0.0863  204 HOH B O   
676 O  O   . HOH I .  ? 0.1747 0.6144 0.5356 -0.1683 -0.0138 0.0785  205 HOH B O   
677 O  O   . HOH I .  ? 0.3969 0.3696 0.6176 0.0298  -0.0949 -0.1560 206 HOH B O   
678 O  O   . HOH I .  ? 0.2481 0.1544 0.3930 -0.0241 0.0618  0.0147  207 HOH B O   
679 O  O   . HOH I .  ? 0.1331 0.2820 0.4289 -0.1167 0.0819  -0.0659 208 HOH B O   
680 O  O   . HOH I .  ? 0.2638 0.3668 0.4710 -0.1055 0.0065  -0.0473 209 HOH B O   
681 O  O   . HOH I .  ? 0.3805 0.3324 0.2107 -0.0267 -0.0266 0.0965  210 HOH B O   
682 O  O   . HOH I .  ? 0.4839 0.2746 0.3111 -0.0891 0.0145  0.0915  211 HOH B O   
683 O  O   . HOH I .  ? 0.1463 0.1695 0.1315 -0.0110 -0.0272 0.0238  212 HOH B O   
684 O  O   . HOH I .  ? 0.1579 0.3708 0.1761 -0.0765 0.0151  0.0345  213 HOH B O   
685 O  O   . HOH I .  ? 0.1781 0.2002 0.2139 -0.0449 -0.0928 0.0843  214 HOH B O   
686 O  O   . HOH I .  ? 0.3700 0.2542 0.2793 0.0097  0.1309  0.0758  215 HOH B O   
687 O  O   . HOH I .  ? 0.4286 0.2877 0.3381 0.0771  -0.0055 0.0900  216 HOH B O   
688 O  O   . HOH I .  ? 0.5291 0.3055 0.6113 -0.1036 0.1455  0.1034  217 HOH B O   
689 O  O   . HOH I .  ? 0.2298 0.2855 0.2934 -0.0459 -0.0847 0.0434  218 HOH B O   
690 O  O   . HOH I .  ? 0.2091 0.3960 0.2842 0.0760  0.0016  -0.0243 219 HOH B O   
691 O  O   . HOH I .  ? 0.3057 0.2385 0.2039 -0.0210 0.0247  0.0806  220 HOH B O   
692 O  O   . HOH I .  ? 0.1809 0.3518 0.1555 0.0562  -0.0406 0.0012  221 HOH B O   
693 O  O   . HOH I .  ? 0.1117 0.1731 0.1093 -0.0098 0.0031  0.0317  222 HOH B O   
694 O  O   . HOH I .  ? 0.3694 0.5267 0.5135 -0.0952 0.2020  0.0001  223 HOH B O   
695 O  O   . HOH I .  ? 0.2794 0.1622 0.2005 -0.0144 0.0298  0.0123  224 HOH B O   
696 O  O   . HOH I .  ? 0.5588 0.5223 0.4941 -0.0079 0.0582  0.1405  225 HOH B O   
697 O  O   . HOH I .  ? 0.1597 0.3009 0.4649 -0.0296 0.0019  0.0010  226 HOH B O   
698 O  O   . HOH I .  ? 0.2764 0.4802 0.4700 -0.1346 0.0318  -0.1396 227 HOH B O   
699 O  O   . HOH I .  ? 0.4172 0.2255 0.4683 0.0392  -0.0543 -0.0632 228 HOH B O   
700 O  O   . HOH I .  ? 0.3949 0.2265 0.1892 -0.0048 0.0877  -0.0016 229 HOH B O   
701 O  O   . HOH I .  ? 0.3221 0.4466 0.3832 -0.0692 0.1102  -0.0467 230 HOH B O   
702 O  O   . HOH I .  ? 0.3855 0.2995 0.3208 -0.1591 -0.0621 0.0186  231 HOH B O   
703 O  O   . HOH I .  ? 0.3986 0.3452 0.3085 -0.0681 0.0624  0.0892  232 HOH B O   
704 O  O   . HOH I .  ? 0.9055 0.3942 0.6019 0.2495  -0.2807 -0.1423 233 HOH B O   
705 O  O   . HOH I .  ? 0.3710 0.2764 0.5461 -0.1285 0.2397  -0.0965 234 HOH B O   
706 O  O   . HOH I .  ? 0.7580 0.3227 0.5248 -0.0876 -0.1425 0.0316  235 HOH B O   
707 O  O   . HOH I .  ? 0.4166 0.5885 1.3091 -0.2245 0.0994  0.1514  236 HOH B O   
# 
